data_7JJW
# 
_entry.id   7JJW 
# 
_audit_conform.dict_name       mmcif_pdbx.dic 
_audit_conform.dict_version    5.380 
_audit_conform.dict_location   http://mmcif.pdb.org/dictionaries/ascii/mmcif_pdbx.dic 
# 
loop_
_database_2.database_id 
_database_2.database_code 
_database_2.pdbx_database_accession 
_database_2.pdbx_DOI 
PDB   7JJW         pdb_00007jjw 10.2210/pdb7jjw/pdb 
WWPDB D_1000250811 ?            ?                   
# 
_pdbx_database_status.status_code                     REL 
_pdbx_database_status.status_code_sf                  REL 
_pdbx_database_status.status_code_mr                  ? 
_pdbx_database_status.entry_id                        7JJW 
_pdbx_database_status.recvd_initial_deposition_date   2020-07-27 
_pdbx_database_status.SG_entry                        N 
_pdbx_database_status.deposit_site                    RCSB 
_pdbx_database_status.process_site                    RCSB 
_pdbx_database_status.status_code_cs                  ? 
_pdbx_database_status.status_code_nmr_data            ? 
_pdbx_database_status.methods_development_category    ? 
_pdbx_database_status.pdb_format_compatible           Y 
# 
loop_
_audit_author.name 
_audit_author.pdbx_ordinal 
_audit_author.identifier_ORCID 
'Simmons, C.R.'      1 0000-0002-2290-6132 
'MacCulloch, T.'     2 0000-0001-5875-3361 
'Stephanopoulos, N.' 3 0000-0001-7859-410X 
'Yan, H.'            4 0000-0001-7397-9852 
# 
_citation.abstract                  ? 
_citation.abstract_id_CAS           ? 
_citation.book_id_ISBN              ? 
_citation.book_publisher            ? 
_citation.book_publisher_city       ? 
_citation.book_title                ? 
_citation.coordinate_linkage        ? 
_citation.country                   UK 
_citation.database_id_Medline       ? 
_citation.details                   ? 
_citation.id                        primary 
_citation.journal_abbrev            'Nat Commun' 
_citation.journal_id_ASTM           ? 
_citation.journal_id_CSD            ? 
_citation.journal_id_ISSN           2041-1723 
_citation.journal_full              ? 
_citation.journal_issue             ? 
_citation.journal_volume            13 
_citation.language                  ? 
_citation.page_first                3112 
_citation.page_last                 3112 
_citation.title                     'The influence of Holliday junction sequence and dynamics on DNA crystal self-assembly.' 
_citation.year                      2022 
_citation.database_id_CSD           ? 
_citation.pdbx_database_id_DOI      10.1038/s41467-022-30779-6 
_citation.pdbx_database_id_PubMed   35662248 
_citation.unpublished_flag          ? 
# 
loop_
_citation_author.citation_id 
_citation_author.name 
_citation_author.ordinal 
_citation_author.identifier_ORCID 
primary 'Simmons, C.R.'      1  ?                   
primary 'MacCulloch, T.'     2  ?                   
primary 'Krepl, M.'          3  0000-0002-9833-4281 
primary 'Matthies, M.'       4  ?                   
primary 'Buchberger, A.'     5  ?                   
primary 'Crawford, I.'       6  ?                   
primary 'Sponer, J.'         7  0000-0001-6558-6186 
primary 'Sulc, P.'           8  0000-0003-1565-6769 
primary 'Stephanopoulos, N.' 9  0000-0001-7859-410X 
primary 'Yan, H.'            10 0000-0001-7397-9852 
# 
_cell.angle_alpha                  90.000 
_cell.angle_alpha_esd              ? 
_cell.angle_beta                   90.000 
_cell.angle_beta_esd               ? 
_cell.angle_gamma                  120.000 
_cell.angle_gamma_esd              ? 
_cell.entry_id                     7JJW 
_cell.details                      ? 
_cell.formula_units_Z              ? 
_cell.length_a                     113.715 
_cell.length_a_esd                 ? 
_cell.length_b                     113.715 
_cell.length_b_esd                 ? 
_cell.length_c                     52.054 
_cell.length_c_esd                 ? 
_cell.volume                       ? 
_cell.volume_esd                   ? 
_cell.Z_PDB                        9 
_cell.reciprocal_angle_alpha       ? 
_cell.reciprocal_angle_beta        ? 
_cell.reciprocal_angle_gamma       ? 
_cell.reciprocal_angle_alpha_esd   ? 
_cell.reciprocal_angle_beta_esd    ? 
_cell.reciprocal_angle_gamma_esd   ? 
_cell.reciprocal_length_a          ? 
_cell.reciprocal_length_b          ? 
_cell.reciprocal_length_c          ? 
_cell.reciprocal_length_a_esd      ? 
_cell.reciprocal_length_b_esd      ? 
_cell.reciprocal_length_c_esd      ? 
_cell.pdbx_unique_axis             ? 
# 
_symmetry.entry_id                         7JJW 
_symmetry.cell_setting                     ? 
_symmetry.Int_Tables_number                146 
_symmetry.space_group_name_Hall            ? 
_symmetry.space_group_name_H-M             'H 3' 
_symmetry.pdbx_full_space_group_name_H-M   ? 
# 
loop_
_entity.id 
_entity.type 
_entity.src_method 
_entity.pdbx_description 
_entity.formula_weight 
_entity.pdbx_number_of_molecules 
_entity.pdbx_ec 
_entity.pdbx_mutation 
_entity.pdbx_fragment 
_entity.details 
1 polymer syn 
;DNA (5'-D(*GP*AP*AP*CP*GP*AP*CP*AP*CP*AP*GP*A)-3')
;
3689.446 1 ? ? ? ? 
2 polymer syn 
;DNA (5'-D(P*CP*GP*GP*TP*GP*AP*CP*TP*C)-3')
;
2731.798 1 ? ? ? ? 
3 polymer syn 
;DNA (5'-D(P*TP*CP*TP*CP*CP*G)-3')
;
1760.179 1 ? ? ? ? 
4 polymer syn 
;DNA (5'-D(*TP*CP*GP*AP*GP*TP*CP*AP*GP*TP*GP*TP*CP*GP*T)-3')
;
4615.994 1 ? ? ? ? 
# 
loop_
_entity_poly.entity_id 
_entity_poly.type 
_entity_poly.nstd_linkage 
_entity_poly.nstd_monomer 
_entity_poly.pdbx_seq_one_letter_code 
_entity_poly.pdbx_seq_one_letter_code_can 
_entity_poly.pdbx_strand_id 
_entity_poly.pdbx_target_identifier 
1 polydeoxyribonucleotide no no '(DG)(DA)(DA)(DC)(DG)(DA)(DC)(DA)(DC)(DA)(DG)(DA)'             GAACGACACAGA    A ? 
2 polydeoxyribonucleotide no no '(DC)(DG)(DG)(DT)(DG)(DA)(DC)(DT)(DC)'                         CGGTGACTC       B ? 
3 polydeoxyribonucleotide no no '(DT)(DC)(DT)(DC)(DC)(DG)'                                     TCTCCG          C ? 
4 polydeoxyribonucleotide no no '(DT)(DC)(DG)(DA)(DG)(DT)(DC)(DA)(DG)(DT)(DG)(DT)(DC)(DG)(DT)' TCGAGTCAGTGTCGT D ? 
# 
loop_
_entity_poly_seq.entity_id 
_entity_poly_seq.num 
_entity_poly_seq.mon_id 
_entity_poly_seq.hetero 
1 1  DG n 
1 2  DA n 
1 3  DA n 
1 4  DC n 
1 5  DG n 
1 6  DA n 
1 7  DC n 
1 8  DA n 
1 9  DC n 
1 10 DA n 
1 11 DG n 
1 12 DA n 
2 1  DC n 
2 2  DG n 
2 3  DG n 
2 4  DT n 
2 5  DG n 
2 6  DA n 
2 7  DC n 
2 8  DT n 
2 9  DC n 
3 1  DT n 
3 2  DC n 
3 3  DT n 
3 4  DC n 
3 5  DC n 
3 6  DG n 
4 1  DT n 
4 2  DC n 
4 3  DG n 
4 4  DA n 
4 5  DG n 
4 6  DT n 
4 7  DC n 
4 8  DA n 
4 9  DG n 
4 10 DT n 
4 11 DG n 
4 12 DT n 
4 13 DC n 
4 14 DG n 
4 15 DT n 
# 
loop_
_pdbx_entity_src_syn.entity_id 
_pdbx_entity_src_syn.pdbx_src_id 
_pdbx_entity_src_syn.pdbx_alt_source_flag 
_pdbx_entity_src_syn.pdbx_beg_seq_num 
_pdbx_entity_src_syn.pdbx_end_seq_num 
_pdbx_entity_src_syn.organism_scientific 
_pdbx_entity_src_syn.organism_common_name 
_pdbx_entity_src_syn.ncbi_taxonomy_id 
_pdbx_entity_src_syn.details 
1 1 sample 1 12 'synthetic construct' ? 32630 ? 
2 1 sample 1 9  'synthetic construct' ? 32630 ? 
3 1 sample 1 6  'synthetic construct' ? 32630 ? 
4 1 sample 1 15 'synthetic construct' ? 32630 ? 
# 
loop_
_struct_ref.id 
_struct_ref.db_name 
_struct_ref.db_code 
_struct_ref.pdbx_db_accession 
_struct_ref.pdbx_db_isoform 
_struct_ref.entity_id 
_struct_ref.pdbx_seq_one_letter_code 
_struct_ref.pdbx_align_begin 
1 PDB 7JJW 7JJW ? 1 ? 1 
2 PDB 7JJW 7JJW ? 2 ? 1 
3 PDB 7JJW 7JJW ? 3 ? 1 
4 PDB 7JJW 7JJW ? 4 ? 1 
# 
loop_
_struct_ref_seq.align_id 
_struct_ref_seq.ref_id 
_struct_ref_seq.pdbx_PDB_id_code 
_struct_ref_seq.pdbx_strand_id 
_struct_ref_seq.seq_align_beg 
_struct_ref_seq.pdbx_seq_align_beg_ins_code 
_struct_ref_seq.seq_align_end 
_struct_ref_seq.pdbx_seq_align_end_ins_code 
_struct_ref_seq.pdbx_db_accession 
_struct_ref_seq.db_align_beg 
_struct_ref_seq.pdbx_db_align_beg_ins_code 
_struct_ref_seq.db_align_end 
_struct_ref_seq.pdbx_db_align_end_ins_code 
_struct_ref_seq.pdbx_auth_seq_align_beg 
_struct_ref_seq.pdbx_auth_seq_align_end 
1 1 7JJW A 1 ? 12 ? 7JJW 1  ? 12 ? 1  12 
2 2 7JJW B 1 ? 9  ? 7JJW 12 ? 20 ? 12 20 
3 3 7JJW C 1 ? 6  ? 7JJW 0  ? 5  ? 0  5  
4 4 7JJW D 1 ? 15 ? 7JJW 2  ? 16 ? 2  16 
# 
loop_
_chem_comp.id 
_chem_comp.type 
_chem_comp.mon_nstd_flag 
_chem_comp.name 
_chem_comp.pdbx_synonyms 
_chem_comp.formula 
_chem_comp.formula_weight 
DA 'DNA linking' y "2'-DEOXYADENOSINE-5'-MONOPHOSPHATE" ? 'C10 H14 N5 O6 P' 331.222 
DC 'DNA linking' y "2'-DEOXYCYTIDINE-5'-MONOPHOSPHATE"  ? 'C9 H14 N3 O7 P'  307.197 
DG 'DNA linking' y "2'-DEOXYGUANOSINE-5'-MONOPHOSPHATE" ? 'C10 H14 N5 O7 P' 347.221 
DT 'DNA linking' y "THYMIDINE-5'-MONOPHOSPHATE"         ? 'C10 H15 N2 O8 P' 322.208 
# 
_exptl.absorpt_coefficient_mu     ? 
_exptl.absorpt_correction_T_max   ? 
_exptl.absorpt_correction_T_min   ? 
_exptl.absorpt_correction_type    ? 
_exptl.absorpt_process_details    ? 
_exptl.entry_id                   7JJW 
_exptl.crystals_number            1 
_exptl.details                    ? 
_exptl.method                     'X-RAY DIFFRACTION' 
_exptl.method_details             ? 
# 
_exptl_crystal.colour                      ? 
_exptl_crystal.density_diffrn              ? 
_exptl_crystal.density_Matthews            5.06 
_exptl_crystal.density_method              ? 
_exptl_crystal.density_percent_sol         75.70 
_exptl_crystal.description                 ? 
_exptl_crystal.F_000                       ? 
_exptl_crystal.id                          1 
_exptl_crystal.preparation                 ? 
_exptl_crystal.size_max                    ? 
_exptl_crystal.size_mid                    ? 
_exptl_crystal.size_min                    ? 
_exptl_crystal.size_rad                    ? 
_exptl_crystal.colour_lustre               ? 
_exptl_crystal.colour_modifier             ? 
_exptl_crystal.colour_primary              ? 
_exptl_crystal.density_meas                ? 
_exptl_crystal.density_meas_esd            ? 
_exptl_crystal.density_meas_gt             ? 
_exptl_crystal.density_meas_lt             ? 
_exptl_crystal.density_meas_temp           ? 
_exptl_crystal.density_meas_temp_esd       ? 
_exptl_crystal.density_meas_temp_gt        ? 
_exptl_crystal.density_meas_temp_lt        ? 
_exptl_crystal.pdbx_crystal_image_url      ? 
_exptl_crystal.pdbx_crystal_image_format   ? 
_exptl_crystal.pdbx_mosaicity              ? 
_exptl_crystal.pdbx_mosaicity_esd          ? 
# 
_exptl_crystal_grow.apparatus       ? 
_exptl_crystal_grow.atmosphere      ? 
_exptl_crystal_grow.crystal_id      1 
_exptl_crystal_grow.details         ? 
_exptl_crystal_grow.method          'VAPOR DIFFUSION, SITTING DROP' 
_exptl_crystal_grow.method_ref      ? 
_exptl_crystal_grow.pH              ? 
_exptl_crystal_grow.pressure        ? 
_exptl_crystal_grow.pressure_esd    ? 
_exptl_crystal_grow.seeding         ? 
_exptl_crystal_grow.seeding_ref     ? 
_exptl_crystal_grow.temp            298 
_exptl_crystal_grow.temp_details    'temperature gradient generated from 60 to 25 C at 0.3 degrees per hour' 
_exptl_crystal_grow.temp_esd        ? 
_exptl_crystal_grow.time            ? 
_exptl_crystal_grow.pdbx_details    
;0.5 mL of 0.05 M Cacodylate pH 6.0 with 10 mM MgCl2, 2.5 mM spermine, 5 mM CaCl2, and 10% isopropanol was added to the reservoir with 2 uL added to the drop containing 4 uL of DNA stock
;
_exptl_crystal_grow.pdbx_pH_range   ? 
# 
_diffrn.ambient_environment              ? 
_diffrn.ambient_temp                     100 
_diffrn.ambient_temp_details             ? 
_diffrn.ambient_temp_esd                 ? 
_diffrn.crystal_id                       1 
_diffrn.crystal_support                  ? 
_diffrn.crystal_treatment                ? 
_diffrn.details                          ? 
_diffrn.id                               1 
_diffrn.ambient_pressure                 ? 
_diffrn.ambient_pressure_esd             ? 
_diffrn.ambient_pressure_gt              ? 
_diffrn.ambient_pressure_lt              ? 
_diffrn.ambient_temp_gt                  ? 
_diffrn.ambient_temp_lt                  ? 
_diffrn.pdbx_serial_crystal_experiment   N 
# 
_diffrn_detector.details                      ? 
_diffrn_detector.detector                     PIXEL 
_diffrn_detector.diffrn_id                    1 
_diffrn_detector.type                         'DECTRIS PILATUS3 6M' 
_diffrn_detector.area_resol_mean              ? 
_diffrn_detector.dtime                        ? 
_diffrn_detector.pdbx_frames_total            ? 
_diffrn_detector.pdbx_collection_time_total   ? 
_diffrn_detector.pdbx_collection_date         2019-08-15 
_diffrn_detector.pdbx_frequency               ? 
# 
_diffrn_radiation.collimation                      ? 
_diffrn_radiation.diffrn_id                        1 
_diffrn_radiation.filter_edge                      ? 
_diffrn_radiation.inhomogeneity                    ? 
_diffrn_radiation.monochromator                    ? 
_diffrn_radiation.polarisn_norm                    ? 
_diffrn_radiation.polarisn_ratio                   ? 
_diffrn_radiation.probe                            ? 
_diffrn_radiation.type                             ? 
_diffrn_radiation.xray_symbol                      ? 
_diffrn_radiation.wavelength_id                    1 
_diffrn_radiation.pdbx_monochromatic_or_laue_m_l   M 
_diffrn_radiation.pdbx_wavelength_list             ? 
_diffrn_radiation.pdbx_wavelength                  ? 
_diffrn_radiation.pdbx_diffrn_protocol             'SINGLE WAVELENGTH' 
_diffrn_radiation.pdbx_analyzer                    ? 
_diffrn_radiation.pdbx_scattering_type             x-ray 
# 
_diffrn_radiation_wavelength.id           1 
_diffrn_radiation_wavelength.wavelength   1 
_diffrn_radiation_wavelength.wt           1.0 
# 
_diffrn_source.current                     ? 
_diffrn_source.details                     ? 
_diffrn_source.diffrn_id                   1 
_diffrn_source.power                       ? 
_diffrn_source.size                        ? 
_diffrn_source.source                      SYNCHROTRON 
_diffrn_source.target                      ? 
_diffrn_source.type                        'APS BEAMLINE 19-ID' 
_diffrn_source.voltage                     ? 
_diffrn_source.take-off_angle              ? 
_diffrn_source.pdbx_wavelength_list        1 
_diffrn_source.pdbx_wavelength             ? 
_diffrn_source.pdbx_synchrotron_beamline   19-ID 
_diffrn_source.pdbx_synchrotron_site       APS 
# 
_reflns.B_iso_Wilson_estimate            72.400 
_reflns.entry_id                         7JJW 
_reflns.data_reduction_details           ? 
_reflns.data_reduction_method            ? 
_reflns.d_resolution_high                3.000 
_reflns.d_resolution_low                 50.000 
_reflns.details                          ? 
_reflns.limit_h_max                      ? 
_reflns.limit_h_min                      ? 
_reflns.limit_k_max                      ? 
_reflns.limit_k_min                      ? 
_reflns.limit_l_max                      ? 
_reflns.limit_l_min                      ? 
_reflns.number_all                       ? 
_reflns.number_obs                       4711 
_reflns.observed_criterion               ? 
_reflns.observed_criterion_F_max         ? 
_reflns.observed_criterion_F_min         ? 
_reflns.observed_criterion_I_max         ? 
_reflns.observed_criterion_I_min         ? 
_reflns.observed_criterion_sigma_F       ? 
_reflns.observed_criterion_sigma_I       ? 
_reflns.percent_possible_obs             95.500 
_reflns.R_free_details                   ? 
_reflns.Rmerge_F_all                     ? 
_reflns.Rmerge_F_obs                     ? 
_reflns.Friedel_coverage                 ? 
_reflns.number_gt                        ? 
_reflns.threshold_expression             ? 
_reflns.pdbx_redundancy                  9.700 
_reflns.pdbx_Rmerge_I_obs                0.142 
_reflns.pdbx_Rmerge_I_all                ? 
_reflns.pdbx_Rsym_value                  ? 
_reflns.pdbx_netI_over_av_sigmaI         ? 
_reflns.pdbx_netI_over_sigmaI            9.800 
_reflns.pdbx_res_netI_over_av_sigmaI_2   ? 
_reflns.pdbx_res_netI_over_sigmaI_2      ? 
_reflns.pdbx_chi_squared                 5.774 
_reflns.pdbx_scaling_rejects             ? 
_reflns.pdbx_d_res_high_opt              ? 
_reflns.pdbx_d_res_low_opt               ? 
_reflns.pdbx_d_res_opt_method            ? 
_reflns.phase_calculation_details        ? 
_reflns.pdbx_Rrim_I_all                  0.150 
_reflns.pdbx_Rpim_I_all                  0.046 
_reflns.pdbx_d_opt                       ? 
_reflns.pdbx_number_measured_all         ? 
_reflns.pdbx_diffrn_id                   1 
_reflns.pdbx_ordinal                     1 
_reflns.pdbx_CC_half                     0.951 
_reflns.pdbx_CC_star                     ? 
_reflns.pdbx_R_split                     ? 
# 
loop_
_reflns_shell.d_res_high 
_reflns_shell.d_res_low 
_reflns_shell.meanI_over_sigI_all 
_reflns_shell.meanI_over_sigI_obs 
_reflns_shell.number_measured_all 
_reflns_shell.number_measured_obs 
_reflns_shell.number_possible 
_reflns_shell.number_unique_all 
_reflns_shell.number_unique_obs 
_reflns_shell.percent_possible_all 
_reflns_shell.percent_possible_obs 
_reflns_shell.Rmerge_F_all 
_reflns_shell.Rmerge_F_obs 
_reflns_shell.Rmerge_I_all 
_reflns_shell.Rmerge_I_obs 
_reflns_shell.meanI_over_sigI_gt 
_reflns_shell.meanI_over_uI_all 
_reflns_shell.meanI_over_uI_gt 
_reflns_shell.number_measured_gt 
_reflns_shell.number_unique_gt 
_reflns_shell.percent_possible_gt 
_reflns_shell.Rmerge_F_gt 
_reflns_shell.Rmerge_I_gt 
_reflns_shell.pdbx_redundancy 
_reflns_shell.pdbx_Rsym_value 
_reflns_shell.pdbx_chi_squared 
_reflns_shell.pdbx_netI_over_sigmaI_all 
_reflns_shell.pdbx_netI_over_sigmaI_obs 
_reflns_shell.pdbx_Rrim_I_all 
_reflns_shell.pdbx_Rpim_I_all 
_reflns_shell.pdbx_rejects 
_reflns_shell.pdbx_ordinal 
_reflns_shell.pdbx_diffrn_id 
_reflns_shell.pdbx_CC_half 
_reflns_shell.pdbx_CC_star 
_reflns_shell.pdbx_R_split 
3.000 3.050  ? ? ? ? ? ? 241 89.600  ? ? ? ? 0.765 ? ? ? ? ? ? ? ? 7.100  ? 0.501  ? ? 0.811 0.262 ? 1  1 0.894 ? ? 
3.050 3.110  ? ? ? ? ? ? 222 96.100  ? ? ? ? 0.372 ? ? ? ? ? ? ? ? 7.700  ? 0.828  ? ? 0.392 0.122 ? 2  1 0.988 ? ? 
3.110 3.170  ? ? ? ? ? ? 230 97.900  ? ? ? ? 0.246 ? ? ? ? ? ? ? ? 8.300  ? 1.755  ? ? 0.259 0.079 ? 3  1 0.989 ? ? 
3.170 3.230  ? ? ? ? ? ? 252 99.600  ? ? ? ? 0.202 ? ? ? ? ? ? ? ? 8.800  ? 2.837  ? ? 0.212 0.066 ? 4  1 0.996 ? ? 
3.230 3.300  ? ? ? ? ? ? 241 100.000 ? ? ? ? 0.201 ? ? ? ? ? ? ? ? 9.400  ? 1.892  ? ? 0.211 0.065 ? 5  1 0.990 ? ? 
3.300 3.380  ? ? ? ? ? ? 263 99.600  ? ? ? ? 0.166 ? ? ? ? ? ? ? ? 9.600  ? 2.228  ? ? 0.175 0.056 ? 6  1 0.994 ? ? 
3.380 3.460  ? ? ? ? ? ? 233 100.000 ? ? ? ? 0.181 ? ? ? ? ? ? ? ? 9.600  ? 2.322  ? ? 0.191 0.059 ? 7  1 0.991 ? ? 
3.460 3.560  ? ? ? ? ? ? 258 100.000 ? ? ? ? 0.190 ? ? ? ? ? ? ? ? 9.900  ? 2.444  ? ? 0.200 0.061 ? 8  1 0.991 ? ? 
3.560 3.660  ? ? ? ? ? ? 138 56.800  ? ? ? ? 0.289 ? ? ? ? ? ? ? ? 7.300  ? 1.894  ? ? 0.309 0.107 ? 9  1 0.977 ? ? 
3.660 3.780  ? ? ? ? ? ? 180 73.200  ? ? ? ? 0.292 ? ? ? ? ? ? ? ? 9.400  ? 1.816  ? ? 0.310 0.102 ? 10 1 0.971 ? ? 
3.780 3.910  ? ? ? ? ? ? 245 100.000 ? ? ? ? 0.240 ? ? ? ? ? ? ? ? 10.800 ? 2.032  ? ? 0.252 0.076 ? 11 1 0.977 ? ? 
3.910 4.070  ? ? ? ? ? ? 233 100.000 ? ? ? ? 0.179 ? ? ? ? ? ? ? ? 10.800 ? 3.403  ? ? 0.187 0.057 ? 12 1 0.984 ? ? 
4.070 4.260  ? ? ? ? ? ? 248 100.000 ? ? ? ? 0.161 ? ? ? ? ? ? ? ? 10.700 ? 3.577  ? ? 0.169 0.051 ? 13 1 0.991 ? ? 
4.260 4.480  ? ? ? ? ? ? 253 100.000 ? ? ? ? 0.157 ? ? ? ? ? ? ? ? 10.700 ? 4.267  ? ? 0.165 0.050 ? 14 1 0.988 ? ? 
4.480 4.760  ? ? ? ? ? ? 244 99.200  ? ? ? ? 0.162 ? ? ? ? ? ? ? ? 10.500 ? 6.155  ? ? 0.170 0.052 ? 15 1 0.989 ? ? 
4.760 5.130  ? ? ? ? ? ? 254 100.000 ? ? ? ? 0.144 ? ? ? ? ? ? ? ? 10.200 ? 7.113  ? ? 0.151 0.047 ? 16 1 0.987 ? ? 
5.130 5.640  ? ? ? ? ? ? 249 100.000 ? ? ? ? 0.134 ? ? ? ? ? ? ? ? 10.900 ? 9.258  ? ? 0.140 0.042 ? 17 1 0.990 ? ? 
5.640 6.460  ? ? ? ? ? ? 234 100.000 ? ? ? ? 0.118 ? ? ? ? ? ? ? ? 10.600 ? 12.517 ? ? 0.124 0.038 ? 18 1 0.990 ? ? 
6.460 8.130  ? ? ? ? ? ? 249 99.600  ? ? ? ? 0.088 ? ? ? ? ? ? ? ? 10.000 ? 13.277 ? ? 0.092 0.029 ? 19 1 0.995 ? ? 
8.130 50.000 ? ? ? ? ? ? 244 98.400  ? ? ? ? 0.141 ? ? ? ? ? ? ? ? 10.400 ? 25.961 ? ? 0.148 0.046 ? 20 1 0.982 ? ? 
# 
_refine.aniso_B[1][1]                            ? 
_refine.aniso_B[1][2]                            ? 
_refine.aniso_B[1][3]                            ? 
_refine.aniso_B[2][2]                            ? 
_refine.aniso_B[2][3]                            ? 
_refine.aniso_B[3][3]                            ? 
_refine.B_iso_max                                208.130 
_refine.B_iso_mean                               111.1311 
_refine.B_iso_min                                68.720 
_refine.correlation_coeff_Fo_to_Fc               ? 
_refine.correlation_coeff_Fo_to_Fc_free          ? 
_refine.details                                  ? 
_refine.diff_density_max                         ? 
_refine.diff_density_max_esd                     ? 
_refine.diff_density_min                         ? 
_refine.diff_density_min_esd                     ? 
_refine.diff_density_rms                         ? 
_refine.diff_density_rms_esd                     ? 
_refine.entry_id                                 7JJW 
_refine.pdbx_refine_id                           'X-RAY DIFFRACTION' 
_refine.ls_abs_structure_details                 ? 
_refine.ls_abs_structure_Flack                   ? 
_refine.ls_abs_structure_Flack_esd               ? 
_refine.ls_abs_structure_Rogers                  ? 
_refine.ls_abs_structure_Rogers_esd              ? 
_refine.ls_d_res_high                            3.0190 
_refine.ls_d_res_low                             32.8270 
_refine.ls_extinction_coef                       ? 
_refine.ls_extinction_coef_esd                   ? 
_refine.ls_extinction_expression                 ? 
_refine.ls_extinction_method                     ? 
_refine.ls_goodness_of_fit_all                   ? 
_refine.ls_goodness_of_fit_all_esd               ? 
_refine.ls_goodness_of_fit_obs                   ? 
_refine.ls_goodness_of_fit_obs_esd               ? 
_refine.ls_hydrogen_treatment                    ? 
_refine.ls_matrix_type                           ? 
_refine.ls_number_constraints                    ? 
_refine.ls_number_parameters                     ? 
_refine.ls_number_reflns_all                     ? 
_refine.ls_number_reflns_obs                     4611 
_refine.ls_number_reflns_R_free                  464 
_refine.ls_number_reflns_R_work                  4147 
_refine.ls_number_restraints                     ? 
_refine.ls_percent_reflns_obs                    93.4300 
_refine.ls_percent_reflns_R_free                 10.0600 
_refine.ls_R_factor_all                          ? 
_refine.ls_R_factor_obs                          0.2144 
_refine.ls_R_factor_R_free                       0.2518 
_refine.ls_R_factor_R_free_error                 ? 
_refine.ls_R_factor_R_free_error_details         ? 
_refine.ls_R_factor_R_work                       0.2104 
_refine.ls_R_Fsqd_factor_obs                     ? 
_refine.ls_R_I_factor_obs                        ? 
_refine.ls_redundancy_reflns_all                 ? 
_refine.ls_redundancy_reflns_obs                 ? 
_refine.ls_restrained_S_all                      ? 
_refine.ls_restrained_S_obs                      ? 
_refine.ls_shift_over_esd_max                    ? 
_refine.ls_shift_over_esd_mean                   ? 
_refine.ls_structure_factor_coef                 ? 
_refine.ls_weighting_details                     ? 
_refine.ls_weighting_scheme                      ? 
_refine.ls_wR_factor_all                         ? 
_refine.ls_wR_factor_obs                         ? 
_refine.ls_wR_factor_R_free                      ? 
_refine.ls_wR_factor_R_work                      ? 
_refine.occupancy_max                            ? 
_refine.occupancy_min                            ? 
_refine.solvent_model_details                    'FLAT BULK SOLVENT MODEL' 
_refine.solvent_model_param_bsol                 ? 
_refine.solvent_model_param_ksol                 ? 
_refine.pdbx_R_complete                          ? 
_refine.ls_R_factor_gt                           ? 
_refine.ls_goodness_of_fit_gt                    ? 
_refine.ls_goodness_of_fit_ref                   ? 
_refine.ls_shift_over_su_max                     ? 
_refine.ls_shift_over_su_max_lt                  ? 
_refine.ls_shift_over_su_mean                    ? 
_refine.ls_shift_over_su_mean_lt                 ? 
_refine.pdbx_ls_sigma_I                          ? 
_refine.pdbx_ls_sigma_F                          2.000 
_refine.pdbx_ls_sigma_Fsqd                       ? 
_refine.pdbx_data_cutoff_high_absF               ? 
_refine.pdbx_data_cutoff_high_rms_absF           ? 
_refine.pdbx_data_cutoff_low_absF                ? 
_refine.pdbx_isotropic_thermal_model             ? 
_refine.pdbx_ls_cross_valid_method               THROUGHOUT 
_refine.pdbx_method_to_determine_struct          'MOLECULAR REPLACEMENT' 
_refine.pdbx_starting_model                      6XNA 
_refine.pdbx_stereochemistry_target_values       ML 
_refine.pdbx_R_Free_selection_details            ? 
_refine.pdbx_stereochem_target_val_spec_case     ? 
_refine.pdbx_overall_ESU_R                       ? 
_refine.pdbx_overall_ESU_R_Free                  ? 
_refine.pdbx_solvent_vdw_probe_radii             1.1100 
_refine.pdbx_solvent_ion_probe_radii             ? 
_refine.pdbx_solvent_shrinkage_radii             0.9000 
_refine.pdbx_real_space_R                        ? 
_refine.pdbx_density_correlation                 ? 
_refine.pdbx_pd_number_of_powder_patterns        ? 
_refine.pdbx_pd_number_of_points                 ? 
_refine.pdbx_pd_meas_number_of_points            ? 
_refine.pdbx_pd_proc_ls_prof_R_factor            ? 
_refine.pdbx_pd_proc_ls_prof_wR_factor           ? 
_refine.pdbx_pd_Marquardt_correlation_coeff      ? 
_refine.pdbx_pd_Fsqrd_R_factor                   ? 
_refine.pdbx_pd_ls_matrix_band_width             ? 
_refine.pdbx_overall_phase_error                 43.0000 
_refine.pdbx_overall_SU_R_free_Cruickshank_DPI   ? 
_refine.pdbx_overall_SU_R_free_Blow_DPI          ? 
_refine.pdbx_overall_SU_R_Blow_DPI               ? 
_refine.pdbx_TLS_residual_ADP_flag               ? 
_refine.pdbx_diffrn_id                           1 
_refine.overall_SU_B                             ? 
_refine.overall_SU_ML                            0.4600 
_refine.overall_SU_R_Cruickshank_DPI             ? 
_refine.overall_SU_R_free                        ? 
_refine.overall_FOM_free_R_set                   ? 
_refine.overall_FOM_work_R_set                   ? 
_refine.pdbx_average_fsc_overall                 ? 
_refine.pdbx_average_fsc_work                    ? 
_refine.pdbx_average_fsc_free                    ? 
# 
_refine_hist.pdbx_refine_id                   'X-RAY DIFFRACTION' 
_refine_hist.cycle_id                         final 
_refine_hist.details                          ? 
_refine_hist.d_res_high                       3.0190 
_refine_hist.d_res_low                        32.8270 
_refine_hist.number_atoms_solvent             0 
_refine_hist.number_atoms_total               855 
_refine_hist.number_reflns_all                ? 
_refine_hist.number_reflns_obs                ? 
_refine_hist.number_reflns_R_free             ? 
_refine_hist.number_reflns_R_work             ? 
_refine_hist.R_factor_all                     ? 
_refine_hist.R_factor_obs                     ? 
_refine_hist.R_factor_R_free                  ? 
_refine_hist.R_factor_R_work                  ? 
_refine_hist.pdbx_number_residues_total       42 
_refine_hist.pdbx_B_iso_mean_ligand           ? 
_refine_hist.pdbx_B_iso_mean_solvent          ? 
_refine_hist.pdbx_number_atoms_protein        0 
_refine_hist.pdbx_number_atoms_nucleic_acid   855 
_refine_hist.pdbx_number_atoms_ligand         0 
_refine_hist.pdbx_number_atoms_lipid          ? 
_refine_hist.pdbx_number_atoms_carb           ? 
_refine_hist.pdbx_pseudo_atom_details         ? 
# 
loop_
_refine_ls_restr.pdbx_refine_id 
_refine_ls_restr.criterion 
_refine_ls_restr.dev_ideal 
_refine_ls_restr.dev_ideal_target 
_refine_ls_restr.number 
_refine_ls_restr.rejects 
_refine_ls_restr.type 
_refine_ls_restr.weight 
_refine_ls_restr.pdbx_restraint_function 
'X-RAY DIFFRACTION' ? 0.005  ? 956  ? f_bond_d           ? ? 
'X-RAY DIFFRACTION' ? 0.689  ? 1467 ? f_angle_d          ? ? 
'X-RAY DIFFRACTION' ? 0.031  ? 166  ? f_chiral_restr     ? ? 
'X-RAY DIFFRACTION' ? 0.003  ? 42   ? f_plane_restr      ? ? 
'X-RAY DIFFRACTION' ? 34.577 ? 406  ? f_dihedral_angle_d ? ? 
# 
loop_
_refine_ls_shell.pdbx_refine_id 
_refine_ls_shell.d_res_high 
_refine_ls_shell.d_res_low 
_refine_ls_shell.number_reflns_all 
_refine_ls_shell.number_reflns_obs 
_refine_ls_shell.number_reflns_R_free 
_refine_ls_shell.number_reflns_R_work 
_refine_ls_shell.percent_reflns_obs 
_refine_ls_shell.percent_reflns_R_free 
_refine_ls_shell.R_factor_all 
_refine_ls_shell.R_factor_obs 
_refine_ls_shell.R_factor_R_free 
_refine_ls_shell.R_factor_R_free_error 
_refine_ls_shell.R_factor_R_work 
_refine_ls_shell.redundancy_reflns_all 
_refine_ls_shell.redundancy_reflns_obs 
_refine_ls_shell.wR_factor_all 
_refine_ls_shell.wR_factor_obs 
_refine_ls_shell.wR_factor_R_free 
_refine_ls_shell.wR_factor_R_work 
_refine_ls_shell.pdbx_R_complete 
_refine_ls_shell.pdbx_total_number_of_bins_used 
_refine_ls_shell.pdbx_phase_error 
_refine_ls_shell.pdbx_fsc_work 
_refine_ls_shell.pdbx_fsc_free 
'X-RAY DIFFRACTION' 3.019  3.4551 . . 157 1356 92.0000 . . . 0.3526 0.0000 0.2902 . . . . . . . . . . . 
'X-RAY DIFFRACTION' 3.4551 4.3515 . . 146 1323 89.0000 . . . 0.2983 0.0000 0.2956 . . . . . . . . . . . 
'X-RAY DIFFRACTION' 4.3515 32.827 . . 161 1468 99.0000 . . . 0.2156 0.0000 0.1716 . . . . . . . . . . . 
# 
_struct.entry_id                     7JJW 
_struct.title                        
;Self-assembly of a 3D DNA crystal lattice (4x6 scramble junction version) containing the J7 immobile Holliday junction with R3 symmetry
;
_struct.pdbx_model_details           ? 
_struct.pdbx_formula_weight          ? 
_struct.pdbx_formula_weight_method   ? 
_struct.pdbx_model_type_details      ? 
_struct.pdbx_CASP_flag               N 
# 
_struct_keywords.entry_id        7JJW 
_struct_keywords.text            
'Structural DNA nanotechnology, immobile Holliday junctions, 3D DNA self-assembly, designer DNA crystals, DNA' 
_struct_keywords.pdbx_keywords   DNA 
# 
loop_
_struct_asym.id 
_struct_asym.pdbx_blank_PDB_chainid_flag 
_struct_asym.pdbx_modified 
_struct_asym.entity_id 
_struct_asym.details 
A N N 1 ? 
B N N 2 ? 
C N N 3 ? 
D N N 4 ? 
# 
loop_
_struct_conn.id 
_struct_conn.conn_type_id 
_struct_conn.pdbx_leaving_atom_flag 
_struct_conn.pdbx_PDB_id 
_struct_conn.ptnr1_label_asym_id 
_struct_conn.ptnr1_label_comp_id 
_struct_conn.ptnr1_label_seq_id 
_struct_conn.ptnr1_label_atom_id 
_struct_conn.pdbx_ptnr1_label_alt_id 
_struct_conn.pdbx_ptnr1_PDB_ins_code 
_struct_conn.pdbx_ptnr1_standard_comp_id 
_struct_conn.ptnr1_symmetry 
_struct_conn.ptnr2_label_asym_id 
_struct_conn.ptnr2_label_comp_id 
_struct_conn.ptnr2_label_seq_id 
_struct_conn.ptnr2_label_atom_id 
_struct_conn.pdbx_ptnr2_label_alt_id 
_struct_conn.pdbx_ptnr2_PDB_ins_code 
_struct_conn.ptnr1_auth_asym_id 
_struct_conn.ptnr1_auth_comp_id 
_struct_conn.ptnr1_auth_seq_id 
_struct_conn.ptnr2_auth_asym_id 
_struct_conn.ptnr2_auth_comp_id 
_struct_conn.ptnr2_auth_seq_id 
_struct_conn.ptnr2_symmetry 
_struct_conn.pdbx_ptnr3_label_atom_id 
_struct_conn.pdbx_ptnr3_label_seq_id 
_struct_conn.pdbx_ptnr3_label_comp_id 
_struct_conn.pdbx_ptnr3_label_asym_id 
_struct_conn.pdbx_ptnr3_label_alt_id 
_struct_conn.pdbx_ptnr3_PDB_ins_code 
_struct_conn.details 
_struct_conn.pdbx_dist_value 
_struct_conn.pdbx_value_order 
_struct_conn.pdbx_role 
hydrog1  hydrog ? ? A DA 3  N1 ? ? ? 1_555 D DT 15 N3 ? ? A DA 3  D DT 16 1_555 ? ? ? ? ? ? WATSON-CRICK ? ? ? 
hydrog2  hydrog ? ? A DA 3  N6 ? ? ? 1_555 D DT 15 O4 ? ? A DA 3  D DT 16 1_555 ? ? ? ? ? ? WATSON-CRICK ? ? ? 
hydrog3  hydrog ? ? A DC 4  N3 ? ? ? 1_555 D DG 14 N1 ? ? A DC 4  D DG 15 1_555 ? ? ? ? ? ? WATSON-CRICK ? ? ? 
hydrog4  hydrog ? ? A DC 4  N4 ? ? ? 1_555 D DG 14 O6 ? ? A DC 4  D DG 15 1_555 ? ? ? ? ? ? WATSON-CRICK ? ? ? 
hydrog5  hydrog ? ? A DC 4  O2 ? ? ? 1_555 D DG 14 N2 ? ? A DC 4  D DG 15 1_555 ? ? ? ? ? ? WATSON-CRICK ? ? ? 
hydrog6  hydrog ? ? A DG 5  N1 ? ? ? 1_555 D DC 13 N3 ? ? A DG 5  D DC 14 1_555 ? ? ? ? ? ? WATSON-CRICK ? ? ? 
hydrog7  hydrog ? ? A DG 5  N2 ? ? ? 1_555 D DC 13 O2 ? ? A DG 5  D DC 14 1_555 ? ? ? ? ? ? WATSON-CRICK ? ? ? 
hydrog8  hydrog ? ? A DG 5  O6 ? ? ? 1_555 D DC 13 N4 ? ? A DG 5  D DC 14 1_555 ? ? ? ? ? ? WATSON-CRICK ? ? ? 
hydrog9  hydrog ? ? A DA 6  N1 ? ? ? 1_555 D DT 12 N3 ? ? A DA 6  D DT 13 1_555 ? ? ? ? ? ? WATSON-CRICK ? ? ? 
hydrog10 hydrog ? ? A DA 6  N6 ? ? ? 1_555 D DT 12 O4 ? ? A DA 6  D DT 13 1_555 ? ? ? ? ? ? WATSON-CRICK ? ? ? 
hydrog11 hydrog ? ? A DC 7  N3 ? ? ? 1_555 D DG 11 N1 ? ? A DC 7  D DG 12 1_555 ? ? ? ? ? ? WATSON-CRICK ? ? ? 
hydrog12 hydrog ? ? A DC 7  N4 ? ? ? 1_555 D DG 11 O6 ? ? A DC 7  D DG 12 1_555 ? ? ? ? ? ? WATSON-CRICK ? ? ? 
hydrog13 hydrog ? ? A DC 7  O2 ? ? ? 1_555 D DG 11 N2 ? ? A DC 7  D DG 12 1_555 ? ? ? ? ? ? WATSON-CRICK ? ? ? 
hydrog14 hydrog ? ? A DA 8  N1 ? ? ? 1_555 D DT 10 N3 ? ? A DA 8  D DT 11 1_555 ? ? ? ? ? ? WATSON-CRICK ? ? ? 
hydrog15 hydrog ? ? A DA 8  N6 ? ? ? 1_555 D DT 10 O4 ? ? A DA 8  D DT 11 1_555 ? ? ? ? ? ? WATSON-CRICK ? ? ? 
hydrog16 hydrog ? ? A DC 9  N3 ? ? ? 1_555 D DG 9  N1 ? ? A DC 9  D DG 10 1_555 ? ? ? ? ? ? WATSON-CRICK ? ? ? 
hydrog17 hydrog ? ? A DC 9  N4 ? ? ? 1_555 D DG 9  O6 ? ? A DC 9  D DG 10 1_555 ? ? ? ? ? ? WATSON-CRICK ? ? ? 
hydrog18 hydrog ? ? A DC 9  O2 ? ? ? 1_555 D DG 9  N2 ? ? A DC 9  D DG 10 1_555 ? ? ? ? ? ? WATSON-CRICK ? ? ? 
hydrog19 hydrog ? ? A DA 10 N1 ? ? ? 1_555 C DT 3  N3 ? ? A DA 10 C DT 2  1_555 ? ? ? ? ? ? WATSON-CRICK ? ? ? 
hydrog20 hydrog ? ? A DA 10 N6 ? ? ? 1_555 C DT 3  O4 ? ? A DA 10 C DT 2  1_555 ? ? ? ? ? ? WATSON-CRICK ? ? ? 
hydrog21 hydrog ? ? A DG 11 N1 ? ? ? 1_555 C DC 2  N3 ? ? A DG 11 C DC 1  1_555 ? ? ? ? ? ? WATSON-CRICK ? ? ? 
hydrog22 hydrog ? ? A DG 11 N2 ? ? ? 1_555 C DC 2  O2 ? ? A DG 11 C DC 1  1_555 ? ? ? ? ? ? WATSON-CRICK ? ? ? 
hydrog23 hydrog ? ? A DG 11 O6 ? ? ? 1_555 C DC 2  N4 ? ? A DG 11 C DC 1  1_555 ? ? ? ? ? ? WATSON-CRICK ? ? ? 
hydrog24 hydrog ? ? A DA 12 N1 ? ? ? 1_555 C DT 1  N3 ? ? A DA 12 C DT 0  1_555 ? ? ? ? ? ? WATSON-CRICK ? ? ? 
hydrog25 hydrog ? ? A DA 12 N6 ? ? ? 1_555 C DT 1  O4 ? ? A DA 12 C DT 0  1_555 ? ? ? ? ? ? WATSON-CRICK ? ? ? 
hydrog26 hydrog ? ? B DC 1  N3 ? ? ? 1_555 C DG 6  N1 ? ? B DC 12 C DG 5  1_555 ? ? ? ? ? ? WATSON-CRICK ? ? ? 
hydrog27 hydrog ? ? B DC 1  N4 ? ? ? 1_555 C DG 6  O6 ? ? B DC 12 C DG 5  1_555 ? ? ? ? ? ? WATSON-CRICK ? ? ? 
hydrog28 hydrog ? ? B DC 1  O2 ? ? ? 1_555 C DG 6  N2 ? ? B DC 12 C DG 5  1_555 ? ? ? ? ? ? WATSON-CRICK ? ? ? 
hydrog29 hydrog ? ? B DG 2  N1 ? ? ? 1_555 C DC 5  N3 ? ? B DG 13 C DC 4  1_555 ? ? ? ? ? ? WATSON-CRICK ? ? ? 
hydrog30 hydrog ? ? B DG 2  N2 ? ? ? 1_555 C DC 5  O2 ? ? B DG 13 C DC 4  1_555 ? ? ? ? ? ? WATSON-CRICK ? ? ? 
hydrog31 hydrog ? ? B DG 2  O6 ? ? ? 1_555 C DC 5  N4 ? ? B DG 13 C DC 4  1_555 ? ? ? ? ? ? WATSON-CRICK ? ? ? 
hydrog32 hydrog ? ? B DG 3  N1 ? ? ? 1_555 C DC 4  N3 ? ? B DG 14 C DC 3  1_555 ? ? ? ? ? ? WATSON-CRICK ? ? ? 
hydrog33 hydrog ? ? B DG 3  N2 ? ? ? 1_555 C DC 4  O2 ? ? B DG 14 C DC 3  1_555 ? ? ? ? ? ? WATSON-CRICK ? ? ? 
hydrog34 hydrog ? ? B DG 3  O6 ? ? ? 1_555 C DC 4  N4 ? ? B DG 14 C DC 3  1_555 ? ? ? ? ? ? WATSON-CRICK ? ? ? 
hydrog35 hydrog ? ? B DT 4  N3 ? ? ? 1_555 D DA 8  N1 ? ? B DT 15 D DA 9  1_555 ? ? ? ? ? ? WATSON-CRICK ? ? ? 
hydrog36 hydrog ? ? B DT 4  O4 ? ? ? 1_555 D DA 8  N6 ? ? B DT 15 D DA 9  1_555 ? ? ? ? ? ? WATSON-CRICK ? ? ? 
hydrog37 hydrog ? ? B DG 5  N1 ? ? ? 1_555 D DC 7  N3 ? ? B DG 16 D DC 8  1_555 ? ? ? ? ? ? WATSON-CRICK ? ? ? 
hydrog38 hydrog ? ? B DG 5  N2 ? ? ? 1_555 D DC 7  O2 ? ? B DG 16 D DC 8  1_555 ? ? ? ? ? ? WATSON-CRICK ? ? ? 
hydrog39 hydrog ? ? B DG 5  O6 ? ? ? 1_555 D DC 7  N4 ? ? B DG 16 D DC 8  1_555 ? ? ? ? ? ? WATSON-CRICK ? ? ? 
hydrog40 hydrog ? ? B DA 6  N1 ? ? ? 1_555 D DT 6  N3 ? ? B DA 17 D DT 7  1_555 ? ? ? ? ? ? WATSON-CRICK ? ? ? 
hydrog41 hydrog ? ? B DA 6  N6 ? ? ? 1_555 D DT 6  O4 ? ? B DA 17 D DT 7  1_555 ? ? ? ? ? ? WATSON-CRICK ? ? ? 
hydrog42 hydrog ? ? B DC 7  N3 ? ? ? 1_555 D DG 5  N1 ? ? B DC 18 D DG 6  1_555 ? ? ? ? ? ? WATSON-CRICK ? ? ? 
hydrog43 hydrog ? ? B DC 7  N4 ? ? ? 1_555 D DG 5  O6 ? ? B DC 18 D DG 6  1_555 ? ? ? ? ? ? WATSON-CRICK ? ? ? 
hydrog44 hydrog ? ? B DC 7  O2 ? ? ? 1_555 D DG 5  N2 ? ? B DC 18 D DG 6  1_555 ? ? ? ? ? ? WATSON-CRICK ? ? ? 
hydrog45 hydrog ? ? B DT 8  N3 ? ? ? 1_555 D DA 4  N1 ? ? B DT 19 D DA 5  1_555 ? ? ? ? ? ? WATSON-CRICK ? ? ? 
hydrog46 hydrog ? ? B DT 8  O4 ? ? ? 1_555 D DA 4  N6 ? ? B DT 19 D DA 5  1_555 ? ? ? ? ? ? WATSON-CRICK ? ? ? 
hydrog47 hydrog ? ? B DC 9  N3 ? ? ? 1_555 D DG 3  N1 ? ? B DC 20 D DG 4  1_555 ? ? ? ? ? ? WATSON-CRICK ? ? ? 
hydrog48 hydrog ? ? B DC 9  N4 ? ? ? 1_555 D DG 3  O6 ? ? B DC 20 D DG 4  1_555 ? ? ? ? ? ? WATSON-CRICK ? ? ? 
hydrog49 hydrog ? ? B DC 9  O2 ? ? ? 1_555 D DG 3  N2 ? ? B DC 20 D DG 4  1_555 ? ? ? ? ? ? WATSON-CRICK ? ? ? 
# 
_struct_conn_type.id          hydrog 
_struct_conn_type.criteria    ? 
_struct_conn_type.reference   ? 
# 
_atom_sites.entry_id                    7JJW 
_atom_sites.Cartn_transf_matrix[1][1]   ? 
_atom_sites.Cartn_transf_matrix[1][2]   ? 
_atom_sites.Cartn_transf_matrix[1][3]   ? 
_atom_sites.Cartn_transf_matrix[2][1]   ? 
_atom_sites.Cartn_transf_matrix[2][2]   ? 
_atom_sites.Cartn_transf_matrix[2][3]   ? 
_atom_sites.Cartn_transf_matrix[3][1]   ? 
_atom_sites.Cartn_transf_matrix[3][2]   ? 
_atom_sites.Cartn_transf_matrix[3][3]   ? 
_atom_sites.Cartn_transf_vector[1]      ? 
_atom_sites.Cartn_transf_vector[2]      ? 
_atom_sites.Cartn_transf_vector[3]      ? 
_atom_sites.fract_transf_matrix[1][1]   -0.00171460 
_atom_sites.fract_transf_matrix[1][2]   0.00830224 
_atom_sites.fract_transf_matrix[1][3]   0.00558957 
_atom_sites.fract_transf_matrix[2][1]   0.00056438 
_atom_sites.fract_transf_matrix[2][2]   0.00919749 
_atom_sites.fract_transf_matrix[2][3]   -0.00426514 
_atom_sites.fract_transf_matrix[3][1]   -0.01867871 
_atom_sites.fract_transf_matrix[3][2]   -0.00089465 
_atom_sites.fract_transf_matrix[3][3]   -0.00440088 
_atom_sites.fract_transf_vector[1]      1.160475 
_atom_sites.fract_transf_vector[2]      0.325536 
_atom_sites.fract_transf_vector[3]      0.104442 
_atom_sites.solution_primary            ? 
_atom_sites.solution_secondary          ? 
_atom_sites.solution_hydrogens          ? 
_atom_sites.special_details             ? 
# 
loop_
_atom_type.symbol 
C 
N 
O 
P 
# 
loop_
_atom_site.group_PDB 
_atom_site.id 
_atom_site.type_symbol 
_atom_site.label_atom_id 
_atom_site.label_alt_id 
_atom_site.label_comp_id 
_atom_site.label_asym_id 
_atom_site.label_entity_id 
_atom_site.label_seq_id 
_atom_site.pdbx_PDB_ins_code 
_atom_site.Cartn_x 
_atom_site.Cartn_y 
_atom_site.Cartn_z 
_atom_site.occupancy 
_atom_site.B_iso_or_equiv 
_atom_site.pdbx_formal_charge 
_atom_site.auth_seq_id 
_atom_site.auth_comp_id 
_atom_site.auth_asym_id 
_atom_site.auth_atom_id 
_atom_site.pdbx_PDB_model_num 
ATOM 1   O "O5'" . DG A 1 1  ? 17.786  -8.989  18.037  1.00 159.70 ? 1  DG A "O5'" 1 
ATOM 2   C "C5'" . DG A 1 1  ? 18.134  -7.965  18.967  1.00 159.44 ? 1  DG A "C5'" 1 
ATOM 3   C "C4'" . DG A 1 1  ? 17.098  -7.870  20.073  1.00 152.53 ? 1  DG A "C4'" 1 
ATOM 4   O "O4'" . DG A 1 1  ? 17.388  -6.731  20.903  1.00 140.78 ? 1  DG A "O4'" 1 
ATOM 5   C "C3'" . DG A 1 1  ? 15.676  -7.649  19.593  1.00 151.11 ? 1  DG A "C3'" 1 
ATOM 6   O "O3'" . DG A 1 1  ? 15.042  -8.903  19.371  1.00 165.61 ? 1  DG A "O3'" 1 
ATOM 7   C "C2'" . DG A 1 1  ? 15.018  -6.893  20.752  1.00 140.53 ? 1  DG A "C2'" 1 
ATOM 8   C "C1'" . DG A 1 1  ? 16.201  -6.301  21.530  1.00 133.33 ? 1  DG A "C1'" 1 
ATOM 9   N N9    . DG A 1 1  ? 16.214  -4.839  21.595  1.00 124.98 ? 1  DG A N9    1 
ATOM 10  C C8    . DG A 1 1  ? 17.306  -4.020  21.430  1.00 125.22 ? 1  DG A C8    1 
ATOM 11  N N7    . DG A 1 1  ? 17.034  -2.752  21.556  1.00 118.40 ? 1  DG A N7    1 
ATOM 12  C C5    . DG A 1 1  ? 15.672  -2.723  21.824  1.00 116.61 ? 1  DG A C5    1 
ATOM 13  C C6    . DG A 1 1  ? 14.817  -1.621  22.052  1.00 114.02 ? 1  DG A C6    1 
ATOM 14  O O6    . DG A 1 1  ? 15.103  -0.418  22.064  1.00 114.51 ? 1  DG A O6    1 
ATOM 15  N N1    . DG A 1 1  ? 13.507  -2.026  22.285  1.00 114.77 ? 1  DG A N1    1 
ATOM 16  C C2    . DG A 1 1  ? 13.076  -3.328  22.297  1.00 117.43 ? 1  DG A C2    1 
ATOM 17  N N2    . DG A 1 1  ? 11.771  -3.517  22.544  1.00 118.60 ? 1  DG A N2    1 
ATOM 18  N N3    . DG A 1 1  ? 13.865  -4.374  22.087  1.00 117.99 ? 1  DG A N3    1 
ATOM 19  C C4    . DG A 1 1  ? 15.149  -3.998  21.855  1.00 119.07 ? 1  DG A C4    1 
ATOM 20  P P     . DA A 1 2  ? 13.781  -9.010  18.380  1.00 164.45 ? 2  DA A P     1 
ATOM 21  O OP1   . DA A 1 2  ? 13.284  -10.402 18.440  1.00 161.45 ? 2  DA A OP1   1 
ATOM 22  O OP2   . DA A 1 2  ? 14.176  -8.419  17.082  1.00 178.09 ? 2  DA A OP2   1 
ATOM 23  O "O5'" . DA A 1 2  ? 12.685  -8.048  19.034  1.00 150.30 ? 2  DA A "O5'" 1 
ATOM 24  C "C5'" . DA A 1 2  ? 11.662  -8.585  19.852  1.00 160.57 ? 2  DA A "C5'" 1 
ATOM 25  C "C4'" . DA A 1 2  ? 10.390  -7.768  19.717  1.00 159.84 ? 2  DA A "C4'" 1 
ATOM 26  O "O4'" . DA A 1 2  ? 10.666  -6.386  20.051  1.00 144.75 ? 2  DA A "O4'" 1 
ATOM 27  C "C3'" . DA A 1 2  ? 9.776   -7.751  18.323  1.00 151.55 ? 2  DA A "C3'" 1 
ATOM 28  O "O3'" . DA A 1 2  ? 8.357   -7.717  18.415  1.00 155.67 ? 2  DA A "O3'" 1 
ATOM 29  C "C2'" . DA A 1 2  ? 10.337  -6.473  17.704  1.00 142.81 ? 2  DA A "C2'" 1 
ATOM 30  C "C1'" . DA A 1 2  ? 10.530  -5.561  18.911  1.00 138.65 ? 2  DA A "C1'" 1 
ATOM 31  N N9    . DA A 1 2  ? 11.728  -4.735  18.802  1.00 131.75 ? 2  DA A N9    1 
ATOM 32  C C8    . DA A 1 2  ? 12.997  -5.161  18.520  1.00 133.39 ? 2  DA A C8    1 
ATOM 33  N N7    . DA A 1 2  ? 13.883  -4.198  18.481  1.00 127.77 ? 2  DA A N7    1 
ATOM 34  C C5    . DA A 1 2  ? 13.146  -3.058  18.757  1.00 123.72 ? 2  DA A C5    1 
ATOM 35  C C6    . DA A 1 2  ? 13.505  -1.699  18.864  1.00 117.83 ? 2  DA A C6    1 
ATOM 36  N N6    . DA A 1 2  ? 14.754  -1.256  18.693  1.00 114.43 ? 2  DA A N6    1 
ATOM 37  N N1    . DA A 1 2  ? 12.528  -0.813  19.152  1.00 116.64 ? 2  DA A N1    1 
ATOM 38  C C2    . DA A 1 2  ? 11.279  -1.265  19.322  1.00 118.84 ? 2  DA A C2    1 
ATOM 39  N N3    . DA A 1 2  ? 10.820  -2.515  19.247  1.00 122.39 ? 2  DA A N3    1 
ATOM 40  C C4    . DA A 1 2  ? 11.815  -3.370  18.959  1.00 125.71 ? 2  DA A C4    1 
ATOM 41  P P     . DA A 1 3  ? 7.458   -7.572  17.090  1.00 146.10 ? 3  DA A P     1 
ATOM 42  O OP1   . DA A 1 3  ? 6.233   -8.374  17.296  1.00 151.24 ? 3  DA A OP1   1 
ATOM 43  O OP2   . DA A 1 3  ? 8.299   -7.838  15.905  1.00 147.55 ? 3  DA A OP2   1 
ATOM 44  O "O5'" . DA A 1 3  ? 7.047   -6.030  17.088  1.00 137.48 ? 3  DA A "O5'" 1 
ATOM 45  C "C5'" . DA A 1 3  ? 6.376   -5.484  18.215  1.00 137.29 ? 3  DA A "C5'" 1 
ATOM 46  C "C4'" . DA A 1 3  ? 5.718   -4.156  17.877  1.00 134.06 ? 3  DA A "C4'" 1 
ATOM 47  O "O4'" . DA A 1 3  ? 6.701   -3.097  17.915  1.00 126.65 ? 3  DA A "O4'" 1 
ATOM 48  C "C3'" . DA A 1 3  ? 5.069   -4.079  16.504  1.00 134.22 ? 3  DA A "C3'" 1 
ATOM 49  O "O3'" . DA A 1 3  ? 3.902   -3.278  16.568  1.00 138.06 ? 3  DA A "O3'" 1 
ATOM 50  C "C2'" . DA A 1 3  ? 6.150   -3.436  15.637  1.00 126.76 ? 3  DA A "C2'" 1 
ATOM 51  C "C1'" . DA A 1 3  ? 6.898   -2.552  16.629  1.00 124.77 ? 3  DA A "C1'" 1 
ATOM 52  N N9    . DA A 1 3  ? 8.332   -2.512  16.385  1.00 118.99 ? 3  DA A N9    1 
ATOM 53  C C8    . DA A 1 3  ? 9.154   -3.578  16.143  1.00 123.92 ? 3  DA A C8    1 
ATOM 54  N N7    . DA A 1 3  ? 10.410  -3.248  15.965  1.00 121.14 ? 3  DA A N7    1 
ATOM 55  C C5    . DA A 1 3  ? 10.414  -1.870  16.105  1.00 116.27 ? 3  DA A C5    1 
ATOM 56  C C6    . DA A 1 3  ? 11.444  -0.912  16.031  1.00 112.21 ? 3  DA A C6    1 
ATOM 57  N N6    . DA A 1 3  ? 12.721  -1.221  15.786  1.00 113.37 ? 3  DA A N6    1 
ATOM 58  N N1    . DA A 1 3  ? 11.109  0.381   16.223  1.00 112.82 ? 3  DA A N1    1 
ATOM 59  C C2    . DA A 1 3  ? 9.830   0.688   16.470  1.00 112.95 ? 3  DA A C2    1 
ATOM 60  N N3    . DA A 1 3  ? 8.776   -0.124  16.561  1.00 111.40 ? 3  DA A N3    1 
ATOM 61  C C4    . DA A 1 3  ? 9.140   -1.401  16.369  1.00 114.83 ? 3  DA A C4    1 
ATOM 62  P P     . DC A 1 4  ? 2.975   -3.103  15.269  1.00 144.51 ? 4  DC A P     1 
ATOM 63  O OP1   . DC A 1 4  ? 1.568   -3.046  15.720  1.00 138.36 ? 4  DC A OP1   1 
ATOM 64  O OP2   . DC A 1 4  ? 3.382   -4.128  14.284  1.00 144.31 ? 4  DC A OP2   1 
ATOM 65  O "O5'" . DC A 1 4  ? 3.396   -1.672  14.700  1.00 133.51 ? 4  DC A "O5'" 1 
ATOM 66  C "C5'" . DC A 1 4  ? 3.356   -0.538  15.548  1.00 129.29 ? 4  DC A "C5'" 1 
ATOM 67  C "C4'" . DC A 1 4  ? 3.982   0.660   14.864  1.00 128.20 ? 4  DC A "C4'" 1 
ATOM 68  O "O4'" . DC A 1 4  ? 5.423   0.531   14.862  1.00 121.21 ? 4  DC A "O4'" 1 
ATOM 69  C "C3'" . DC A 1 4  ? 3.567   0.862   13.402  1.00 131.41 ? 4  DC A "C3'" 1 
ATOM 70  O "O3'" . DC A 1 4  ? 2.968   2.141   13.249  1.00 137.63 ? 4  DC A "O3'" 1 
ATOM 71  C "C2'" . DC A 1 4  ? 4.883   0.749   12.614  1.00 125.02 ? 4  DC A "C2'" 1 
ATOM 72  C "C1'" . DC A 1 4  ? 5.919   1.089   13.671  1.00 120.51 ? 4  DC A "C1'" 1 
ATOM 73  N N1    . DC A 1 4  ? 7.276   0.515   13.417  1.00 115.81 ? 4  DC A N1    1 
ATOM 74  C C2    . DC A 1 4  ? 8.387   1.364   13.367  1.00 110.88 ? 4  DC A C2    1 
ATOM 75  O O2    . DC A 1 4  ? 8.223   2.579   13.518  1.00 109.27 ? 4  DC A O2    1 
ATOM 76  N N3    . DC A 1 4  ? 9.614   0.830   13.150  1.00 108.55 ? 4  DC A N3    1 
ATOM 77  C C4    . DC A 1 4  ? 9.750   -0.486  12.994  1.00 107.73 ? 4  DC A C4    1 
ATOM 78  N N4    . DC A 1 4  ? 10.980  -0.964  12.783  1.00 108.54 ? 4  DC A N4    1 
ATOM 79  C C5    . DC A 1 4  ? 8.630   -1.371  13.046  1.00 110.54 ? 4  DC A C5    1 
ATOM 80  C C6    . DC A 1 4  ? 7.424   -0.833  13.261  1.00 113.86 ? 4  DC A C6    1 
ATOM 81  P P     . DG A 1 5  ? 2.044   2.457   11.973  1.00 138.61 ? 5  DG A P     1 
ATOM 82  O OP1   . DG A 1 5  ? 0.781   3.058   12.459  1.00 151.22 ? 5  DG A OP1   1 
ATOM 83  O OP2   . DG A 1 5  ? 2.000   1.232   11.142  1.00 134.68 ? 5  DG A OP2   1 
ATOM 84  O "O5'" . DG A 1 5  ? 2.868   3.578   11.185  1.00 133.53 ? 5  DG A "O5'" 1 
ATOM 85  C "C5'" . DG A 1 5  ? 3.309   4.738   11.875  1.00 131.37 ? 5  DG A "C5'" 1 
ATOM 86  C "C4'" . DG A 1 5  ? 4.456   5.404   11.138  1.00 130.36 ? 5  DG A "C4'" 1 
ATOM 87  O "O4'" . DG A 1 5  ? 5.636   4.557   11.193  1.00 125.01 ? 5  DG A "O4'" 1 
ATOM 88  C "C3'" . DG A 1 5  ? 4.194   5.684   9.657   1.00 131.32 ? 5  DG A "C3'" 1 
ATOM 89  O "O3'" . DG A 1 5  ? 4.610   6.998   9.338   1.00 132.83 ? 5  DG A "O3'" 1 
ATOM 90  C "C2'" . DG A 1 5  ? 5.046   4.635   8.943   1.00 127.24 ? 5  DG A "C2'" 1 
ATOM 91  C "C1'" . DG A 1 5  ? 6.207   4.471   9.911   1.00 121.10 ? 5  DG A "C1'" 1 
ATOM 92  N N9    . DG A 1 5  ? 6.895   3.184   9.791   1.00 112.44 ? 5  DG A N9    1 
ATOM 93  C C8    . DG A 1 5  ? 6.320   1.937   9.741   1.00 113.45 ? 5  DG A C8    1 
ATOM 94  N N7    . DG A 1 5  ? 7.185   0.966   9.628   1.00 105.30 ? 5  DG A N7    1 
ATOM 95  C C5    . DG A 1 5  ? 8.413   1.610   9.600   1.00 103.60 ? 5  DG A C5    1 
ATOM 96  C C6    . DG A 1 5  ? 9.718   1.073   9.491   1.00 101.18 ? 5  DG A C6    1 
ATOM 97  O O6    . DG A 1 5  ? 10.057  -0.117  9.394   1.00 98.82  ? 5  DG A O6    1 
ATOM 98  N N1    . DG A 1 5  ? 10.683  2.073   9.502   1.00 104.27 ? 5  DG A N1    1 
ATOM 99  C C2    . DG A 1 5  ? 10.424  3.419   9.604   1.00 105.16 ? 5  DG A C2    1 
ATOM 100 N N2    . DG A 1 5  ? 11.491  4.228   9.595   1.00 106.89 ? 5  DG A N2    1 
ATOM 101 N N3    . DG A 1 5  ? 9.207   3.937   9.708   1.00 108.27 ? 5  DG A N3    1 
ATOM 102 C C4    . DG A 1 5  ? 8.253   2.977   9.698   1.00 106.28 ? 5  DG A C4    1 
ATOM 103 P P     . DA A 1 6  ? 3.855   7.828   8.189   1.00 137.40 ? 6  DA A P     1 
ATOM 104 O OP1   . DA A 1 6  ? 3.043   8.876   8.847   1.00 136.47 ? 6  DA A OP1   1 
ATOM 105 O OP2   . DA A 1 6  ? 3.202   6.846   7.290   1.00 134.26 ? 6  DA A OP2   1 
ATOM 106 O "O5'" . DA A 1 6  ? 5.049   8.535   7.392   1.00 130.78 ? 6  DA A "O5'" 1 
ATOM 107 C "C5'" . DA A 1 6  ? 6.004   9.316   8.101   1.00 128.31 ? 6  DA A "C5'" 1 
ATOM 108 C "C4'" . DA A 1 6  ? 7.377   9.223   7.455   1.00 126.88 ? 6  DA A "C4'" 1 
ATOM 109 O "O4'" . DA A 1 6  ? 7.911   7.885   7.620   1.00 120.21 ? 6  DA A "O4'" 1 
ATOM 110 C "C3'" . DA A 1 6  ? 7.410   9.525   5.956   1.00 132.65 ? 6  DA A "C3'" 1 
ATOM 111 O "O3'" . DA A 1 6  ? 8.453   10.447  5.673   1.00 139.56 ? 6  DA A "O3'" 1 
ATOM 112 C "C2'" . DA A 1 6  ? 7.673   8.160   5.313   1.00 124.91 ? 6  DA A "C2'" 1 
ATOM 113 C "C1'" . DA A 1 6  ? 8.452   7.436   6.399   1.00 120.30 ? 6  DA A "C1'" 1 
ATOM 114 N N9    . DA A 1 6  ? 8.307   5.981   6.347   1.00 111.90 ? 6  DA A N9    1 
ATOM 115 C C8    . DA A 1 6  ? 7.141   5.269   6.402   1.00 111.97 ? 6  DA A C8    1 
ATOM 116 N N7    . DA A 1 6  ? 7.310   3.968   6.339   1.00 105.22 ? 6  DA A N7    1 
ATOM 117 C C5    . DA A 1 6  ? 8.682   3.815   6.237   1.00 102.29 ? 6  DA A C5    1 
ATOM 118 C C6    . DA A 1 6  ? 9.503   2.674   6.134   1.00 100.94 ? 6  DA A C6    1 
ATOM 119 N N6    . DA A 1 6  ? 9.027   1.425   6.121   1.00 97.71  ? 6  DA A N6    1 
ATOM 120 N N1    . DA A 1 6  ? 10.835  2.867   6.049   1.00 99.61  ? 6  DA A N1    1 
ATOM 121 C C2    . DA A 1 6  ? 11.306  4.120   6.063   1.00 105.67 ? 6  DA A C2    1 
ATOM 122 N N3    . DA A 1 6  ? 10.634  5.270   6.155   1.00 107.00 ? 6  DA A N3    1 
ATOM 123 C C4    . DA A 1 6  ? 9.314   5.045   6.241   1.00 104.24 ? 6  DA A C4    1 
ATOM 124 P P     . DC A 1 7  ? 8.644   11.024  4.185   1.00 140.69 ? 7  DC A P     1 
ATOM 125 O OP1   . DC A 1 7  ? 9.263   12.363  4.309   1.00 140.15 ? 7  DC A OP1   1 
ATOM 126 O OP2   . DC A 1 7  ? 7.355   10.877  3.474   1.00 137.87 ? 7  DC A OP2   1 
ATOM 127 O "O5'" . DC A 1 7  ? 9.699   10.020  3.521   1.00 128.77 ? 7  DC A "O5'" 1 
ATOM 128 C "C5'" . DC A 1 7  ? 10.895  9.695   4.216   1.00 126.81 ? 7  DC A "C5'" 1 
ATOM 129 C "C4'" . DC A 1 7  ? 11.712  8.659   3.460   1.00 126.48 ? 7  DC A "C4'" 1 
ATOM 130 O "O4'" . DC A 1 7  ? 11.205  7.329   3.726   1.00 122.34 ? 7  DC A "O4'" 1 
ATOM 131 C "C3'" . DC A 1 7  ? 11.728  8.811   1.934   1.00 122.13 ? 7  DC A "C3'" 1 
ATOM 132 O "O3'" . DC A 1 7  ? 13.069  8.916   1.491   1.00 125.14 ? 7  DC A "O3'" 1 
ATOM 133 C "C2'" . DC A 1 7  ? 11.069  7.518   1.431   1.00 115.78 ? 7  DC A "C2'" 1 
ATOM 134 C "C1'" . DC A 1 7  ? 11.376  6.561   2.566   1.00 113.21 ? 7  DC A "C1'" 1 
ATOM 135 N N1    . DC A 1 7  ? 10.462  5.378   2.625   1.00 103.86 ? 7  DC A N1    1 
ATOM 136 C C2    . DC A 1 7  ? 11.000  4.085   2.591   1.00 102.64 ? 7  DC A C2    1 
ATOM 137 O O2    . DC A 1 7  ? 12.226  3.943   2.513   1.00 104.03 ? 7  DC A O2    1 
ATOM 138 N N3    . DC A 1 7  ? 10.160  3.021   2.647   1.00 96.53  ? 7  DC A N3    1 
ATOM 139 C C4    . DC A 1 7  ? 8.844   3.216   2.729   1.00 95.83  ? 7  DC A C4    1 
ATOM 140 N N4    . DC A 1 7  ? 8.057   2.138   2.783   1.00 94.25  ? 7  DC A N4    1 
ATOM 141 C C5    . DC A 1 7  ? 8.276   4.525   2.764   1.00 98.24  ? 7  DC A C5    1 
ATOM 142 C C6    . DC A 1 7  ? 9.114   5.567   2.708   1.00 104.14 ? 7  DC A C6    1 
ATOM 143 P P     . DA A 1 8  ? 13.411  9.245   -0.045  1.00 136.68 ? 8  DA A P     1 
ATOM 144 O OP1   . DA A 1 8  ? 14.259  10.456  -0.043  1.00 136.27 ? 8  DA A OP1   1 
ATOM 145 O OP2   . DA A 1 8  ? 12.165  9.248   -0.842  1.00 129.69 ? 8  DA A OP2   1 
ATOM 146 O "O5'" . DA A 1 8  ? 14.299  7.992   -0.496  1.00 126.47 ? 8  DA A "O5'" 1 
ATOM 147 C "C5'" . DA A 1 8  ? 15.423  7.613   0.284   1.00 124.90 ? 8  DA A "C5'" 1 
ATOM 148 C "C4'" . DA A 1 8  ? 15.772  6.152   0.069   1.00 123.48 ? 8  DA A "C4'" 1 
ATOM 149 O "O4'" . DA A 1 8  ? 14.626  5.322   0.385   1.00 117.02 ? 8  DA A "O4'" 1 
ATOM 150 C "C3'" . DA A 1 8  ? 16.186  5.782   -1.360  1.00 123.92 ? 8  DA A "C3'" 1 
ATOM 151 O "O3'" . DA A 1 8  ? 17.379  5.012   -1.331  1.00 129.67 ? 8  DA A "O3'" 1 
ATOM 152 C "C2'" . DA A 1 8  ? 15.006  4.956   -1.871  1.00 118.66 ? 8  DA A "C2'" 1 
ATOM 153 C "C1'" . DA A 1 8  ? 14.517  4.315   -0.588  1.00 113.94 ? 8  DA A "C1'" 1 
ATOM 154 N N9    . DA A 1 8  ? 13.127  3.872   -0.643  1.00 107.08 ? 8  DA A N9    1 
ATOM 155 C C8    . DA A 1 8  ? 12.012  4.659   -0.713  1.00 104.88 ? 8  DA A C8    1 
ATOM 156 N N7    . DA A 1 8  ? 10.887  3.983   -0.746  1.00 98.98  ? 8  DA A N7    1 
ATOM 157 C C5    . DA A 1 8  ? 11.293  2.657   -0.694  1.00 97.03  ? 8  DA A C5    1 
ATOM 158 C C6    . DA A 1 8  ? 10.576  1.443   -0.695  1.00 94.48  ? 8  DA A C6    1 
ATOM 159 N N6    . DA A 1 8  ? 9.243   1.375   -0.754  1.00 91.79  ? 8  DA A N6    1 
ATOM 160 N N1    . DA A 1 8  ? 11.285  0.297   -0.632  1.00 93.79  ? 8  DA A N1    1 
ATOM 161 C C2    . DA A 1 8  ? 12.620  0.369   -0.577  1.00 96.81  ? 8  DA A C2    1 
ATOM 162 N N3    . DA A 1 8  ? 13.403  1.449   -0.567  1.00 99.65  ? 8  DA A N3    1 
ATOM 163 C C4    . DA A 1 8  ? 12.671  2.572   -0.630  1.00 99.83  ? 8  DA A C4    1 
ATOM 164 P P     . DC A 1 9  ? 18.206  4.761   -2.685  1.00 143.83 ? 9  DC A P     1 
ATOM 165 O OP1   . DC A 1 9  ? 19.630  4.602   -2.312  1.00 131.01 ? 9  DC A OP1   1 
ATOM 166 O OP2   . DC A 1 9  ? 17.809  5.815   -3.642  1.00 132.89 ? 9  DC A OP2   1 
ATOM 167 O "O5'" . DC A 1 9  ? 17.658  3.358   -3.225  1.00 121.00 ? 9  DC A "O5'" 1 
ATOM 168 C "C5'" . DC A 1 9  ? 18.397  2.175   -2.980  1.00 121.38 ? 9  DC A "C5'" 1 
ATOM 169 C "C4'" . DC A 1 9  ? 17.524  0.945   -3.149  1.00 115.75 ? 9  DC A "C4'" 1 
ATOM 170 O "O4'" . DC A 1 9  ? 16.141  1.284   -2.893  1.00 111.06 ? 9  DC A "O4'" 1 
ATOM 171 C "C3'" . DC A 1 9  ? 17.552  0.304   -4.545  1.00 116.44 ? 9  DC A "C3'" 1 
ATOM 172 O "O3'" . DC A 1 9  ? 17.988  -1.049  -4.438  1.00 116.96 ? 9  DC A "O3'" 1 
ATOM 173 C "C2'" . DC A 1 9  ? 16.093  0.389   -5.017  1.00 115.22 ? 9  DC A "C2'" 1 
ATOM 174 C "C1'" . DC A 1 9  ? 15.354  0.450   -3.696  1.00 106.48 ? 9  DC A "C1'" 1 
ATOM 175 N N1    . DC A 1 9  ? 13.976  1.011   -3.794  1.00 102.67 ? 9  DC A N1    1 
ATOM 176 C C2    . DC A 1 9  ? 12.880  0.142   -3.741  1.00 99.10  ? 9  DC A C2    1 
ATOM 177 O O2    . DC A 1 9  ? 13.080  -1.071  -3.606  1.00 98.82  ? 9  DC A O2    1 
ATOM 178 N N3    . DC A 1 9  ? 11.628  0.655   -3.833  1.00 91.59  ? 9  DC A N3    1 
ATOM 179 C C4    . DC A 1 9  ? 11.456  1.969   -3.977  1.00 94.22  ? 9  DC A C4    1 
ATOM 180 N N4    . DC A 1 9  ? 10.204  2.427   -4.066  1.00 94.90  ? 9  DC A N4    1 
ATOM 181 C C5    . DC A 1 9  ? 12.562  2.872   -4.037  1.00 96.68  ? 9  DC A C5    1 
ATOM 182 C C6    . DC A 1 9  ? 13.792  2.354   -3.943  1.00 101.51 ? 9  DC A C6    1 
ATOM 183 P P     . DA A 1 10 ? 18.171  -1.959  -5.751  1.00 129.45 ? 10 DA A P     1 
ATOM 184 O OP1   . DA A 1 10 ? 19.054  -3.094  -5.402  1.00 129.35 ? 10 DA A OP1   1 
ATOM 185 O OP2   . DA A 1 10 ? 18.524  -1.064  -6.874  1.00 127.54 ? 10 DA A OP2   1 
ATOM 186 O "O5'" . DA A 1 10 ? 16.706  -2.535  -6.023  1.00 120.80 ? 10 DA A "O5'" 1 
ATOM 187 C "C5'" . DA A 1 10 ? 16.059  -3.323  -5.034  1.00 121.99 ? 10 DA A "C5'" 1 
ATOM 188 C "C4'" . DA A 1 10 ? 15.456  -4.573  -5.648  1.00 123.39 ? 10 DA A "C4'" 1 
ATOM 189 O "O4'" . DA A 1 10 ? 14.013  -4.469  -5.652  1.00 125.74 ? 10 DA A "O4'" 1 
ATOM 190 C "C3'" . DA A 1 10 ? 15.833  -4.826  -7.093  1.00 125.26 ? 10 DA A "C3'" 1 
ATOM 191 O "O3'" . DA A 1 10 ? 15.737  -6.209  -7.378  1.00 128.88 ? 10 DA A "O3'" 1 
ATOM 192 C "C2'" . DA A 1 10 ? 14.782  -4.022  -7.855  1.00 116.00 ? 10 DA A "C2'" 1 
ATOM 193 C "C1'" . DA A 1 10 ? 13.552  -4.129  -6.949  1.00 118.07 ? 10 DA A "C1'" 1 
ATOM 194 N N9    . DA A 1 10 ? 12.794  -2.882  -6.847  1.00 102.92 ? 10 DA A N9    1 
ATOM 195 C C8    . DA A 1 10 ? 13.297  -1.628  -6.632  1.00 99.97  ? 10 DA A C8    1 
ATOM 196 N N7    . DA A 1 10 ? 12.381  -0.689  -6.583  1.00 94.59  ? 10 DA A N7    1 
ATOM 197 C C5    . DA A 1 10 ? 11.191  -1.372  -6.772  1.00 92.92  ? 10 DA A C5    1 
ATOM 198 C C6    . DA A 1 10 ? 9.848   -0.944  -6.823  1.00 86.03  ? 10 DA A C6    1 
ATOM 199 N N6    . DA A 1 10 ? 9.475   0.332   -6.679  1.00 84.24  ? 10 DA A N6    1 
ATOM 200 N N1    . DA A 1 10 ? 8.901   -1.882  -7.027  1.00 84.03  ? 10 DA A N1    1 
ATOM 201 C C2    . DA A 1 10 ? 9.276   -3.158  -7.173  1.00 83.30  ? 10 DA A C2    1 
ATOM 202 N N3    . DA A 1 10 ? 10.503  -3.681  -7.143  1.00 88.59  ? 10 DA A N3    1 
ATOM 203 C C4    . DA A 1 10 ? 11.424  -2.724  -6.937  1.00 95.14  ? 10 DA A C4    1 
ATOM 204 P P     . DG A 1 11 ? 16.438  -6.804  -8.694  1.00 134.43 ? 11 DG A P     1 
ATOM 205 O OP1   . DG A 1 11 ? 17.131  -8.057  -8.314  1.00 162.50 ? 11 DG A OP1   1 
ATOM 206 O OP2   . DG A 1 11 ? 17.197  -5.696  -9.315  1.00 128.73 ? 11 DG A OP2   1 
ATOM 207 O "O5'" . DG A 1 11 ? 15.211  -7.144  -9.662  1.00 122.12 ? 11 DG A "O5'" 1 
ATOM 208 C "C5'" . DG A 1 11 ? 14.207  -8.061  -9.245  1.00 119.36 ? 11 DG A "C5'" 1 
ATOM 209 C "C4'" . DG A 1 11 ? 12.981  -7.971  -10.141 1.00 116.05 ? 11 DG A "C4'" 1 
ATOM 210 O "O4'" . DG A 1 11 ? 12.253  -6.742  -9.868  1.00 119.70 ? 11 DG A "O4'" 1 
ATOM 211 C "C3'" . DG A 1 11 ? 13.269  -7.958  -11.642 1.00 115.72 ? 11 DG A "C3'" 1 
ATOM 212 O "O3'" . DG A 1 11 ? 12.304  -8.741  -12.303 1.00 114.13 ? 11 DG A "O3'" 1 
ATOM 213 C "C2'" . DG A 1 11 ? 13.119  -6.482  -12.004 1.00 106.95 ? 11 DG A "C2'" 1 
ATOM 214 C "C1'" . DG A 1 11 ? 11.978  -6.090  -11.091 1.00 104.73 ? 11 DG A "C1'" 1 
ATOM 215 N N9    . DG A 1 11 ? 11.887  -4.656  -10.841 1.00 92.06  ? 11 DG A N9    1 
ATOM 216 C C8    . DG A 1 11 ? 12.926  -3.788  -10.601 1.00 99.05  ? 11 DG A C8    1 
ATOM 217 N N7    . DG A 1 11 ? 12.542  -2.557  -10.395 1.00 88.25  ? 11 DG A N7    1 
ATOM 218 C C5    . DG A 1 11 ? 11.161  -2.611  -10.506 1.00 86.43  ? 11 DG A C5    1 
ATOM 219 C C6    . DG A 1 11 ? 10.199  -1.582  -10.380 1.00 78.69  ? 11 DG A C6    1 
ATOM 220 O O6    . DG A 1 11 ? 10.383  -0.382  -10.137 1.00 77.53  ? 11 DG A O6    1 
ATOM 221 N N1    . DG A 1 11 ? 8.908   -2.062  -10.563 1.00 79.26  ? 11 DG A N1    1 
ATOM 222 C C2    . DG A 1 11 ? 8.586   -3.371  -10.836 1.00 80.54  ? 11 DG A C2    1 
ATOM 223 N N2    . DG A 1 11 ? 7.281   -3.638  -10.982 1.00 79.70  ? 11 DG A N2    1 
ATOM 224 N N3    . DG A 1 11 ? 9.477   -4.348  -10.957 1.00 81.73  ? 11 DG A N3    1 
ATOM 225 C C4    . DG A 1 11 ? 10.741  -3.896  -10.778 1.00 87.14  ? 11 DG A C4    1 
ATOM 226 P P     . DA A 1 12 ? 12.584  -9.293  -13.782 1.00 114.54 ? 12 DA A P     1 
ATOM 227 O OP1   . DA A 1 12 ? 13.572  -10.387 -13.666 1.00 125.23 ? 12 DA A OP1   1 
ATOM 228 O OP2   . DA A 1 12 ? 12.887  -8.136  -14.654 1.00 117.40 ? 12 DA A OP2   1 
ATOM 229 O "O5'" . DA A 1 12 ? 11.168  -9.885  -14.224 1.00 110.62 ? 12 DA A "O5'" 1 
ATOM 230 C "C5'" . DA A 1 12 ? 9.976   -9.333  -13.676 1.00 108.09 ? 12 DA A "C5'" 1 
ATOM 231 C "C4'" . DA A 1 12 ? 9.187   -8.591  -14.737 1.00 103.68 ? 12 DA A "C4'" 1 
ATOM 232 O "O4'" . DA A 1 12 ? 8.787   -7.302  -14.225 1.00 101.13 ? 12 DA A "O4'" 1 
ATOM 233 C "C3'" . DA A 1 12 ? 9.961   -8.283  -16.003 1.00 98.62  ? 12 DA A "C3'" 1 
ATOM 234 O "O3'" . DA A 1 12 ? 9.877   -9.379  -16.898 1.00 94.32  ? 12 DA A "O3'" 1 
ATOM 235 C "C2'" . DA A 1 12 ? 9.224   -7.066  -16.547 1.00 99.78  ? 12 DA A "C2'" 1 
ATOM 236 C "C1'" . DA A 1 12 ? 8.774   -6.350  -15.275 1.00 92.69  ? 12 DA A "C1'" 1 
ATOM 237 N N9    . DA A 1 12 ? 9.637   -5.234  -14.902 1.00 85.22  ? 12 DA A N9    1 
ATOM 238 C C8    . DA A 1 12 ? 11.000  -5.247  -14.785 1.00 86.71  ? 12 DA A C8    1 
ATOM 239 N N7    . DA A 1 12 ? 11.512  -4.092  -14.430 1.00 82.98  ? 12 DA A N7    1 
ATOM 240 C C5    . DA A 1 12 ? 10.408  -3.265  -14.304 1.00 79.46  ? 12 DA A C5    1 
ATOM 241 C C6    . DA A 1 12 ? 10.275  -1.909  -13.952 1.00 76.83  ? 12 DA A C6    1 
ATOM 242 N N6    . DA A 1 12 ? 11.311  -1.122  -13.648 1.00 76.69  ? 12 DA A N6    1 
ATOM 243 N N1    . DA A 1 12 ? 9.030   -1.390  -13.923 1.00 76.10  ? 12 DA A N1    1 
ATOM 244 C C2    . DA A 1 12 ? 7.995   -2.183  -14.228 1.00 78.92  ? 12 DA A C2    1 
ATOM 245 N N3    . DA A 1 12 ? 7.996   -3.470  -14.574 1.00 76.24  ? 12 DA A N3    1 
ATOM 246 C C4    . DA A 1 12 ? 9.245   -3.954  -14.593 1.00 78.84  ? 12 DA A C4    1 
ATOM 247 P P     . DC B 2 1  ? -10.217 -4.855  -21.212 1.00 108.34 ? 12 DC B P     1 
ATOM 248 O OP1   . DC B 2 1  ? -9.625  -5.899  -22.077 1.00 99.53  ? 12 DC B OP1   1 
ATOM 249 O OP2   . DC B 2 1  ? -9.444  -3.641  -20.858 1.00 101.55 ? 12 DC B OP2   1 
ATOM 250 O "O5'" . DC B 2 1  ? -10.697 -5.542  -19.852 1.00 105.38 ? 12 DC B "O5'" 1 
ATOM 251 C "C5'" . DC B 2 1  ? -11.278 -6.837  -19.877 1.00 100.63 ? 12 DC B "C5'" 1 
ATOM 252 C "C4'" . DC B 2 1  ? -11.902 -7.166  -18.535 1.00 99.05  ? 12 DC B "C4'" 1 
ATOM 253 O "O4'" . DC B 2 1  ? -10.960 -7.899  -17.719 1.00 102.69 ? 12 DC B "O4'" 1 
ATOM 254 C "C3'" . DC B 2 1  ? -12.321 -5.946  -17.706 1.00 97.92  ? 12 DC B "C3'" 1 
ATOM 255 O "O3'" . DC B 2 1  ? -13.725 -5.955  -17.507 1.00 103.41 ? 12 DC B "O3'" 1 
ATOM 256 C "C2'" . DC B 2 1  ? -11.559 -6.108  -16.382 1.00 96.03  ? 12 DC B "C2'" 1 
ATOM 257 C "C1'" . DC B 2 1  ? -11.228 -7.590  -16.380 1.00 90.79  ? 12 DC B "C1'" 1 
ATOM 258 N N1    . DC B 2 1  ? -10.033 -7.941  -15.552 1.00 83.34  ? 12 DC B N1    1 
ATOM 259 C C2    . DC B 2 1  ? -10.151 -8.889  -14.522 1.00 82.94  ? 12 DC B C2    1 
ATOM 260 O O2    . DC B 2 1  ? -11.244 -9.428  -14.317 1.00 85.88  ? 12 DC B O2    1 
ATOM 261 N N3    . DC B 2 1  ? -9.059  -9.193  -13.779 1.00 76.94  ? 12 DC B N3    1 
ATOM 262 C C4    . DC B 2 1  ? -7.898  -8.590  -14.030 1.00 77.60  ? 12 DC B C4    1 
ATOM 263 N N4    . DC B 2 1  ? -6.851  -8.922  -13.271 1.00 79.29  ? 12 DC B N4    1 
ATOM 264 C C5    . DC B 2 1  ? -7.759  -7.619  -15.069 1.00 78.96  ? 12 DC B C5    1 
ATOM 265 C C6    . DC B 2 1  ? -8.841  -7.329  -15.798 1.00 82.31  ? 12 DC B C6    1 
ATOM 266 P P     . DG B 2 2  ? -14.493 -4.597  -17.120 1.00 109.28 ? 13 DG B P     1 
ATOM 267 O OP1   . DG B 2 2  ? -15.651 -4.461  -18.033 1.00 107.05 ? 13 DG B OP1   1 
ATOM 268 O OP2   . DG B 2 2  ? -13.497 -3.506  -17.047 1.00 99.79  ? 13 DG B OP2   1 
ATOM 269 O "O5'" . DG B 2 2  ? -15.028 -4.887  -15.646 1.00 100.80 ? 13 DG B "O5'" 1 
ATOM 270 C "C5'" . DG B 2 2  ? -15.973 -5.918  -15.440 1.00 104.27 ? 13 DG B "C5'" 1 
ATOM 271 C "C4'" . DG B 2 2  ? -15.687 -6.661  -14.152 1.00 110.08 ? 13 DG B "C4'" 1 
ATOM 272 O "O4'" . DG B 2 2  ? -14.264 -6.877  -14.023 1.00 105.21 ? 13 DG B "O4'" 1 
ATOM 273 C "C3'" . DG B 2 2  ? -16.113 -5.929  -12.872 1.00 113.83 ? 13 DG B "C3'" 1 
ATOM 274 O "O3'" . DG B 2 2  ? -17.187 -6.626  -12.236 1.00 121.55 ? 13 DG B "O3'" 1 
ATOM 275 C "C2'" . DG B 2 2  ? -14.850 -5.930  -11.998 1.00 103.75 ? 13 DG B "C2'" 1 
ATOM 276 C "C1'" . DG B 2 2  ? -13.985 -6.988  -12.659 1.00 100.92 ? 13 DG B "C1'" 1 
ATOM 277 N N9    . DG B 2 2  ? -12.560 -6.774  -12.430 1.00 89.73  ? 13 DG B N9    1 
ATOM 278 C C8    . DG B 2 2  ? -11.734 -5.896  -13.087 1.00 84.25  ? 13 DG B C8    1 
ATOM 279 N N7    . DG B 2 2  ? -10.507 -5.910  -12.645 1.00 79.62  ? 13 DG B N7    1 
ATOM 280 C C5    . DG B 2 2  ? -10.526 -6.848  -11.620 1.00 77.08  ? 13 DG B C5    1 
ATOM 281 C C6    . DG B 2 2  ? -9.487  -7.289  -10.773 1.00 73.29  ? 13 DG B C6    1 
ATOM 282 O O6    . DG B 2 2  ? -8.305  -6.927  -10.756 1.00 70.84  ? 13 DG B O6    1 
ATOM 283 N N1    . DG B 2 2  ? -9.931  -8.255  -9.875  1.00 76.79  ? 13 DG B N1    1 
ATOM 284 C C2    . DG B 2 2  ? -11.217 -8.733  -9.804  1.00 79.35  ? 13 DG B C2    1 
ATOM 285 N N2    . DG B 2 2  ? -11.456 -9.662  -8.867  1.00 78.85  ? 13 DG B N2    1 
ATOM 286 N N3    . DG B 2 2  ? -12.202 -8.326  -10.594 1.00 79.43  ? 13 DG B N3    1 
ATOM 287 C C4    . DG B 2 2  ? -11.784 -7.387  -11.475 1.00 80.06  ? 13 DG B C4    1 
ATOM 288 P P     . DG B 2 3  ? -17.985 -5.956  -11.007 1.00 120.85 ? 14 DG B P     1 
ATOM 289 O OP1   . DG B 2 3  ? -19.410 -5.897  -11.402 1.00 134.68 ? 14 DG B OP1   1 
ATOM 290 O OP2   . DG B 2 3  ? -17.289 -4.716  -10.599 1.00 122.77 ? 14 DG B OP2   1 
ATOM 291 O "O5'" . DG B 2 3  ? -17.818 -7.008  -9.815  1.00 116.91 ? 14 DG B "O5'" 1 
ATOM 292 C "C5'" . DG B 2 3  ? -16.775 -7.972  -9.863  1.00 130.35 ? 14 DG B "C5'" 1 
ATOM 293 C "C4'" . DG B 2 3  ? -16.196 -8.226  -8.480  1.00 118.69 ? 14 DG B "C4'" 1 
ATOM 294 O "O4'" . DG B 2 3  ? -14.750 -8.110  -8.537  1.00 106.66 ? 14 DG B "O4'" 1 
ATOM 295 C "C3'" . DG B 2 3  ? -16.668 -7.267  -7.382  1.00 112.59 ? 14 DG B "C3'" 1 
ATOM 296 O "O3'" . DG B 2 3  ? -17.002 -7.999  -6.201  1.00 119.61 ? 14 DG B "O3'" 1 
ATOM 297 C "C2'" . DG B 2 3  ? -15.466 -6.353  -7.159  1.00 104.29 ? 14 DG B "C2'" 1 
ATOM 298 C "C1'" . DG B 2 3  ? -14.289 -7.247  -7.527  1.00 96.17  ? 14 DG B "C1'" 1 
ATOM 299 N N9    . DG B 2 3  ? -13.162 -6.485  -8.052  1.00 84.81  ? 14 DG B N9    1 
ATOM 300 C C8    . DG B 2 3  ? -13.168 -5.657  -9.148  1.00 87.51  ? 14 DG B C8    1 
ATOM 301 N N7    . DG B 2 3  ? -12.020 -5.088  -9.381  1.00 77.55  ? 14 DG B N7    1 
ATOM 302 C C5    . DG B 2 3  ? -11.197 -5.560  -8.372  1.00 75.44  ? 14 DG B C5    1 
ATOM 303 C C6    . DG B 2 3  ? -9.838  -5.284  -8.107  1.00 75.20  ? 14 DG B C6    1 
ATOM 304 O O6    . DG B 2 3  ? -9.067  -4.544  -8.740  1.00 77.44  ? 14 DG B O6    1 
ATOM 305 N N1    . DG B 2 3  ? -9.384  -5.967  -6.984  1.00 70.45  ? 14 DG B N1    1 
ATOM 306 C C2    . DG B 2 3  ? -10.152 -6.810  -6.214  1.00 76.92  ? 14 DG B C2    1 
ATOM 307 N N2    . DG B 2 3  ? -9.539  -7.377  -5.166  1.00 77.67  ? 14 DG B N2    1 
ATOM 308 N N3    . DG B 2 3  ? -11.431 -7.078  -6.450  1.00 76.73  ? 14 DG B N3    1 
ATOM 309 C C4    . DG B 2 3  ? -11.885 -6.421  -7.540  1.00 82.57  ? 14 DG B C4    1 
ATOM 310 P P     . DT B 2 4  ? -17.454 -7.232  -4.859  1.00 133.08 ? 15 DT B P     1 
ATOM 311 O OP1   . DT B 2 4  ? -18.394 -8.128  -4.147  1.00 126.87 ? 15 DT B OP1   1 
ATOM 312 O OP2   . DT B 2 4  ? -17.877 -5.855  -5.208  1.00 123.11 ? 15 DT B OP2   1 
ATOM 313 O "O5'" . DT B 2 4  ? -16.111 -7.149  -4.000  1.00 114.41 ? 15 DT B "O5'" 1 
ATOM 314 C "C5'" . DT B 2 4  ? -15.397 -8.337  -3.711  1.00 109.10 ? 15 DT B "C5'" 1 
ATOM 315 C "C4'" . DT B 2 4  ? -14.452 -8.127  -2.547  1.00 110.27 ? 15 DT B "C4'" 1 
ATOM 316 O "O4'" . DT B 2 4  ? -13.206 -7.563  -3.030  1.00 103.39 ? 15 DT B "O4'" 1 
ATOM 317 C "C3'" . DT B 2 4  ? -14.959 -7.172  -1.466  1.00 109.52 ? 15 DT B "C3'" 1 
ATOM 318 O "O3'" . DT B 2 4  ? -14.580 -7.655  -0.190  1.00 117.54 ? 15 DT B "O3'" 1 
ATOM 319 C "C2'" . DT B 2 4  ? -14.239 -5.869  -1.804  1.00 107.12 ? 15 DT B "C2'" 1 
ATOM 320 C "C1'" . DT B 2 4  ? -12.904 -6.395  -2.304  1.00 97.59  ? 15 DT B "C1'" 1 
ATOM 321 N N1    . DT B 2 4  ? -12.169 -5.452  -3.209  1.00 87.36  ? 15 DT B N1    1 
ATOM 322 C C2    . DT B 2 4  ? -10.857 -5.139  -2.927  1.00 84.91  ? 15 DT B C2    1 
ATOM 323 O O2    . DT B 2 4  ? -10.257 -5.586  -1.967  1.00 91.09  ? 15 DT B O2    1 
ATOM 324 N N3    . DT B 2 4  ? -10.269 -4.276  -3.813  1.00 78.48  ? 15 DT B N3    1 
ATOM 325 C C4    . DT B 2 4  ? -10.847 -3.705  -4.930  1.00 77.84  ? 15 DT B C4    1 
ATOM 326 O O4    . DT B 2 4  ? -10.234 -2.937  -5.665  1.00 74.61  ? 15 DT B O4    1 
ATOM 327 C C5    . DT B 2 4  ? -12.222 -4.076  -5.169  1.00 77.57  ? 15 DT B C5    1 
ATOM 328 C C7    . DT B 2 4  ? -12.955 -3.515  -6.347  1.00 75.48  ? 15 DT B C7    1 
ATOM 329 C C6    . DT B 2 4  ? -12.811 -4.922  -4.308  1.00 84.33  ? 15 DT B C6    1 
ATOM 330 P P     . DG B 2 5  ? -15.252 -7.051  1.138   1.00 128.44 ? 16 DG B P     1 
ATOM 331 O OP1   . DG B 2 5  ? -15.671 -8.192  1.983   1.00 123.08 ? 16 DG B OP1   1 
ATOM 332 O OP2   . DG B 2 5  ? -16.248 -6.039  0.720   1.00 126.25 ? 16 DG B OP2   1 
ATOM 333 O "O5'" . DG B 2 5  ? -14.044 -6.305  1.875   1.00 119.57 ? 16 DG B "O5'" 1 
ATOM 334 C "C5'" . DG B 2 5  ? -12.997 -7.073  2.456   1.00 122.88 ? 16 DG B "C5'" 1 
ATOM 335 C "C4'" . DG B 2 5  ? -11.887 -6.182  2.987   1.00 124.47 ? 16 DG B "C4'" 1 
ATOM 336 O "O4'" . DG B 2 5  ? -11.265 -5.467  1.890   1.00 131.28 ? 16 DG B "O4'" 1 
ATOM 337 C "C3'" . DG B 2 5  ? -12.329 -5.118  3.988   1.00 123.50 ? 16 DG B "C3'" 1 
ATOM 338 O "O3'" . DG B 2 5  ? -11.337 -4.958  4.987   1.00 127.20 ? 16 DG B "O3'" 1 
ATOM 339 C "C2'" . DG B 2 5  ? -12.461 -3.868  3.125   1.00 111.47 ? 16 DG B "C2'" 1 
ATOM 340 C "C1'" . DG B 2 5  ? -11.361 -4.073  2.099   1.00 109.93 ? 16 DG B "C1'" 1 
ATOM 341 N N9    . DG B 2 5  ? -11.659 -3.443  0.821   1.00 100.38 ? 16 DG B N9    1 
ATOM 342 C C8    . DG B 2 5  ? -12.849 -3.498  0.136   1.00 97.97  ? 16 DG B C8    1 
ATOM 343 N N7    . DG B 2 5  ? -12.831 -2.843  -0.990  1.00 87.74  ? 16 DG B N7    1 
ATOM 344 C C5    . DG B 2 5  ? -11.548 -2.317  -1.056  1.00 86.90  ? 16 DG B C5    1 
ATOM 345 C C6    . DG B 2 5  ? -10.943 -1.514  -2.050  1.00 87.92  ? 16 DG B C6    1 
ATOM 346 O O6    . DG B 2 5  ? -11.443 -1.093  -3.102  1.00 87.09  ? 16 DG B O6    1 
ATOM 347 N N1    . DG B 2 5  ? -9.628  -1.201  -1.731  1.00 85.80  ? 16 DG B N1    1 
ATOM 348 C C2    . DG B 2 5  ? -8.976  -1.610  -0.592  1.00 90.91  ? 16 DG B C2    1 
ATOM 349 N N2    . DG B 2 5  ? -7.706  -1.206  -0.457  1.00 93.23  ? 16 DG B N2    1 
ATOM 350 N N3    . DG B 2 5  ? -9.532  -2.363  0.350   1.00 96.68  ? 16 DG B N3    1 
ATOM 351 C C4    . DG B 2 5  ? -10.814 -2.678  0.052   1.00 94.77  ? 16 DG B C4    1 
ATOM 352 P P     . DA B 2 6  ? -11.564 -3.933  6.206   1.00 129.19 ? 17 DA B P     1 
ATOM 353 O OP1   . DA B 2 6  ? -11.181 -4.643  7.443   1.00 126.35 ? 17 DA B OP1   1 
ATOM 354 O OP2   . DA B 2 6  ? -12.914 -3.333  6.097   1.00 125.28 ? 17 DA B OP2   1 
ATOM 355 O "O5'" . DA B 2 6  ? -10.491 -2.787  5.929   1.00 122.11 ? 17 DA B "O5'" 1 
ATOM 356 C "C5'" . DA B 2 6  ? -9.136  -3.141  5.704   1.00 120.62 ? 17 DA B "C5'" 1 
ATOM 357 C "C4'" . DA B 2 6  ? -8.275  -1.910  5.488   1.00 120.19 ? 17 DA B "C4'" 1 
ATOM 358 O "O4'" . DA B 2 6  ? -8.461  -1.407  4.142   1.00 114.88 ? 17 DA B "O4'" 1 
ATOM 359 C "C3'" . DA B 2 6  ? -8.568  -0.743  6.418   1.00 121.63 ? 17 DA B "C3'" 1 
ATOM 360 O "O3'" . DA B 2 6  ? -7.355  -0.097  6.753   1.00 125.06 ? 17 DA B "O3'" 1 
ATOM 361 C "C2'" . DA B 2 6  ? -9.479  0.153   5.579   1.00 116.48 ? 17 DA B "C2'" 1 
ATOM 362 C "C1'" . DA B 2 6  ? -8.946  -0.079  4.172   1.00 112.87 ? 17 DA B "C1'" 1 
ATOM 363 N N9    . DA B 2 6  ? -9.960  0.042   3.124   1.00 106.64 ? 17 DA B N9    1 
ATOM 364 C C8    . DA B 2 6  ? -11.211 -0.510  3.120   1.00 107.12 ? 17 DA B C8    1 
ATOM 365 N N7    . DA B 2 6  ? -11.901 -0.254  2.031   1.00 101.49 ? 17 DA B N7    1 
ATOM 366 C C5    . DA B 2 6  ? -11.037 0.507   1.261   1.00 98.62  ? 17 DA B C5    1 
ATOM 367 C C6    . DA B 2 6  ? -11.170 1.096   -0.016  1.00 95.64  ? 17 DA B C6    1 
ATOM 368 N N6    . DA B 2 6  ? -12.277 0.997   -0.759  1.00 92.29  ? 17 DA B N6    1 
ATOM 369 N N1    . DA B 2 6  ? -10.119 1.793   -0.497  1.00 93.29  ? 17 DA B N1    1 
ATOM 370 C C2    . DA B 2 6  ? -9.014  1.888   0.252   1.00 95.24  ? 17 DA B C2    1 
ATOM 371 N N3    . DA B 2 6  ? -8.772  1.381   1.464   1.00 100.93 ? 17 DA B N3    1 
ATOM 372 C C4    . DA B 2 6  ? -9.834  0.695   1.916   1.00 100.50 ? 17 DA B C4    1 
ATOM 373 P P     . DC B 2 7  ? -7.351  1.162   7.750   1.00 136.94 ? 18 DC B P     1 
ATOM 374 O OP1   . DC B 2 7  ? -6.062  1.141   8.474   1.00 140.32 ? 18 DC B OP1   1 
ATOM 375 O OP2   . DC B 2 7  ? -8.620  1.161   8.509   1.00 127.51 ? 18 DC B OP2   1 
ATOM 376 O "O5'" . DC B 2 7  ? -7.357  2.414   6.763   1.00 124.49 ? 18 DC B "O5'" 1 
ATOM 377 C "C5'" . DC B 2 7  ? -6.421  2.463   5.701   1.00 121.28 ? 18 DC B "C5'" 1 
ATOM 378 C "C4'" . DC B 2 7  ? -6.631  3.696   4.848   1.00 119.37 ? 18 DC B "C4'" 1 
ATOM 379 O "O4'" . DC B 2 7  ? -7.657  3.445   3.862   1.00 112.91 ? 18 DC B "O4'" 1 
ATOM 380 C "C3'" . DC B 2 7  ? -7.059  4.952   5.611   1.00 120.89 ? 18 DC B "C3'" 1 
ATOM 381 O "O3'" . DC B 2 7  ? -6.098  5.971   5.401   1.00 123.51 ? 18 DC B "O3'" 1 
ATOM 382 C "C2'" . DC B 2 7  ? -8.431  5.313   5.011   1.00 113.03 ? 18 DC B "C2'" 1 
ATOM 383 C "C1'" . DC B 2 7  ? -8.390  4.622   3.656   1.00 110.35 ? 18 DC B "C1'" 1 
ATOM 384 N N1    . DC B 2 7  ? -9.730  4.231   3.114   1.00 103.91 ? 18 DC B N1    1 
ATOM 385 C C2    . DC B 2 7  ? -10.095 4.622   1.819   1.00 98.66  ? 18 DC B C2    1 
ATOM 386 O O2    . DC B 2 7  ? -9.311  5.304   1.154   1.00 99.53  ? 18 DC B O2    1 
ATOM 387 N N3    . DC B 2 7  ? -11.302 4.244   1.333   1.00 95.69  ? 18 DC B N3    1 
ATOM 388 C C4    . DC B 2 7  ? -12.121 3.505   2.083   1.00 100.36 ? 18 DC B C4    1 
ATOM 389 N N4    . DC B 2 7  ? -13.300 3.157   1.563   1.00 101.65 ? 18 DC B N4    1 
ATOM 390 C C5    . DC B 2 7  ? -11.765 3.090   3.402   1.00 102.98 ? 18 DC B C5    1 
ATOM 391 C C6    . DC B 2 7  ? -10.571 3.467   3.871   1.00 105.68 ? 18 DC B C6    1 
ATOM 392 P P     . DT B 2 8  ? -6.306  7.437   6.018   1.00 130.81 ? 19 DT B P     1 
ATOM 393 O OP1   . DT B 2 8  ? -4.955  7.984   6.275   1.00 128.45 ? 19 DT B OP1   1 
ATOM 394 O OP2   . DT B 2 8  ? -7.291  7.370   7.122   1.00 132.95 ? 19 DT B OP2   1 
ATOM 395 O "O5'" . DT B 2 8  ? -6.949  8.250   4.807   1.00 128.10 ? 19 DT B "O5'" 1 
ATOM 396 C "C5'" . DT B 2 8  ? -6.344  8.185   3.526   1.00 125.23 ? 19 DT B "C5'" 1 
ATOM 397 C "C4'" . DT B 2 8  ? -6.910  9.247   2.605   1.00 129.61 ? 19 DT B "C4'" 1 
ATOM 398 O "O4'" . DT B 2 8  ? -8.114  8.748   1.968   1.00 120.37 ? 19 DT B "O4'" 1 
ATOM 399 C "C3'" . DT B 2 8  ? -7.293  10.556  3.290   1.00 138.00 ? 19 DT B "C3'" 1 
ATOM 400 O "O3'" . DT B 2 8  ? -6.910  11.657  2.481   1.00 147.76 ? 19 DT B "O3'" 1 
ATOM 401 C "C2'" . DT B 2 8  ? -8.810  10.452  3.439   1.00 129.52 ? 19 DT B "C2'" 1 
ATOM 402 C "C1'" . DT B 2 8  ? -9.205  9.604   2.235   1.00 123.07 ? 19 DT B "C1'" 1 
ATOM 403 N N1    . DT B 2 8  ? -10.400 8.752   2.483   1.00 110.03 ? 19 DT B N1    1 
ATOM 404 C C2    . DT B 2 8  ? -11.321 8.568   1.478   1.00 107.49 ? 19 DT B C2    1 
ATOM 405 O O2    . DT B 2 8  ? -11.223 9.080   0.379   1.00 111.65 ? 19 DT B O2    1 
ATOM 406 N N3    . DT B 2 8  ? -12.374 7.758   1.807   1.00 104.05 ? 19 DT B N3    1 
ATOM 407 C C4    . DT B 2 8  ? -12.593 7.124   3.013   1.00 104.28 ? 19 DT B C4    1 
ATOM 408 O O4    . DT B 2 8  ? -13.574 6.410   3.211   1.00 101.96 ? 19 DT B O4    1 
ATOM 409 C C5    . DT B 2 8  ? -11.589 7.355   4.023   1.00 105.66 ? 19 DT B C5    1 
ATOM 410 C C7    . DT B 2 8  ? -11.721 6.721   5.374   1.00 104.29 ? 19 DT B C7    1 
ATOM 411 C C6    . DT B 2 8  ? -10.553 8.149   3.712   1.00 109.66 ? 19 DT B C6    1 
ATOM 412 P P     . DC B 2 9  ? -7.225  13.161  2.951   1.00 146.26 ? 20 DC B P     1 
ATOM 413 O OP1   . DC B 2 9  ? -6.060  13.982  2.556   1.00 152.63 ? 20 DC B OP1   1 
ATOM 414 O OP2   . DC B 2 9  ? -7.655  13.145  4.369   1.00 145.71 ? 20 DC B OP2   1 
ATOM 415 O "O5'" . DC B 2 9  ? -8.470  13.579  2.041   1.00 143.20 ? 20 DC B "O5'" 1 
ATOM 416 C "C5'" . DC B 2 9  ? -8.388  13.438  0.625   1.00 141.56 ? 20 DC B "C5'" 1 
ATOM 417 C "C4'" . DC B 2 9  ? -9.664  13.913  -0.044  1.00 142.02 ? 20 DC B "C4'" 1 
ATOM 418 O "O4'" . DC B 2 9  ? -10.716 12.930  0.156   1.00 133.80 ? 20 DC B "O4'" 1 
ATOM 419 C "C3'" . DC B 2 9  ? -10.216 15.239  0.483   1.00 139.48 ? 20 DC B "C3'" 1 
ATOM 420 O "O3'" . DC B 2 9  ? -10.682 16.035  -0.600  1.00 156.48 ? 20 DC B "O3'" 1 
ATOM 421 C "C2'" . DC B 2 9  ? -11.366 14.798  1.387   1.00 132.69 ? 20 DC B "C2'" 1 
ATOM 422 C "C1'" . DC B 2 9  ? -11.870 13.574  0.642   1.00 130.24 ? 20 DC B "C1'" 1 
ATOM 423 N N1    . DC B 2 9  ? -12.617 12.618  1.503   1.00 121.01 ? 20 DC B N1    1 
ATOM 424 C C2    . DC B 2 9  ? -13.733 11.949  0.985   1.00 116.89 ? 20 DC B C2    1 
ATOM 425 O O2    . DC B 2 9  ? -14.077 12.162  -0.183  1.00 115.22 ? 20 DC B O2    1 
ATOM 426 N N3    . DC B 2 9  ? -14.403 11.078  1.779   1.00 116.33 ? 20 DC B N3    1 
ATOM 427 C C4    . DC B 2 9  ? -14.000 10.876  3.035   1.00 112.23 ? 20 DC B C4    1 
ATOM 428 N N4    . DC B 2 9  ? -14.694 10.009  3.779   1.00 106.75 ? 20 DC B N4    1 
ATOM 429 C C5    . DC B 2 9  ? -12.866 11.552  3.581   1.00 112.68 ? 20 DC B C5    1 
ATOM 430 C C6    . DC B 2 9  ? -12.212 12.406  2.787   1.00 118.28 ? 20 DC B C6    1 
ATOM 431 P P     . DT C 3 1  ? 4.547   9.238   -14.039 1.00 151.26 ? 0  DT C P     1 
ATOM 432 O OP1   . DT C 3 1  ? 4.617   9.450   -12.576 1.00 133.39 ? 0  DT C OP1   1 
ATOM 433 O OP2   . DT C 3 1  ? 5.456   9.986   -14.939 1.00 183.43 ? 0  DT C OP2   1 
ATOM 434 O "O5'" . DT C 3 1  ? 4.699   7.674   -14.346 1.00 117.87 ? 0  DT C "O5'" 1 
ATOM 435 C "C5'" . DT C 3 1  ? 4.414   6.734   -13.327 1.00 111.19 ? 0  DT C "C5'" 1 
ATOM 436 C "C4'" . DT C 3 1  ? 3.723   5.512   -13.896 1.00 105.11 ? 0  DT C "C4'" 1 
ATOM 437 O "O4'" . DT C 3 1  ? 4.721   4.563   -14.360 1.00 99.30  ? 0  DT C "O4'" 1 
ATOM 438 C "C3'" . DT C 3 1  ? 2.866   4.754   -12.892 1.00 103.16 ? 0  DT C "C3'" 1 
ATOM 439 O "O3'" . DT C 3 1  ? 1.728   4.211   -13.535 1.00 108.98 ? 0  DT C "O3'" 1 
ATOM 440 C "C2'" . DT C 3 1  ? 3.811   3.663   -12.402 1.00 98.19  ? 0  DT C "C2'" 1 
ATOM 441 C "C1'" . DT C 3 1  ? 4.566   3.336   -13.679 1.00 92.44  ? 0  DT C "C1'" 1 
ATOM 442 N N1    . DT C 3 1  ? 5.922   2.748   -13.451 1.00 86.93  ? 0  DT C N1    1 
ATOM 443 C C2    . DT C 3 1  ? 6.126   1.410   -13.709 1.00 87.81  ? 0  DT C C2    1 
ATOM 444 O O2    . DT C 3 1  ? 5.249   0.666   -14.108 1.00 97.17  ? 0  DT C O2    1 
ATOM 445 N N3    . DT C 3 1  ? 7.400   0.968   -13.479 1.00 78.96  ? 0  DT C N3    1 
ATOM 446 C C4    . DT C 3 1  ? 8.472   1.715   -13.032 1.00 80.30  ? 0  DT C C4    1 
ATOM 447 O O4    . DT C 3 1  ? 9.583   1.226   -12.858 1.00 75.41  ? 0  DT C O4    1 
ATOM 448 C C5    . DT C 3 1  ? 8.191   3.111   -12.782 1.00 83.11  ? 0  DT C C5    1 
ATOM 449 C C7    . DT C 3 1  ? 9.278   4.021   -12.292 1.00 78.35  ? 0  DT C C7    1 
ATOM 450 C C6    . DT C 3 1  ? 6.944   3.553   -13.003 1.00 86.98  ? 0  DT C C6    1 
ATOM 451 P P     . DC C 3 2  ? 0.446   3.791   -12.659 1.00 115.80 ? 1  DC C P     1 
ATOM 452 O OP1   . DC C 3 2  ? -0.749  3.828   -13.530 1.00 109.48 ? 1  DC C OP1   1 
ATOM 453 O OP2   . DC C 3 2  ? 0.472   4.628   -11.441 1.00 99.31  ? 1  DC C OP2   1 
ATOM 454 O "O5'" . DC C 3 2  ? 0.754   2.276   -12.239 1.00 97.88  ? 1  DC C "O5'" 1 
ATOM 455 C "C5'" . DC C 3 2  ? 1.066   1.322   -13.242 1.00 96.28  ? 1  DC C "C5'" 1 
ATOM 456 C "C4'" . DC C 3 2  ? 1.345   -0.052  -12.644 1.00 100.20 ? 1  DC C "C4'" 1 
ATOM 457 O "O4'" . DC C 3 2  ? 2.767   -0.223  -12.414 1.00 102.43 ? 1  DC C "O4'" 1 
ATOM 458 C "C3'" . DC C 3 2  ? 0.666   -0.352  -11.313 1.00 91.22  ? 1  DC C "C3'" 1 
ATOM 459 O "O3'" . DC C 3 2  ? 0.201   -1.687  -11.327 1.00 87.77  ? 1  DC C "O3'" 1 
ATOM 460 C "C2'" . DC C 3 2  ? 1.801   -0.172  -10.301 1.00 96.41  ? 1  DC C "C2'" 1 
ATOM 461 C "C1'" . DC C 3 2  ? 2.978   -0.699  -11.102 1.00 94.94  ? 1  DC C "C1'" 1 
ATOM 462 N N1    . DC C 3 2  ? 4.314   -0.200  -10.648 1.00 91.29  ? 1  DC C N1    1 
ATOM 463 C C2    . DC C 3 2  ? 5.409   -1.076  -10.621 1.00 87.41  ? 1  DC C C2    1 
ATOM 464 O O2    . DC C 3 2  ? 5.245   -2.257  -10.946 1.00 88.10  ? 1  DC C O2    1 
ATOM 465 N N3    . DC C 3 2  ? 6.620   -0.603  -10.232 1.00 81.98  ? 1  DC C N3    1 
ATOM 466 C C4    . DC C 3 2  ? 6.755   0.679   -9.892  1.00 84.04  ? 1  DC C C4    1 
ATOM 467 N N4    . DC C 3 2  ? 7.967   1.101   -9.517  1.00 78.10  ? 1  DC C N4    1 
ATOM 468 C C5    . DC C 3 2  ? 5.654   1.589   -9.923  1.00 82.65  ? 1  DC C C5    1 
ATOM 469 C C6    . DC C 3 2  ? 4.466   1.110   -10.305 1.00 86.31  ? 1  DC C C6    1 
ATOM 470 P P     . DT C 3 3  ? -0.962  -2.144  -10.325 1.00 99.51  ? 2  DT C P     1 
ATOM 471 O OP1   . DT C 3 3  ? -1.825  -3.117  -11.026 1.00 80.96  ? 2  DT C OP1   1 
ATOM 472 O OP2   . DT C 3 3  ? -1.555  -0.910  -9.764  1.00 94.61  ? 2  DT C OP2   1 
ATOM 473 O "O5'" . DT C 3 3  ? -0.182  -2.942  -9.181  1.00 89.77  ? 2  DT C "O5'" 1 
ATOM 474 C "C5'" . DT C 3 3  ? 0.119   -4.308  -9.379  1.00 86.20  ? 2  DT C "C5'" 1 
ATOM 475 C "C4'" . DT C 3 3  ? 1.254   -4.767  -8.481  1.00 89.61  ? 2  DT C "C4'" 1 
ATOM 476 O "O4'" . DT C 3 3  ? 2.414   -3.943  -8.685  1.00 89.97  ? 2  DT C "O4'" 1 
ATOM 477 C "C3'" . DT C 3 3  ? 1.018   -4.635  -6.991  1.00 82.72  ? 2  DT C "C3'" 1 
ATOM 478 O "O3'" . DT C 3 3  ? 0.182   -5.703  -6.478  1.00 83.78  ? 2  DT C "O3'" 1 
ATOM 479 C "C2'" . DT C 3 3  ? 2.444   -4.683  -6.434  1.00 79.33  ? 2  DT C "C2'" 1 
ATOM 480 C "C1'" . DT C 3 3  ? 3.302   -4.216  -7.623  1.00 85.70  ? 2  DT C "C1'" 1 
ATOM 481 N N1    . DT C 3 3  ? 4.108   -3.014  -7.323  1.00 82.41  ? 2  DT C N1    1 
ATOM 482 C C2    . DT C 3 3  ? 5.467   -3.147  -7.184  1.00 84.52  ? 2  DT C C2    1 
ATOM 483 O O2    . DT C 3 3  ? 6.048   -4.206  -7.315  1.00 89.24  ? 2  DT C O2    1 
ATOM 484 N N3    . DT C 3 3  ? 6.133   -1.989  -6.897  1.00 80.55  ? 2  DT C N3    1 
ATOM 485 C C4    . DT C 3 3  ? 5.586   -0.736  -6.730  1.00 82.48  ? 2  DT C C4    1 
ATOM 486 O O4    . DT C 3 3  ? 6.273   0.249   -6.475  1.00 78.23  ? 2  DT C O4    1 
ATOM 487 C C5    . DT C 3 3  ? 4.150   -0.666  -6.881  1.00 84.22  ? 2  DT C C5    1 
ATOM 488 C C7    . DT C 3 3  ? 3.441   0.640   -6.723  1.00 84.41  ? 2  DT C C7    1 
ATOM 489 C C6    . DT C 3 3  ? 3.487   -1.798  -7.162  1.00 84.68  ? 2  DT C C6    1 
ATOM 490 P P     . DC C 3 4  ? 0.506   -7.264  -6.723  1.00 103.76 ? 3  DC C P     1 
ATOM 491 O OP1   . DC C 3 4  ? 1.891   -7.596  -6.324  1.00 96.79  ? 3  DC C OP1   1 
ATOM 492 O OP2   . DC C 3 4  ? 0.027   -7.622  -8.073  1.00 91.89  ? 3  DC C OP2   1 
ATOM 493 O "O5'" . DC C 3 4  ? -0.461  -7.997  -5.683  1.00 91.06  ? 3  DC C "O5'" 1 
ATOM 494 C "C5'" . DC C 3 4  ? -0.533  -7.538  -4.341  1.00 89.89  ? 3  DC C "C5'" 1 
ATOM 495 C "C4'" . DC C 3 4  ? -1.954  -7.625  -3.820  1.00 84.60  ? 3  DC C "C4'" 1 
ATOM 496 O "O4'" . DC C 3 4  ? -2.696  -6.466  -4.237  1.00 73.07  ? 3  DC C "O4'" 1 
ATOM 497 C "C3'" . DC C 3 4  ? -2.748  -8.794  -4.358  1.00 91.62  ? 3  DC C "C3'" 1 
ATOM 498 O "O3'" . DC C 3 4  ? -2.476  -9.946  -3.581  1.00 94.11  ? 3  DC C "O3'" 1 
ATOM 499 C "C2'" . DC C 3 4  ? -4.191  -8.321  -4.182  1.00 76.92  ? 3  DC C "C2'" 1 
ATOM 500 C "C1'" . DC C 3 4  ? -4.073  -6.790  -4.295  1.00 73.55  ? 3  DC C "C1'" 1 
ATOM 501 N N1    . DC C 3 4  ? -4.636  -6.216  -5.559  1.00 72.23  ? 3  DC C N1    1 
ATOM 502 C C2    . DC C 3 4  ? -5.993  -6.386  -5.875  1.00 75.47  ? 3  DC C C2    1 
ATOM 503 O O2    . DC C 3 4  ? -6.725  -7.021  -5.106  1.00 78.56  ? 3  DC C O2    1 
ATOM 504 N N3    . DC C 3 4  ? -6.470  -5.845  -7.024  1.00 74.55  ? 3  DC C N3    1 
ATOM 505 C C4    . DC C 3 4  ? -5.657  -5.163  -7.832  1.00 71.68  ? 3  DC C C4    1 
ATOM 506 N N4    . DC C 3 4  ? -6.172  -4.652  -8.954  1.00 71.61  ? 3  DC C N4    1 
ATOM 507 C C5    . DC C 3 4  ? -4.278  -4.976  -7.524  1.00 70.51  ? 3  DC C C5    1 
ATOM 508 C C6    . DC C 3 4  ? -3.816  -5.511  -6.390  1.00 72.69  ? 3  DC C C6    1 
ATOM 509 P P     . DC C 3 5  ? -2.362  -11.382 -4.286  1.00 98.53  ? 4  DC C P     1 
ATOM 510 O OP1   . DC C 3 5  ? -1.682  -12.295 -3.338  1.00 106.05 ? 4  DC C OP1   1 
ATOM 511 O OP2   . DC C 3 5  ? -1.826  -11.162 -5.648  1.00 95.15  ? 4  DC C OP2   1 
ATOM 512 O "O5'" . DC C 3 5  ? -3.880  -11.851 -4.436  1.00 90.85  ? 4  DC C "O5'" 1 
ATOM 513 C "C5'" . DC C 3 5  ? -4.697  -11.985 -3.284  1.00 102.45 ? 4  DC C "C5'" 1 
ATOM 514 C "C4'" . DC C 3 5  ? -6.141  -12.177 -3.694  1.00 104.42 ? 4  DC C "C4'" 1 
ATOM 515 O "O4'" . DC C 3 5  ? -6.641  -10.947 -4.253  1.00 92.25  ? 4  DC C "O4'" 1 
ATOM 516 C "C3'" . DC C 3 5  ? -6.345  -13.230 -4.765  1.00 99.36  ? 4  DC C "C3'" 1 
ATOM 517 O "O3'" . DC C 3 5  ? -6.609  -14.481 -4.141  1.00 104.30 ? 4  DC C "O3'" 1 
ATOM 518 C "C2'" . DC C 3 5  ? -7.556  -12.718 -5.552  1.00 100.22 ? 4  DC C "C2'" 1 
ATOM 519 C "C1'" . DC C 3 5  ? -7.560  -11.215 -5.292  1.00 90.64  ? 4  DC C "C1'" 1 
ATOM 520 N N1    . DC C 3 5  ? -7.197  -10.361 -6.478  1.00 84.04  ? 4  DC C N1    1 
ATOM 521 C C2    . DC C 3 5  ? -8.196  -9.937  -7.364  1.00 78.40  ? 4  DC C C2    1 
ATOM 522 O O2    . DC C 3 5  ? -9.362  -10.306 -7.186  1.00 79.69  ? 4  DC C O2    1 
ATOM 523 N N3    . DC C 3 5  ? -7.852  -9.138  -8.404  1.00 80.25  ? 4  DC C N3    1 
ATOM 524 C C4    . DC C 3 5  ? -6.583  -8.760  -8.567  1.00 79.79  ? 4  DC C C4    1 
ATOM 525 N N4    . DC C 3 5  ? -6.295  -7.975  -9.610  1.00 77.21  ? 4  DC C N4    1 
ATOM 526 C C5    . DC C 3 5  ? -5.555  -9.173  -7.672  1.00 76.02  ? 4  DC C C5    1 
ATOM 527 C C6    . DC C 3 5  ? -5.904  -9.959  -6.650  1.00 82.55  ? 4  DC C C6    1 
ATOM 528 P P     . DG C 3 6  ? -7.244  -15.699 -4.973  1.00 121.37 ? 5  DG C P     1 
ATOM 529 O OP1   . DG C 3 6  ? -7.008  -16.930 -4.188  1.00 142.50 ? 5  DG C OP1   1 
ATOM 530 O OP2   . DG C 3 6  ? -6.758  -15.610 -6.368  1.00 112.31 ? 5  DG C OP2   1 
ATOM 531 O "O5'" . DG C 3 6  ? -8.815  -15.390 -4.960  1.00 114.44 ? 5  DG C "O5'" 1 
ATOM 532 C "C5'" . DG C 3 6  ? -9.740  -16.386 -5.339  1.00 116.64 ? 5  DG C "C5'" 1 
ATOM 533 C "C4'" . DG C 3 6  ? -10.411 -16.042 -6.655  1.00 111.47 ? 5  DG C "C4'" 1 
ATOM 534 O "O4'" . DG C 3 6  ? -10.140 -14.673 -7.021  1.00 104.72 ? 5  DG C "O4'" 1 
ATOM 535 C "C3'" . DG C 3 6  ? -9.919  -16.826 -7.844  1.00 112.65 ? 5  DG C "C3'" 1 
ATOM 536 O "O3'" . DG C 3 6  ? -10.527 -18.108 -7.862  1.00 119.65 ? 5  DG C "O3'" 1 
ATOM 537 C "C2'" . DG C 3 6  ? -10.404 -15.958 -9.001  1.00 105.15 ? 5  DG C "C2'" 1 
ATOM 538 C "C1'" . DG C 3 6  ? -10.315 -14.540 -8.424  1.00 98.01  ? 5  DG C "C1'" 1 
ATOM 539 N N9    . DG C 3 6  ? -9.213  -13.759 -8.968  1.00 88.20  ? 5  DG C N9    1 
ATOM 540 C C8    . DG C 3 6  ? -7.898  -13.792 -8.568  1.00 90.52  ? 5  DG C C8    1 
ATOM 541 N N7    . DG C 3 6  ? -7.129  -12.976 -9.234  1.00 85.32  ? 5  DG C N7    1 
ATOM 542 C C5    . DG C 3 6  ? -7.985  -12.368 -10.142 1.00 77.84  ? 5  DG C C5    1 
ATOM 543 C C6    . DG C 3 6  ? -7.718  -11.389 -11.128 1.00 79.65  ? 5  DG C C6    1 
ATOM 544 O O6    . DG C 3 6  ? -6.635  -10.851 -11.403 1.00 82.19  ? 5  DG C O6    1 
ATOM 545 N N1    . DG C 3 6  ? -8.867  -11.041 -11.830 1.00 79.80  ? 5  DG C N1    1 
ATOM 546 C C2    . DG C 3 6  ? -10.114 -11.574 -11.609 1.00 82.00  ? 5  DG C C2    1 
ATOM 547 N N2    . DG C 3 6  ? -11.100 -11.113 -12.392 1.00 82.79  ? 5  DG C N2    1 
ATOM 548 N N3    . DG C 3 6  ? -10.379 -12.495 -10.687 1.00 82.45  ? 5  DG C N3    1 
ATOM 549 C C4    . DG C 3 6  ? -9.271  -12.843 -9.994  1.00 81.26  ? 5  DG C C4    1 
ATOM 550 O "O5'" . DT D 4 1  ? -22.044 7.870   12.311  1.00 164.13 ? 2  DT D "O5'" 1 
ATOM 551 C "C5'" . DT D 4 1  ? -22.067 7.177   11.069  1.00 156.26 ? 2  DT D "C5'" 1 
ATOM 552 C "C4'" . DT D 4 1  ? -23.176 7.710   10.180  1.00 155.01 ? 2  DT D "C4'" 1 
ATOM 553 O "O4'" . DT D 4 1  ? -22.884 9.087   9.807   1.00 146.69 ? 2  DT D "O4'" 1 
ATOM 554 C "C3'" . DT D 4 1  ? -23.377 6.950   8.869   1.00 153.68 ? 2  DT D "C3'" 1 
ATOM 555 O "O3'" . DT D 4 1  ? -24.781 6.821   8.601   1.00 159.34 ? 2  DT D "O3'" 1 
ATOM 556 C "C2'" . DT D 4 1  ? -22.664 7.839   7.855   1.00 147.97 ? 2  DT D "C2'" 1 
ATOM 557 C "C1'" . DT D 4 1  ? -22.957 9.220   8.406   1.00 140.63 ? 2  DT D "C1'" 1 
ATOM 558 N N1    . DT D 4 1  ? -21.977 10.254  7.966   1.00 133.38 ? 2  DT D N1    1 
ATOM 559 C C2    . DT D 4 1  ? -22.192 10.920  6.780   1.00 131.12 ? 2  DT D C2    1 
ATOM 560 O O2    . DT D 4 1  ? -23.152 10.711  6.061   1.00 133.61 ? 2  DT D O2    1 
ATOM 561 N N3    . DT D 4 1  ? -21.236 11.849  6.464   1.00 122.57 ? 2  DT D N3    1 
ATOM 562 C C4    . DT D 4 1  ? -20.110 12.171  7.197   1.00 122.07 ? 2  DT D C4    1 
ATOM 563 O O4    . DT D 4 1  ? -19.308 13.023  6.828   1.00 122.05 ? 2  DT D O4    1 
ATOM 564 C C5    . DT D 4 1  ? -19.943 11.434  8.429   1.00 126.93 ? 2  DT D C5    1 
ATOM 565 C C7    . DT D 4 1  ? -18.759 11.699  9.310   1.00 129.73 ? 2  DT D C7    1 
ATOM 566 C C6    . DT D 4 1  ? -20.873 10.522  8.751   1.00 132.64 ? 2  DT D C6    1 
ATOM 567 P P     . DC D 4 2  ? -25.348 6.596   7.111   1.00 175.34 ? 3  DC D P     1 
ATOM 568 O OP1   . DC D 4 2  ? -25.320 7.920   6.444   1.00 162.30 ? 3  DC D OP1   1 
ATOM 569 O OP2   . DC D 4 2  ? -26.667 5.944   7.274   1.00 193.04 ? 3  DC D OP2   1 
ATOM 570 O "O5'" . DC D 4 2  ? -24.383 5.479   6.458   1.00 158.82 ? 3  DC D "O5'" 1 
ATOM 571 C "C5'" . DC D 4 2  ? -23.509 5.770   5.345   1.00 153.75 ? 3  DC D "C5'" 1 
ATOM 572 C "C4'" . DC D 4 2  ? -24.253 6.421   4.195   1.00 155.01 ? 3  DC D "C4'" 1 
ATOM 573 O "O4'" . DC D 4 2  ? -23.806 7.794   4.059   1.00 148.01 ? 3  DC D "O4'" 1 
ATOM 574 C "C3'" . DC D 4 2  ? -24.005 5.806   2.837   1.00 152.22 ? 3  DC D "C3'" 1 
ATOM 575 O "O3'" . DC D 4 2  ? -25.063 6.162   1.961   1.00 158.89 ? 3  DC D "O3'" 1 
ATOM 576 C "C2'" . DC D 4 2  ? -22.699 6.481   2.435   1.00 145.94 ? 3  DC D "C2'" 1 
ATOM 577 C "C1'" . DC D 4 2  ? -22.909 7.900   2.967   1.00 142.79 ? 3  DC D "C1'" 1 
ATOM 578 N N1    . DC D 4 2  ? -21.649 8.558   3.450   1.00 129.76 ? 3  DC D N1    1 
ATOM 579 C C2    . DC D 4 2  ? -21.079 9.599   2.704   1.00 123.50 ? 3  DC D C2    1 
ATOM 580 O O2    . DC D 4 2  ? -21.627 9.960   1.656   1.00 122.96 ? 3  DC D O2    1 
ATOM 581 N N3    . DC D 4 2  ? -19.941 10.184  3.156   1.00 118.03 ? 3  DC D N3    1 
ATOM 582 C C4    . DC D 4 2  ? -19.382 9.765   4.293   1.00 116.38 ? 3  DC D C4    1 
ATOM 583 N N4    . DC D 4 2  ? -18.263 10.372  4.696   1.00 114.77 ? 3  DC D N4    1 
ATOM 584 C C5    . DC D 4 2  ? -19.946 8.704   5.063   1.00 119.16 ? 3  DC D C5    1 
ATOM 585 C C6    . DC D 4 2  ? -21.067 8.136   4.610   1.00 124.23 ? 3  DC D C6    1 
ATOM 586 P P     . DG D 4 3  ? -25.111 5.583   0.465   1.00 174.96 ? 4  DG D P     1 
ATOM 587 O OP1   . DG D 4 3  ? -26.517 5.639   0.009   1.00 179.31 ? 4  DG D OP1   1 
ATOM 588 O OP2   . DG D 4 3  ? -24.371 4.301   0.438   1.00 168.56 ? 4  DG D OP2   1 
ATOM 589 O "O5'" . DG D 4 3  ? -24.265 6.639   -0.378  1.00 163.86 ? 4  DG D "O5'" 1 
ATOM 590 C "C5'" . DG D 4 3  ? -23.498 6.193   -1.468  1.00 153.00 ? 4  DG D "C5'" 1 
ATOM 591 C "C4'" . DG D 4 3  ? -23.042 7.358   -2.316  1.00 152.02 ? 4  DG D "C4'" 1 
ATOM 592 O "O4'" . DG D 4 3  ? -22.207 8.240   -1.523  1.00 141.27 ? 4  DG D "O4'" 1 
ATOM 593 C "C3'" . DG D 4 3  ? -22.195 6.961   -3.506  1.00 153.42 ? 4  DG D "C3'" 1 
ATOM 594 O "O3'" . DG D 4 3  ? -22.347 7.907   -4.543  1.00 160.70 ? 4  DG D "O3'" 1 
ATOM 595 C "C2'" . DG D 4 3  ? -20.786 6.973   -2.925  1.00 141.91 ? 4  DG D "C2'" 1 
ATOM 596 C "C1'" . DG D 4 3  ? -20.855 8.126   -1.925  1.00 135.01 ? 4  DG D "C1'" 1 
ATOM 597 N N9    . DG D 4 3  ? -20.038 7.906   -0.732  1.00 124.37 ? 4  DG D N9    1 
ATOM 598 C C8    . DG D 4 3  ? -20.245 6.967   0.248   1.00 125.34 ? 4  DG D C8    1 
ATOM 599 N N7    . DG D 4 3  ? -19.355 7.001   1.201   1.00 114.51 ? 4  DG D N7    1 
ATOM 600 C C5    . DG D 4 3  ? -18.499 8.027   0.830   1.00 115.54 ? 4  DG D C5    1 
ATOM 601 C C6    . DG D 4 3  ? -17.343 8.528   1.475   1.00 111.73 ? 4  DG D C6    1 
ATOM 602 O O6    . DG D 4 3  ? -16.831 8.149   2.539   1.00 111.26 ? 4  DG D O6    1 
ATOM 603 N N1    . DG D 4 3  ? -16.770 9.574   0.762   1.00 107.86 ? 4  DG D N1    1 
ATOM 604 C C2    . DG D 4 3  ? -17.252 10.076  -0.424  1.00 112.43 ? 4  DG D C2    1 
ATOM 605 N N2    . DG D 4 3  ? -16.559 11.091  -0.960  1.00 109.62 ? 4  DG D N2    1 
ATOM 606 N N3    . DG D 4 3  ? -18.335 9.617   -1.041  1.00 118.22 ? 4  DG D N3    1 
ATOM 607 C C4    . DG D 4 3  ? -18.906 8.596   -0.360  1.00 119.10 ? 4  DG D C4    1 
ATOM 608 P P     . DA D 4 4  ? -22.042 7.481   -6.059  1.00 171.24 ? 5  DA D P     1 
ATOM 609 O OP1   . DA D 4 4  ? -22.958 8.238   -6.943  1.00 184.00 ? 5  DA D OP1   1 
ATOM 610 O OP2   . DA D 4 4  ? -22.029 6.000   -6.098  1.00 166.09 ? 5  DA D OP2   1 
ATOM 611 O "O5'" . DA D 4 4  ? -20.546 7.981   -6.294  1.00 165.38 ? 5  DA D "O5'" 1 
ATOM 612 C "C5'" . DA D 4 4  ? -20.091 9.173   -5.664  1.00 163.41 ? 5  DA D "C5'" 1 
ATOM 613 C "C4'" . DA D 4 4  ? -18.576 9.192   -5.604  1.00 151.08 ? 5  DA D "C4'" 1 
ATOM 614 O "O4'" . DA D 4 4  ? -18.124 8.862   -4.265  1.00 134.78 ? 5  DA D "O4'" 1 
ATOM 615 C "C3'" . DA D 4 4  ? -17.887 8.190   -6.539  1.00 138.94 ? 5  DA D "C3'" 1 
ATOM 616 O "O3'" . DA D 4 4  ? -16.903 8.847   -7.302  1.00 136.96 ? 5  DA D "O3'" 1 
ATOM 617 C "C2'" . DA D 4 4  ? -17.258 7.180   -5.583  1.00 129.07 ? 5  DA D "C2'" 1 
ATOM 618 C "C1'" . DA D 4 4  ? -16.981 8.060   -4.381  1.00 123.52 ? 5  DA D "C1'" 1 
ATOM 619 N N9    . DA D 4 4  ? -16.778 7.312   -3.147  1.00 114.81 ? 5  DA D N9    1 
ATOM 620 C C8    . DA D 4 4  ? -17.555 6.298   -2.656  1.00 114.87 ? 5  DA D C8    1 
ATOM 621 N N7    . DA D 4 4  ? -17.121 5.799   -1.524  1.00 111.08 ? 5  DA D N7    1 
ATOM 622 C C5    . DA D 4 4  ? -15.974 6.529   -1.256  1.00 106.24 ? 5  DA D C5    1 
ATOM 623 C C6    . DA D 4 4  ? -15.047 6.485   -0.196  1.00 105.02 ? 5  DA D C6    1 
ATOM 624 N N6    . DA D 4 4  ? -15.142 5.632   0.831   1.00 102.18 ? 5  DA D N6    1 
ATOM 625 N N1    . DA D 4 4  ? -14.015 7.353   -0.232  1.00 105.48 ? 5  DA D N1    1 
ATOM 626 C C2    . DA D 4 4  ? -13.924 8.205   -1.262  1.00 100.94 ? 5  DA D C2    1 
ATOM 627 N N3    . DA D 4 4  ? -14.732 8.339   -2.313  1.00 104.77 ? 5  DA D N3    1 
ATOM 628 C C4    . DA D 4 4  ? -15.747 7.464   -2.248  1.00 106.95 ? 5  DA D C4    1 
ATOM 629 P P     . DG D 4 5  ? -16.572 8.334   -8.783  1.00 141.58 ? 6  DG D P     1 
ATOM 630 O OP1   . DG D 4 5  ? -17.519 9.004   -9.701  1.00 144.62 ? 6  DG D OP1   1 
ATOM 631 O OP2   . DG D 4 5  ? -16.514 6.855   -8.734  1.00 137.19 ? 6  DG D OP2   1 
ATOM 632 O "O5'" . DG D 4 5  ? -15.095 8.881   -9.060  1.00 139.37 ? 6  DG D "O5'" 1 
ATOM 633 C "C5'" . DG D 4 5  ? -13.983 8.002   -8.969  1.00 131.40 ? 6  DG D "C5'" 1 
ATOM 634 C "C4'" . DG D 4 5  ? -13.116 8.341   -7.770  1.00 123.64 ? 6  DG D "C4'" 1 
ATOM 635 O "O4'" . DG D 4 5  ? -13.742 7.854   -6.578  1.00 114.79 ? 6  DG D "O4'" 1 
ATOM 636 C "C3'" . DG D 4 5  ? -11.749 7.682   -7.773  1.00 120.55 ? 6  DG D "C3'" 1 
ATOM 637 O "O3'" . DG D 4 5  ? -10.813 8.524   -8.404  1.00 125.33 ? 6  DG D "O3'" 1 
ATOM 638 C "C2'" . DG D 4 5  ? -11.419 7.496   -6.284  1.00 108.74 ? 6  DG D "C2'" 1 
ATOM 639 C "C1'" . DG D 4 5  ? -12.758 7.729   -5.581  1.00 104.41 ? 6  DG D "C1'" 1 
ATOM 640 N N9    . DG D 4 5  ? -13.152 6.660   -4.670  1.00 99.06  ? 6  DG D N9    1 
ATOM 641 C C8    . DG D 4 5  ? -14.286 5.885   -4.740  1.00 104.39 ? 6  DG D C8    1 
ATOM 642 N N7    . DG D 4 5  ? -14.385 5.018   -3.771  1.00 97.66  ? 6  DG D N7    1 
ATOM 643 C C5    . DG D 4 5  ? -13.244 5.232   -3.011  1.00 94.44  ? 6  DG D C5    1 
ATOM 644 C C6    . DG D 4 5  ? -12.805 4.588   -1.832  1.00 93.39  ? 6  DG D C6    1 
ATOM 645 O O6    . DG D 4 5  ? -13.354 3.669   -1.210  1.00 91.12  ? 6  DG D O6    1 
ATOM 646 N N1    . DG D 4 5  ? -11.594 5.112   -1.382  1.00 93.89  ? 6  DG D N1    1 
ATOM 647 C C2    . DG D 4 5  ? -10.901 6.127   -1.995  1.00 92.87  ? 6  DG D C2    1 
ATOM 648 N N2    . DG D 4 5  ? -9.750  6.497   -1.415  1.00 89.66  ? 6  DG D N2    1 
ATOM 649 N N3    . DG D 4 5  ? -11.303 6.739   -3.102  1.00 91.75  ? 6  DG D N3    1 
ATOM 650 C C4    . DG D 4 5  ? -12.478 6.241   -3.551  1.00 95.05  ? 6  DG D C4    1 
ATOM 651 P P     . DT D 4 6  ? -9.647  7.888   -9.305  1.00 130.66 ? 7  DT D P     1 
ATOM 652 O OP1   . DT D 4 6  ? -9.094  8.970   -10.152 1.00 121.97 ? 7  DT D OP1   1 
ATOM 653 O OP2   . DT D 4 6  ? -10.179 6.658   -9.932  1.00 127.52 ? 7  DT D OP2   1 
ATOM 654 O "O5'" . DT D 4 6  ? -8.553  7.436   -8.236  1.00 111.74 ? 7  DT D "O5'" 1 
ATOM 655 C "C5'" . DT D 4 6  ? -8.062  8.375   -7.296  1.00 103.43 ? 7  DT D "C5'" 1 
ATOM 656 C "C4'" . DT D 4 6  ? -7.152  7.697   -6.296  1.00 100.33 ? 7  DT D "C4'" 1 
ATOM 657 O "O4'" . DT D 4 6  ? -7.952  6.956   -5.345  1.00 95.08  ? 7  DT D "O4'" 1 
ATOM 658 C "C3'" . DT D 4 6  ? -6.172  6.691   -6.907  1.00 105.68 ? 7  DT D "C3'" 1 
ATOM 659 O "O3'" . DT D 4 6  ? -4.853  6.949   -6.443  1.00 109.94 ? 7  DT D "O3'" 1 
ATOM 660 C "C2'" . DT D 4 6  ? -6.691  5.334   -6.424  1.00 94.50  ? 7  DT D "C2'" 1 
ATOM 661 C "C1'" . DT D 4 6  ? -7.345  5.713   -5.111  1.00 90.72  ? 7  DT D "C1'" 1 
ATOM 662 N N1    . DT D 4 6  ? -8.388  4.756   -4.658  1.00 78.93  ? 7  DT D N1    1 
ATOM 663 C C2    . DT D 4 6  ? -8.181  4.044   -3.503  1.00 82.43  ? 7  DT D C2    1 
ATOM 664 O O2    . DT D 4 6  ? -7.175  4.148   -2.830  1.00 86.10  ? 7  DT D O2    1 
ATOM 665 N N3    . DT D 4 6  ? -9.197  3.194   -3.156  1.00 83.93  ? 7  DT D N3    1 
ATOM 666 C C4    . DT D 4 6  ? -10.377 2.992   -3.837  1.00 84.79  ? 7  DT D C4    1 
ATOM 667 O O4    . DT D 4 6  ? -11.234 2.201   -3.448  1.00 84.56  ? 7  DT D O4    1 
ATOM 668 C C5    . DT D 4 6  ? -10.533 3.775   -5.041  1.00 83.51  ? 7  DT D C5    1 
ATOM 669 C C7    . DT D 4 6  ? -11.775 3.638   -5.862  1.00 89.67  ? 7  DT D C7    1 
ATOM 670 C C6    . DT D 4 6  ? -9.543  4.612   -5.390  1.00 84.60  ? 7  DT D C6    1 
ATOM 671 P P     . DC D 4 7  ? -3.623  6.058   -6.968  1.00 106.41 ? 8  DC D P     1 
ATOM 672 O OP1   . DC D 4 7  ? -2.386  6.860   -6.824  1.00 100.82 ? 8  DC D OP1   1 
ATOM 673 O OP2   . DC D 4 7  ? -3.993  5.516   -8.294  1.00 102.06 ? 8  DC D OP2   1 
ATOM 674 O "O5'" . DC D 4 7  ? -3.575  4.839   -5.935  1.00 95.36  ? 8  DC D "O5'" 1 
ATOM 675 C "C5'" . DC D 4 7  ? -3.456  5.102   -4.546  1.00 85.92  ? 8  DC D "C5'" 1 
ATOM 676 C "C4'" . DC D 4 7  ? -3.172  3.827   -3.764  1.00 92.16  ? 8  DC D "C4'" 1 
ATOM 677 O "O4'" . DC D 4 7  ? -4.415  3.143   -3.453  1.00 86.53  ? 8  DC D "O4'" 1 
ATOM 678 C "C3'" . DC D 4 7  ? -2.296  2.801   -4.477  1.00 93.04  ? 8  DC D "C3'" 1 
ATOM 679 O "O3'" . DC D 4 7  ? -1.385  2.235   -3.552  1.00 94.96  ? 8  DC D "O3'" 1 
ATOM 680 C "C2'" . DC D 4 7  ? -3.308  1.763   -4.968  1.00 86.78  ? 8  DC D "C2'" 1 
ATOM 681 C "C1'" . DC D 4 7  ? -4.317  1.787   -3.837  1.00 78.89  ? 8  DC D "C1'" 1 
ATOM 682 N N1    . DC D 4 7  ? -5.686  1.325   -4.214  1.00 72.72  ? 8  DC D N1    1 
ATOM 683 C C2    . DC D 4 7  ? -6.364  0.420   -3.387  1.00 77.74  ? 8  DC D C2    1 
ATOM 684 O O2    . DC D 4 7  ? -5.803  -0.006  -2.371  1.00 84.81  ? 8  DC D O2    1 
ATOM 685 N N3    . DC D 4 7  ? -7.615  0.029   -3.724  1.00 77.08  ? 8  DC D N3    1 
ATOM 686 C C4    . DC D 4 7  ? -8.185  0.508   -4.828  1.00 75.70  ? 8  DC D C4    1 
ATOM 687 N N4    . DC D 4 7  ? -9.417  0.090   -5.121  1.00 77.03  ? 8  DC D N4    1 
ATOM 688 C C5    . DC D 4 7  ? -7.515  1.438   -5.682  1.00 73.06  ? 8  DC D C5    1 
ATOM 689 C C6    . DC D 4 7  ? -6.282  1.820   -5.337  1.00 74.06  ? 8  DC D C6    1 
ATOM 690 P P     . DA D 4 8  ? -0.166  1.337   -4.080  1.00 93.66  ? 9  DA D P     1 
ATOM 691 O OP1   . DA D 4 8  ? 1.058   1.745   -3.359  1.00 97.19  ? 9  DA D OP1   1 
ATOM 692 O OP2   . DA D 4 8  ? -0.200  1.404   -5.556  1.00 93.03  ? 9  DA D OP2   1 
ATOM 693 O "O5'" . DA D 4 8  ? -0.550  -0.143  -3.627  1.00 78.03  ? 9  DA D "O5'" 1 
ATOM 694 C "C5'" . DA D 4 8  ? -0.534  -0.494  -2.257  1.00 84.92  ? 9  DA D "C5'" 1 
ATOM 695 C "C4'" . DA D 4 8  ? -1.036  -1.911  -2.080  1.00 90.55  ? 9  DA D "C4'" 1 
ATOM 696 O "O4'" . DA D 4 8  ? -2.433  -1.973  -2.480  1.00 88.04  ? 9  DA D "O4'" 1 
ATOM 697 C "C3'" . DA D 4 8  ? -0.295  -2.945  -2.930  1.00 79.75  ? 9  DA D "C3'" 1 
ATOM 698 O "O3'" . DA D 4 8  ? 0.027   -4.091  -2.153  1.00 81.90  ? 9  DA D "O3'" 1 
ATOM 699 C "C2'" . DA D 4 8  ? -1.290  -3.278  -4.038  1.00 75.26  ? 9  DA D "C2'" 1 
ATOM 700 C "C1'" . DA D 4 8  ? -2.625  -3.059  -3.347  1.00 72.90  ? 9  DA D "C1'" 1 
ATOM 701 N N9    . DA D 4 8  ? -3.706  -2.737  -4.281  1.00 70.14  ? 9  DA D N9    1 
ATOM 702 C C8    . DA D 4 8  ? -3.624  -1.946  -5.393  1.00 73.62  ? 9  DA D C8    1 
ATOM 703 N N7    . DA D 4 8  ? -4.753  -1.849  -6.061  1.00 70.91  ? 9  DA D N7    1 
ATOM 704 C C5    . DA D 4 8  ? -5.630  -2.635  -5.340  1.00 69.26  ? 9  DA D C5    1 
ATOM 705 C C6    . DA D 4 8  ? -6.989  -2.947  -5.526  1.00 71.96  ? 9  DA D C6    1 
ATOM 706 N N6    . DA D 4 8  ? -7.717  -2.477  -6.542  1.00 74.21  ? 9  DA D N6    1 
ATOM 707 N N1    . DA D 4 8  ? -7.573  -3.763  -4.623  1.00 73.79  ? 9  DA D N1    1 
ATOM 708 C C2    . DA D 4 8  ? -6.838  -4.230  -3.606  1.00 73.69  ? 9  DA D C2    1 
ATOM 709 N N3    . DA D 4 8  ? -5.552  -4.011  -3.330  1.00 73.25  ? 9  DA D N3    1 
ATOM 710 C C4    . DA D 4 8  ? -5.002  -3.196  -4.242  1.00 68.72  ? 9  DA D C4    1 
ATOM 711 P P     . DG D 4 9  ? 1.352   -4.099  -1.242  1.00 98.04  ? 10 DG D P     1 
ATOM 712 O OP1   . DG D 4 9  ? 0.906   -4.262  0.157   1.00 87.97  ? 10 DG D OP1   1 
ATOM 713 O OP2   . DG D 4 9  ? 2.158   -2.925  -1.640  1.00 82.98  ? 10 DG D OP2   1 
ATOM 714 O "O5'" . DG D 4 9  ? 2.157   -5.429  -1.662  1.00 90.21  ? 10 DG D "O5'" 1 
ATOM 715 C "C5'" . DG D 4 9  ? 2.375   -5.739  -3.035  1.00 84.12  ? 10 DG D "C5'" 1 
ATOM 716 C "C4'" . DG D 4 9  ? 3.824   -6.130  -3.313  1.00 89.94  ? 10 DG D "C4'" 1 
ATOM 717 O "O4'" . DG D 4 9  ? 4.407   -5.160  -4.212  1.00 89.27  ? 10 DG D "O4'" 1 
ATOM 718 C "C3'" . DG D 4 9  ? 4.742   -6.184  -2.101  1.00 87.60  ? 10 DG D "C3'" 1 
ATOM 719 O "O3'" . DG D 4 9  ? 4.782   -7.519  -1.578  1.00 95.94  ? 10 DG D "O3'" 1 
ATOM 720 C "C2'" . DG D 4 9  ? 6.105   -5.780  -2.669  1.00 89.59  ? 10 DG D "C2'" 1 
ATOM 721 C "C1'" . DG D 4 9  ? 5.761   -4.931  -3.894  1.00 81.22  ? 10 DG D "C1'" 1 
ATOM 722 N N9    . DG D 4 9  ? 5.938   -3.497  -3.699  1.00 80.44  ? 10 DG D N9    1 
ATOM 723 C C8    . DG D 4 9  ? 4.949   -2.560  -3.554  1.00 83.72  ? 10 DG D C8    1 
ATOM 724 N N7    . DG D 4 9  ? 5.400   -1.347  -3.399  1.00 79.40  ? 10 DG D N7    1 
ATOM 725 C C5    . DG D 4 9  ? 6.775   -1.489  -3.442  1.00 76.66  ? 10 DG D C5    1 
ATOM 726 C C6    . DG D 4 9  ? 7.788   -0.514  -3.329  1.00 79.39  ? 10 DG D C6    1 
ATOM 727 O O6    . DG D 4 9  ? 7.661   0.705   -3.161  1.00 79.12  ? 10 DG D O6    1 
ATOM 728 N N1    . DG D 4 9  ? 9.054   -1.074  -3.430  1.00 79.66  ? 10 DG D N1    1 
ATOM 729 C C2    . DG D 4 9  ? 9.308   -2.410  -3.614  1.00 83.56  ? 10 DG D C2    1 
ATOM 730 N N2    . DG D 4 9  ? 10.599  -2.761  -3.686  1.00 88.51  ? 10 DG D N2    1 
ATOM 731 N N3    . DG D 4 9  ? 8.363   -3.339  -3.722  1.00 79.47  ? 10 DG D N3    1 
ATOM 732 C C4    . DG D 4 9  ? 7.126   -2.806  -3.628  1.00 78.56  ? 10 DG D C4    1 
ATOM 733 P P     . DT D 4 10 ? 5.312   -7.793  -0.082  1.00 105.32 ? 11 DT D P     1 
ATOM 734 O OP1   . DT D 4 10 ? 5.015   -9.207  0.248   1.00 89.47  ? 11 DT D OP1   1 
ATOM 735 O OP2   . DT D 4 10 ? 4.781   -6.703  0.766   1.00 86.01  ? 11 DT D OP2   1 
ATOM 736 O "O5'" . DT D 4 10 ? 6.902   -7.598  -0.176  1.00 93.01  ? 11 DT D "O5'" 1 
ATOM 737 C "C5'" . DT D 4 10 ? 7.693   -8.505  -0.934  1.00 91.48  ? 11 DT D "C5'" 1 
ATOM 738 C "C4'" . DT D 4 10 ? 9.148   -8.063  -0.973  1.00 93.69  ? 11 DT D "C4'" 1 
ATOM 739 O "O4'" . DT D 4 10 ? 9.213   -6.660  -1.337  1.00 86.86  ? 11 DT D "O4'" 1 
ATOM 740 C "C3'" . DT D 4 10 ? 9.910   -8.184  0.351   1.00 101.86 ? 11 DT D "C3'" 1 
ATOM 741 O "O3'" . DT D 4 10 ? 11.262  -8.573  0.104   1.00 109.82 ? 11 DT D "O3'" 1 
ATOM 742 C "C2'" . DT D 4 10 ? 9.840   -6.769  0.907   1.00 104.11 ? 11 DT D "C2'" 1 
ATOM 743 C "C1'" . DT D 4 10 ? 9.950   -5.954  -0.368  1.00 86.99  ? 11 DT D "C1'" 1 
ATOM 744 N N1    . DT D 4 10 ? 9.378   -4.597  -0.255  1.00 81.42  ? 11 DT D N1    1 
ATOM 745 C C2    . DT D 4 10 ? 10.223  -3.513  -0.253  1.00 86.98  ? 11 DT D C2    1 
ATOM 746 O O2    . DT D 4 10 ? 11.431  -3.613  -0.331  1.00 92.22  ? 11 DT D O2    1 
ATOM 747 N N3    . DT D 4 10 ? 9.603   -2.300  -0.153  1.00 83.41  ? 11 DT D N3    1 
ATOM 748 C C4    . DT D 4 10 ? 8.246   -2.068  -0.057  1.00 80.38  ? 11 DT D C4    1 
ATOM 749 O O4    . DT D 4 10 ? 7.781   -0.938  0.032   1.00 76.29  ? 11 DT D O4    1 
ATOM 750 C C5    . DT D 4 10 ? 7.414   -3.250  -0.066  1.00 81.14  ? 11 DT D C5    1 
ATOM 751 C C7    . DT D 4 10 ? 5.925   -3.119  0.031   1.00 77.45  ? 11 DT D C7    1 
ATOM 752 C C6    . DT D 4 10 ? 8.013   -4.446  -0.166  1.00 79.21  ? 11 DT D C6    1 
ATOM 753 P P     . DG D 4 11 ? 12.281  -8.793  1.330   1.00 113.38 ? 12 DG D P     1 
ATOM 754 O OP1   . DG D 4 11 ? 13.300  -9.770  0.885   1.00 106.92 ? 12 DG D OP1   1 
ATOM 755 O OP2   . DG D 4 11 ? 11.484  -9.077  2.544   1.00 107.72 ? 12 DG D OP2   1 
ATOM 756 O "O5'" . DG D 4 11 ? 12.995  -7.371  1.513   1.00 102.15 ? 12 DG D "O5'" 1 
ATOM 757 C "C5'" . DG D 4 11 ? 14.215  -7.111  0.840   1.00 103.21 ? 12 DG D "C5'" 1 
ATOM 758 C "C4'" . DG D 4 11 ? 14.754  -5.727  1.169   1.00 106.57 ? 12 DG D "C4'" 1 
ATOM 759 O "O4'" . DG D 4 11 ? 13.677  -4.753  1.172   1.00 101.85 ? 12 DG D "O4'" 1 
ATOM 760 C "C3'" . DG D 4 11 ? 15.454  -5.593  2.527   1.00 119.91 ? 12 DG D "C3'" 1 
ATOM 761 O "O3'" . DG D 4 11 ? 16.732  -4.980  2.340   1.00 125.44 ? 12 DG D "O3'" 1 
ATOM 762 C "C2'" . DG D 4 11 ? 14.506  -4.693  3.332   1.00 113.42 ? 12 DG D "C2'" 1 
ATOM 763 C "C1'" . DG D 4 11 ? 13.896  -3.853  2.227   1.00 107.13 ? 12 DG D "C1'" 1 
ATOM 764 N N9    . DG D 4 11 ? 12.621  -3.232  2.577   1.00 99.97  ? 12 DG D N9    1 
ATOM 765 C C8    . DG D 4 11 ? 11.442  -3.870  2.883   1.00 100.66 ? 12 DG D C8    1 
ATOM 766 N N7    . DG D 4 11 ? 10.459  -3.050  3.139   1.00 98.91  ? 12 DG D N7    1 
ATOM 767 C C5    . DG D 4 11 ? 11.020  -1.788  2.984   1.00 98.57  ? 12 DG D C5    1 
ATOM 768 C C6    . DG D 4 11 ? 10.435  -0.508  3.132   1.00 98.77  ? 12 DG D C6    1 
ATOM 769 O O6    . DG D 4 11 ? 9.267   -0.228  3.439   1.00 99.79  ? 12 DG D O6    1 
ATOM 770 N N1    . DG D 4 11 ? 11.353  0.509   2.883   1.00 97.93  ? 12 DG D N1    1 
ATOM 771 C C2    . DG D 4 11 ? 12.671  0.313   2.544   1.00 101.05 ? 12 DG D C2    1 
ATOM 772 N N2    . DG D 4 11 ? 13.399  1.416   2.339   1.00 100.97 ? 12 DG D N2    1 
ATOM 773 N N3    . DG D 4 11 ? 13.230  -0.883  2.397   1.00 103.44 ? 12 DG D N3    1 
ATOM 774 C C4    . DG D 4 11 ? 12.349  -1.885  2.634   1.00 100.32 ? 12 DG D C4    1 
ATOM 775 P P     . DT D 4 12 ? 17.815  -4.934  3.529   1.00 132.28 ? 13 DT D P     1 
ATOM 776 O OP1   . DT D 4 12 ? 19.025  -5.630  3.041   1.00 132.15 ? 13 DT D OP1   1 
ATOM 777 O OP2   . DT D 4 12 ? 17.169  -5.383  4.781   1.00 134.30 ? 13 DT D OP2   1 
ATOM 778 O "O5'" . DT D 4 12 ? 18.141  -3.375  3.678   1.00 122.38 ? 13 DT D "O5'" 1 
ATOM 779 C "C5'" . DT D 4 12 ? 17.247  -2.419  3.129   1.00 118.28 ? 13 DT D "C5'" 1 
ATOM 780 C "C4'" . DT D 4 12 ? 17.533  -1.030  3.664   1.00 127.09 ? 13 DT D "C4'" 1 
ATOM 781 O "O4'" . DT D 4 12 ? 16.274  -0.342  3.888   1.00 124.85 ? 13 DT D "O4'" 1 
ATOM 782 C "C3'" . DT D 4 12 ? 18.250  -0.994  5.008   1.00 137.46 ? 13 DT D "C3'" 1 
ATOM 783 O "O3'" . DT D 4 12 ? 18.986  0.220   5.135   1.00 146.74 ? 13 DT D "O3'" 1 
ATOM 784 C "C2'" . DT D 4 12 ? 17.084  -1.026  5.978   1.00 132.00 ? 13 DT D "C2'" 1 
ATOM 785 C "C1'" . DT D 4 12 ? 16.109  -0.096  5.271   1.00 124.68 ? 13 DT D "C1'" 1 
ATOM 786 N N1    . DT D 4 12 ? 14.698  -0.352  5.631   1.00 117.31 ? 13 DT D N1    1 
ATOM 787 C C2    . DT D 4 12 ? 13.825  0.708   5.736   1.00 114.43 ? 13 DT D C2    1 
ATOM 788 O O2    . DT D 4 12 ? 14.149  1.866   5.533   1.00 117.98 ? 13 DT D O2    1 
ATOM 789 N N3    . DT D 4 12 ? 12.545  0.360   6.082   1.00 109.98 ? 13 DT D N3    1 
ATOM 790 C C4    . DT D 4 12 ? 12.066  -0.913  6.333   1.00 111.34 ? 13 DT D C4    1 
ATOM 791 O O4    . DT D 4 12 ? 10.895  -1.126  6.639   1.00 109.53 ? 13 DT D O4    1 
ATOM 792 C C5    . DT D 4 12 ? 13.037  -1.976  6.210   1.00 112.90 ? 13 DT D C5    1 
ATOM 793 C C7    . DT D 4 12 ? 12.634  -3.399  6.458   1.00 106.38 ? 13 DT D C7    1 
ATOM 794 C C6    . DT D 4 12 ? 14.292  -1.648  5.872   1.00 116.68 ? 13 DT D C6    1 
ATOM 795 P P     . DC D 4 13 ? 20.342  0.256   5.997   1.00 152.83 ? 14 DC D P     1 
ATOM 796 O OP1   . DC D 4 13 ? 20.968  1.584   5.806   1.00 153.21 ? 14 DC D OP1   1 
ATOM 797 O OP2   . DC D 4 13 ? 21.098  -0.977  5.668   1.00 149.57 ? 14 DC D OP2   1 
ATOM 798 O "O5'" . DC D 4 13 ? 19.847  0.139   7.513   1.00 151.42 ? 14 DC D "O5'" 1 
ATOM 799 C "C5'" . DC D 4 13 ? 20.173  1.160   8.452   1.00 153.64 ? 14 DC D "C5'" 1 
ATOM 800 C "C4'" . DC D 4 13 ? 19.212  2.328   8.331   1.00 153.43 ? 14 DC D "C4'" 1 
ATOM 801 O "O4'" . DC D 4 13 ? 17.946  1.854   7.836   1.00 142.41 ? 14 DC D "O4'" 1 
ATOM 802 C "C3'" . DC D 4 13 ? 18.891  3.026   9.641   1.00 160.42 ? 14 DC D "C3'" 1 
ATOM 803 O "O3'" . DC D 4 13 ? 19.831  4.072   9.865   1.00 174.74 ? 14 DC D "O3'" 1 
ATOM 804 C "C2'" . DC D 4 13 ? 17.477  3.575   9.416   1.00 152.56 ? 14 DC D "C2'" 1 
ATOM 805 C "C1'" . DC D 4 13 ? 16.911  2.696   8.296   1.00 142.12 ? 14 DC D "C1'" 1 
ATOM 806 N N1    . DC D 4 13 ? 15.744  1.839   8.700   1.00 131.50 ? 14 DC D N1    1 
ATOM 807 C C2    . DC D 4 13 ? 14.484  2.421   8.893   1.00 125.53 ? 14 DC D C2    1 
ATOM 808 O O2    . DC D 4 13 ? 14.355  3.643   8.754   1.00 127.88 ? 14 DC D O2    1 
ATOM 809 N N3    . DC D 4 13 ? 13.439  1.626   9.238   1.00 119.66 ? 14 DC D N3    1 
ATOM 810 C C4    . DC D 4 13 ? 13.618  0.312   9.380   1.00 118.47 ? 14 DC D C4    1 
ATOM 811 N N4    . DC D 4 13 ? 12.557  -0.427  9.720   1.00 113.63 ? 14 DC D N4    1 
ATOM 812 C C5    . DC D 4 13 ? 14.890  -0.302  9.179   1.00 123.81 ? 14 DC D C5    1 
ATOM 813 C C6    . DC D 4 13 ? 15.913  0.491   8.842   1.00 130.40 ? 14 DC D C6    1 
ATOM 814 P P     . DG D 4 14 ? 19.670  5.072   11.114  1.00 170.58 ? 15 DG D P     1 
ATOM 815 O OP1   . DG D 4 14 ? 20.987  5.698   11.359  1.00 182.30 ? 15 DG D OP1   1 
ATOM 816 O OP2   . DG D 4 14 ? 18.991  4.352   12.210  1.00 162.85 ? 15 DG D OP2   1 
ATOM 817 O "O5'" . DG D 4 14 ? 18.704  6.219   10.568  1.00 161.37 ? 15 DG D "O5'" 1 
ATOM 818 C "C5'" . DG D 4 14 ? 18.496  7.386   11.336  1.00 160.71 ? 15 DG D "C5'" 1 
ATOM 819 C "C4'" . DG D 4 14 ? 17.107  7.396   11.944  1.00 160.23 ? 15 DG D "C4'" 1 
ATOM 820 O "O4'" . DG D 4 14 ? 16.307  6.331   11.386  1.00 155.30 ? 15 DG D "O4'" 1 
ATOM 821 C "C3'" . DG D 4 14 ? 17.042  7.124   13.431  1.00 158.52 ? 15 DG D "C3'" 1 
ATOM 822 O "O3'" . DG D 4 14 ? 17.456  8.282   14.206  1.00 162.39 ? 15 DG D "O3'" 1 
ATOM 823 C "C2'" . DG D 4 14 ? 15.567  6.781   13.603  1.00 150.41 ? 15 DG D "C2'" 1 
ATOM 824 C "C1'" . DG D 4 14 ? 15.246  6.052   12.289  1.00 148.81 ? 15 DG D "C1'" 1 
ATOM 825 N N9    . DG D 4 14 ? 15.100  4.604   12.449  1.00 139.21 ? 15 DG D N9    1 
ATOM 826 C C8    . DG D 4 14 ? 16.091  3.648   12.420  1.00 138.21 ? 15 DG D C8    1 
ATOM 827 N N7    . DG D 4 14 ? 15.652  2.432   12.605  1.00 130.25 ? 15 DG D N7    1 
ATOM 828 C C5    . DG D 4 14 ? 14.283  2.590   12.777  1.00 125.04 ? 15 DG D C5    1 
ATOM 829 C C6    . DG D 4 14 ? 13.275  1.623   13.014  1.00 118.03 ? 15 DG D C6    1 
ATOM 830 O O6    . DG D 4 14 ? 13.394  0.393   13.123  1.00 117.51 ? 15 DG D O6    1 
ATOM 831 N N1    . DG D 4 14 ? 12.019  2.213   13.126  1.00 115.88 ? 15 DG D N1    1 
ATOM 832 C C2    . DG D 4 14 ? 11.767  3.561   13.023  1.00 118.48 ? 15 DG D C2    1 
ATOM 833 N N2    . DG D 4 14 ? 10.490  3.937   13.161  1.00 114.45 ? 15 DG D N2    1 
ATOM 834 N N3    . DG D 4 14 ? 12.701  4.477   12.802  1.00 122.83 ? 15 DG D N3    1 
ATOM 835 C C4    . DG D 4 14 ? 13.932  3.921   12.689  1.00 129.73 ? 15 DG D C4    1 
ATOM 836 P P     . DT D 4 15 ? 16.514  9.579   14.409  1.00 172.43 ? 16 DT D P     1 
ATOM 837 O OP1   . DT D 4 15 ? 15.927  9.980   13.114  1.00 208.13 ? 16 DT D OP1   1 
ATOM 838 O OP2   . DT D 4 15 ? 17.321  10.561  15.168  1.00 168.46 ? 16 DT D OP2   1 
ATOM 839 O "O5'" . DT D 4 15 ? 15.342  9.095   15.385  1.00 156.36 ? 16 DT D "O5'" 1 
ATOM 840 C "C5'" . DT D 4 15 ? 14.310  9.998   15.748  1.00 151.70 ? 16 DT D "C5'" 1 
ATOM 841 C "C4'" . DT D 4 15 ? 12.948  9.326   15.689  1.00 148.53 ? 16 DT D "C4'" 1 
ATOM 842 O "O4'" . DT D 4 15 ? 13.100  7.911   15.412  1.00 144.53 ? 16 DT D "O4'" 1 
ATOM 843 C "C3'" . DT D 4 15 ? 12.122  9.420   16.980  1.00 152.39 ? 16 DT D "C3'" 1 
ATOM 844 O "O3'" . DT D 4 15 ? 10.856  10.012  16.706  1.00 154.76 ? 16 DT D "O3'" 1 
ATOM 845 C "C2'" . DT D 4 15 ? 11.976  7.962   17.437  1.00 143.79 ? 16 DT D "C2'" 1 
ATOM 846 C "C1'" . DT D 4 15 ? 12.110  7.216   16.126  1.00 139.57 ? 16 DT D "C1'" 1 
ATOM 847 N N1    . DT D 4 15 ? 12.527  5.790   16.278  1.00 135.24 ? 16 DT D N1    1 
ATOM 848 C C2    . DT D 4 15 ? 11.574  4.834   16.549  1.00 131.49 ? 16 DT D C2    1 
ATOM 849 O O2    . DT D 4 15 ? 10.391  5.090   16.686  1.00 133.71 ? 16 DT D O2    1 
ATOM 850 N N3    . DT D 4 15 ? 12.059  3.555   16.656  1.00 125.88 ? 16 DT D N3    1 
ATOM 851 C C4    . DT D 4 15 ? 13.373  3.145   16.521  1.00 125.56 ? 16 DT D C4    1 
ATOM 852 O O4    . DT D 4 15 ? 13.712  1.969   16.635  1.00 121.74 ? 16 DT D O4    1 
ATOM 853 C C5    . DT D 4 15 ? 14.318  4.199   16.238  1.00 130.79 ? 16 DT D C5    1 
ATOM 854 C C7    . DT D 4 15 ? 15.772  3.878   16.070  1.00 130.29 ? 16 DT D C7    1 
ATOM 855 C C6    . DT D 4 15 ? 13.856  5.455   16.133  1.00 134.77 ? 16 DT D C6    1 
# 
loop_
_pdbx_poly_seq_scheme.asym_id 
_pdbx_poly_seq_scheme.entity_id 
_pdbx_poly_seq_scheme.seq_id 
_pdbx_poly_seq_scheme.mon_id 
_pdbx_poly_seq_scheme.ndb_seq_num 
_pdbx_poly_seq_scheme.pdb_seq_num 
_pdbx_poly_seq_scheme.auth_seq_num 
_pdbx_poly_seq_scheme.pdb_mon_id 
_pdbx_poly_seq_scheme.auth_mon_id 
_pdbx_poly_seq_scheme.pdb_strand_id 
_pdbx_poly_seq_scheme.pdb_ins_code 
_pdbx_poly_seq_scheme.hetero 
A 1 1  DG 1  1  1  DG DG A . n 
A 1 2  DA 2  2  2  DA DA A . n 
A 1 3  DA 3  3  3  DA DA A . n 
A 1 4  DC 4  4  4  DC DC A . n 
A 1 5  DG 5  5  5  DG DG A . n 
A 1 6  DA 6  6  6  DA DA A . n 
A 1 7  DC 7  7  7  DC DC A . n 
A 1 8  DA 8  8  8  DA DA A . n 
A 1 9  DC 9  9  9  DC DC A . n 
A 1 10 DA 10 10 10 DA DA A . n 
A 1 11 DG 11 11 11 DG DG A . n 
A 1 12 DA 12 12 12 DA DA A . n 
B 2 1  DC 1  12 12 DC DC B . n 
B 2 2  DG 2  13 13 DG DG B . n 
B 2 3  DG 3  14 14 DG DG B . n 
B 2 4  DT 4  15 15 DT DT B . n 
B 2 5  DG 5  16 16 DG DG B . n 
B 2 6  DA 6  17 17 DA DA B . n 
B 2 7  DC 7  18 18 DC DC B . n 
B 2 8  DT 8  19 19 DT DT B . n 
B 2 9  DC 9  20 20 DC DC B . n 
C 3 1  DT 1  0  0  DT DT C . n 
C 3 2  DC 2  1  1  DC DC C . n 
C 3 3  DT 3  2  2  DT DT C . n 
C 3 4  DC 4  3  3  DC DC C . n 
C 3 5  DC 5  4  4  DC DC C . n 
C 3 6  DG 6  5  5  DG DG C . n 
D 4 1  DT 1  2  2  DT DT D . n 
D 4 2  DC 2  3  3  DC DC D . n 
D 4 3  DG 3  4  4  DG DG D . n 
D 4 4  DA 4  5  5  DA DA D . n 
D 4 5  DG 5  6  6  DG DG D . n 
D 4 6  DT 6  7  7  DT DT D . n 
D 4 7  DC 7  8  8  DC DC D . n 
D 4 8  DA 8  9  9  DA DA D . n 
D 4 9  DG 9  10 10 DG DG D . n 
D 4 10 DT 10 11 11 DT DT D . n 
D 4 11 DG 11 12 12 DG DG D . n 
D 4 12 DT 12 13 13 DT DT D . n 
D 4 13 DC 13 14 14 DC DC D . n 
D 4 14 DG 14 15 15 DG DG D . n 
D 4 15 DT 15 16 16 DT DT D . n 
# 
_pdbx_struct_assembly.id                   1 
_pdbx_struct_assembly.details              author_and_software_defined_assembly 
_pdbx_struct_assembly.method_details       PISA 
_pdbx_struct_assembly.oligomeric_details   tetrameric 
_pdbx_struct_assembly.oligomeric_count     4 
# 
_pdbx_struct_assembly_gen.assembly_id       1 
_pdbx_struct_assembly_gen.oper_expression   1 
_pdbx_struct_assembly_gen.asym_id_list      A,B,C,D 
# 
loop_
_pdbx_struct_assembly_prop.biol_id 
_pdbx_struct_assembly_prop.type 
_pdbx_struct_assembly_prop.value 
_pdbx_struct_assembly_prop.details 
1 'ABSA (A^2)' 2340 ? 
1 MORE         -6   ? 
1 'SSA (A^2)'  7950 ? 
# 
_pdbx_struct_oper_list.id                   1 
_pdbx_struct_oper_list.type                 'identity operation' 
_pdbx_struct_oper_list.name                 1_555 
_pdbx_struct_oper_list.symmetry_operation   x,y,z 
_pdbx_struct_oper_list.matrix[1][1]         1.0000000000 
_pdbx_struct_oper_list.matrix[1][2]         0.0000000000 
_pdbx_struct_oper_list.matrix[1][3]         0.0000000000 
_pdbx_struct_oper_list.vector[1]            0.0000000000 
_pdbx_struct_oper_list.matrix[2][1]         0.0000000000 
_pdbx_struct_oper_list.matrix[2][2]         1.0000000000 
_pdbx_struct_oper_list.matrix[2][3]         0.0000000000 
_pdbx_struct_oper_list.vector[2]            0.0000000000 
_pdbx_struct_oper_list.matrix[3][1]         0.0000000000 
_pdbx_struct_oper_list.matrix[3][2]         0.0000000000 
_pdbx_struct_oper_list.matrix[3][3]         1.0000000000 
_pdbx_struct_oper_list.vector[3]            0.0000000000 
# 
loop_
_pdbx_audit_revision_history.ordinal 
_pdbx_audit_revision_history.data_content_type 
_pdbx_audit_revision_history.major_revision 
_pdbx_audit_revision_history.minor_revision 
_pdbx_audit_revision_history.revision_date 
1 'Structure model' 1 0 2021-07-14 
2 'Structure model' 1 1 2022-07-06 
3 'Structure model' 1 2 2023-10-18 
# 
_pdbx_audit_revision_details.ordinal             1 
_pdbx_audit_revision_details.revision_ordinal    1 
_pdbx_audit_revision_details.data_content_type   'Structure model' 
_pdbx_audit_revision_details.provider            repository 
_pdbx_audit_revision_details.type                'Initial release' 
_pdbx_audit_revision_details.description         ? 
_pdbx_audit_revision_details.details             ? 
# 
loop_
_pdbx_audit_revision_group.ordinal 
_pdbx_audit_revision_group.revision_ordinal 
_pdbx_audit_revision_group.data_content_type 
_pdbx_audit_revision_group.group 
1 2 'Structure model' 'Database references'    
2 3 'Structure model' 'Data collection'        
3 3 'Structure model' 'Refinement description' 
# 
loop_
_pdbx_audit_revision_category.ordinal 
_pdbx_audit_revision_category.revision_ordinal 
_pdbx_audit_revision_category.data_content_type 
_pdbx_audit_revision_category.category 
1 2 'Structure model' citation                      
2 2 'Structure model' citation_author               
3 2 'Structure model' database_2                    
4 3 'Structure model' chem_comp_atom                
5 3 'Structure model' chem_comp_bond                
6 3 'Structure model' pdbx_initial_refinement_model 
# 
loop_
_pdbx_audit_revision_item.ordinal 
_pdbx_audit_revision_item.revision_ordinal 
_pdbx_audit_revision_item.data_content_type 
_pdbx_audit_revision_item.item 
1  2 'Structure model' '_citation.country'                   
2  2 'Structure model' '_citation.journal_abbrev'            
3  2 'Structure model' '_citation.journal_id_CSD'            
4  2 'Structure model' '_citation.journal_id_ISSN'           
5  2 'Structure model' '_citation.journal_volume'            
6  2 'Structure model' '_citation.page_first'                
7  2 'Structure model' '_citation.page_last'                 
8  2 'Structure model' '_citation.pdbx_database_id_DOI'      
9  2 'Structure model' '_citation.pdbx_database_id_PubMed'   
10 2 'Structure model' '_citation.title'                     
11 2 'Structure model' '_citation.year'                      
12 2 'Structure model' '_database_2.pdbx_DOI'                
13 2 'Structure model' '_database_2.pdbx_database_accession' 
# 
loop_
_software.citation_id 
_software.classification 
_software.compiler_name 
_software.compiler_version 
_software.contact_author 
_software.contact_author_email 
_software.date 
_software.description 
_software.dependencies 
_software.hardware 
_software.language 
_software.location 
_software.mods 
_software.name 
_software.os 
_software.os_version 
_software.type 
_software.version 
_software.pdbx_ordinal 
? 'data reduction'  ? ? ? ? ? ? ? ? ? ? ? HKL-2000    ? ? ? .           1 
? 'data scaling'    ? ? ? ? ? ? ? ? ? ? ? HKL-2000    ? ? ? .           2 
? refinement        ? ? ? ? ? ? ? ? ? ? ? PHENIX      ? ? ? 1.11.1_2575 3 
? 'data extraction' ? ? ? ? ? ? ? ? ? ? ? PDB_EXTRACT ? ? ? 3.25        4 
? phasing           ? ? ? ? ? ? ? ? ? ? ? PHASER      ? ? ? .           5 
# 
loop_
_chem_comp_atom.comp_id 
_chem_comp_atom.atom_id 
_chem_comp_atom.type_symbol 
_chem_comp_atom.pdbx_aromatic_flag 
_chem_comp_atom.pdbx_stereo_config 
_chem_comp_atom.pdbx_ordinal 
DA OP3    O N N 1   
DA P      P N N 2   
DA OP1    O N N 3   
DA OP2    O N N 4   
DA "O5'"  O N N 5   
DA "C5'"  C N N 6   
DA "C4'"  C N R 7   
DA "O4'"  O N N 8   
DA "C3'"  C N S 9   
DA "O3'"  O N N 10  
DA "C2'"  C N N 11  
DA "C1'"  C N R 12  
DA N9     N Y N 13  
DA C8     C Y N 14  
DA N7     N Y N 15  
DA C5     C Y N 16  
DA C6     C Y N 17  
DA N6     N N N 18  
DA N1     N Y N 19  
DA C2     C Y N 20  
DA N3     N Y N 21  
DA C4     C Y N 22  
DA HOP3   H N N 23  
DA HOP2   H N N 24  
DA "H5'"  H N N 25  
DA "H5''" H N N 26  
DA "H4'"  H N N 27  
DA "H3'"  H N N 28  
DA "HO3'" H N N 29  
DA "H2'"  H N N 30  
DA "H2''" H N N 31  
DA "H1'"  H N N 32  
DA H8     H N N 33  
DA H61    H N N 34  
DA H62    H N N 35  
DA H2     H N N 36  
DC OP3    O N N 37  
DC P      P N N 38  
DC OP1    O N N 39  
DC OP2    O N N 40  
DC "O5'"  O N N 41  
DC "C5'"  C N N 42  
DC "C4'"  C N R 43  
DC "O4'"  O N N 44  
DC "C3'"  C N S 45  
DC "O3'"  O N N 46  
DC "C2'"  C N N 47  
DC "C1'"  C N R 48  
DC N1     N N N 49  
DC C2     C N N 50  
DC O2     O N N 51  
DC N3     N N N 52  
DC C4     C N N 53  
DC N4     N N N 54  
DC C5     C N N 55  
DC C6     C N N 56  
DC HOP3   H N N 57  
DC HOP2   H N N 58  
DC "H5'"  H N N 59  
DC "H5''" H N N 60  
DC "H4'"  H N N 61  
DC "H3'"  H N N 62  
DC "HO3'" H N N 63  
DC "H2'"  H N N 64  
DC "H2''" H N N 65  
DC "H1'"  H N N 66  
DC H41    H N N 67  
DC H42    H N N 68  
DC H5     H N N 69  
DC H6     H N N 70  
DG OP3    O N N 71  
DG P      P N N 72  
DG OP1    O N N 73  
DG OP2    O N N 74  
DG "O5'"  O N N 75  
DG "C5'"  C N N 76  
DG "C4'"  C N R 77  
DG "O4'"  O N N 78  
DG "C3'"  C N S 79  
DG "O3'"  O N N 80  
DG "C2'"  C N N 81  
DG "C1'"  C N R 82  
DG N9     N Y N 83  
DG C8     C Y N 84  
DG N7     N Y N 85  
DG C5     C Y N 86  
DG C6     C N N 87  
DG O6     O N N 88  
DG N1     N N N 89  
DG C2     C N N 90  
DG N2     N N N 91  
DG N3     N N N 92  
DG C4     C Y N 93  
DG HOP3   H N N 94  
DG HOP2   H N N 95  
DG "H5'"  H N N 96  
DG "H5''" H N N 97  
DG "H4'"  H N N 98  
DG "H3'"  H N N 99  
DG "HO3'" H N N 100 
DG "H2'"  H N N 101 
DG "H2''" H N N 102 
DG "H1'"  H N N 103 
DG H8     H N N 104 
DG H1     H N N 105 
DG H21    H N N 106 
DG H22    H N N 107 
DT OP3    O N N 108 
DT P      P N N 109 
DT OP1    O N N 110 
DT OP2    O N N 111 
DT "O5'"  O N N 112 
DT "C5'"  C N N 113 
DT "C4'"  C N R 114 
DT "O4'"  O N N 115 
DT "C3'"  C N S 116 
DT "O3'"  O N N 117 
DT "C2'"  C N N 118 
DT "C1'"  C N R 119 
DT N1     N N N 120 
DT C2     C N N 121 
DT O2     O N N 122 
DT N3     N N N 123 
DT C4     C N N 124 
DT O4     O N N 125 
DT C5     C N N 126 
DT C7     C N N 127 
DT C6     C N N 128 
DT HOP3   H N N 129 
DT HOP2   H N N 130 
DT "H5'"  H N N 131 
DT "H5''" H N N 132 
DT "H4'"  H N N 133 
DT "H3'"  H N N 134 
DT "HO3'" H N N 135 
DT "H2'"  H N N 136 
DT "H2''" H N N 137 
DT "H1'"  H N N 138 
DT H3     H N N 139 
DT H71    H N N 140 
DT H72    H N N 141 
DT H73    H N N 142 
DT H6     H N N 143 
# 
loop_
_chem_comp_bond.comp_id 
_chem_comp_bond.atom_id_1 
_chem_comp_bond.atom_id_2 
_chem_comp_bond.value_order 
_chem_comp_bond.pdbx_aromatic_flag 
_chem_comp_bond.pdbx_stereo_config 
_chem_comp_bond.pdbx_ordinal 
DA OP3   P      sing N N 1   
DA OP3   HOP3   sing N N 2   
DA P     OP1    doub N N 3   
DA P     OP2    sing N N 4   
DA P     "O5'"  sing N N 5   
DA OP2   HOP2   sing N N 6   
DA "O5'" "C5'"  sing N N 7   
DA "C5'" "C4'"  sing N N 8   
DA "C5'" "H5'"  sing N N 9   
DA "C5'" "H5''" sing N N 10  
DA "C4'" "O4'"  sing N N 11  
DA "C4'" "C3'"  sing N N 12  
DA "C4'" "H4'"  sing N N 13  
DA "O4'" "C1'"  sing N N 14  
DA "C3'" "O3'"  sing N N 15  
DA "C3'" "C2'"  sing N N 16  
DA "C3'" "H3'"  sing N N 17  
DA "O3'" "HO3'" sing N N 18  
DA "C2'" "C1'"  sing N N 19  
DA "C2'" "H2'"  sing N N 20  
DA "C2'" "H2''" sing N N 21  
DA "C1'" N9     sing N N 22  
DA "C1'" "H1'"  sing N N 23  
DA N9    C8     sing Y N 24  
DA N9    C4     sing Y N 25  
DA C8    N7     doub Y N 26  
DA C8    H8     sing N N 27  
DA N7    C5     sing Y N 28  
DA C5    C6     sing Y N 29  
DA C5    C4     doub Y N 30  
DA C6    N6     sing N N 31  
DA C6    N1     doub Y N 32  
DA N6    H61    sing N N 33  
DA N6    H62    sing N N 34  
DA N1    C2     sing Y N 35  
DA C2    N3     doub Y N 36  
DA C2    H2     sing N N 37  
DA N3    C4     sing Y N 38  
DC OP3   P      sing N N 39  
DC OP3   HOP3   sing N N 40  
DC P     OP1    doub N N 41  
DC P     OP2    sing N N 42  
DC P     "O5'"  sing N N 43  
DC OP2   HOP2   sing N N 44  
DC "O5'" "C5'"  sing N N 45  
DC "C5'" "C4'"  sing N N 46  
DC "C5'" "H5'"  sing N N 47  
DC "C5'" "H5''" sing N N 48  
DC "C4'" "O4'"  sing N N 49  
DC "C4'" "C3'"  sing N N 50  
DC "C4'" "H4'"  sing N N 51  
DC "O4'" "C1'"  sing N N 52  
DC "C3'" "O3'"  sing N N 53  
DC "C3'" "C2'"  sing N N 54  
DC "C3'" "H3'"  sing N N 55  
DC "O3'" "HO3'" sing N N 56  
DC "C2'" "C1'"  sing N N 57  
DC "C2'" "H2'"  sing N N 58  
DC "C2'" "H2''" sing N N 59  
DC "C1'" N1     sing N N 60  
DC "C1'" "H1'"  sing N N 61  
DC N1    C2     sing N N 62  
DC N1    C6     sing N N 63  
DC C2    O2     doub N N 64  
DC C2    N3     sing N N 65  
DC N3    C4     doub N N 66  
DC C4    N4     sing N N 67  
DC C4    C5     sing N N 68  
DC N4    H41    sing N N 69  
DC N4    H42    sing N N 70  
DC C5    C6     doub N N 71  
DC C5    H5     sing N N 72  
DC C6    H6     sing N N 73  
DG OP3   P      sing N N 74  
DG OP3   HOP3   sing N N 75  
DG P     OP1    doub N N 76  
DG P     OP2    sing N N 77  
DG P     "O5'"  sing N N 78  
DG OP2   HOP2   sing N N 79  
DG "O5'" "C5'"  sing N N 80  
DG "C5'" "C4'"  sing N N 81  
DG "C5'" "H5'"  sing N N 82  
DG "C5'" "H5''" sing N N 83  
DG "C4'" "O4'"  sing N N 84  
DG "C4'" "C3'"  sing N N 85  
DG "C4'" "H4'"  sing N N 86  
DG "O4'" "C1'"  sing N N 87  
DG "C3'" "O3'"  sing N N 88  
DG "C3'" "C2'"  sing N N 89  
DG "C3'" "H3'"  sing N N 90  
DG "O3'" "HO3'" sing N N 91  
DG "C2'" "C1'"  sing N N 92  
DG "C2'" "H2'"  sing N N 93  
DG "C2'" "H2''" sing N N 94  
DG "C1'" N9     sing N N 95  
DG "C1'" "H1'"  sing N N 96  
DG N9    C8     sing Y N 97  
DG N9    C4     sing Y N 98  
DG C8    N7     doub Y N 99  
DG C8    H8     sing N N 100 
DG N7    C5     sing Y N 101 
DG C5    C6     sing N N 102 
DG C5    C4     doub Y N 103 
DG C6    O6     doub N N 104 
DG C6    N1     sing N N 105 
DG N1    C2     sing N N 106 
DG N1    H1     sing N N 107 
DG C2    N2     sing N N 108 
DG C2    N3     doub N N 109 
DG N2    H21    sing N N 110 
DG N2    H22    sing N N 111 
DG N3    C4     sing N N 112 
DT OP3   P      sing N N 113 
DT OP3   HOP3   sing N N 114 
DT P     OP1    doub N N 115 
DT P     OP2    sing N N 116 
DT P     "O5'"  sing N N 117 
DT OP2   HOP2   sing N N 118 
DT "O5'" "C5'"  sing N N 119 
DT "C5'" "C4'"  sing N N 120 
DT "C5'" "H5'"  sing N N 121 
DT "C5'" "H5''" sing N N 122 
DT "C4'" "O4'"  sing N N 123 
DT "C4'" "C3'"  sing N N 124 
DT "C4'" "H4'"  sing N N 125 
DT "O4'" "C1'"  sing N N 126 
DT "C3'" "O3'"  sing N N 127 
DT "C3'" "C2'"  sing N N 128 
DT "C3'" "H3'"  sing N N 129 
DT "O3'" "HO3'" sing N N 130 
DT "C2'" "C1'"  sing N N 131 
DT "C2'" "H2'"  sing N N 132 
DT "C2'" "H2''" sing N N 133 
DT "C1'" N1     sing N N 134 
DT "C1'" "H1'"  sing N N 135 
DT N1    C2     sing N N 136 
DT N1    C6     sing N N 137 
DT C2    O2     doub N N 138 
DT C2    N3     sing N N 139 
DT N3    C4     sing N N 140 
DT N3    H3     sing N N 141 
DT C4    O4     doub N N 142 
DT C4    C5     sing N N 143 
DT C5    C7     sing N N 144 
DT C5    C6     doub N N 145 
DT C7    H71    sing N N 146 
DT C7    H72    sing N N 147 
DT C7    H73    sing N N 148 
DT C6    H6     sing N N 149 
# 
loop_
_ndb_struct_conf_na.entry_id 
_ndb_struct_conf_na.feature 
7JJW 'double helix'        
7JJW 'a-form double helix' 
7JJW 'b-form double helix' 
# 
loop_
_ndb_struct_na_base_pair.model_number 
_ndb_struct_na_base_pair.i_label_asym_id 
_ndb_struct_na_base_pair.i_label_comp_id 
_ndb_struct_na_base_pair.i_label_seq_id 
_ndb_struct_na_base_pair.i_symmetry 
_ndb_struct_na_base_pair.j_label_asym_id 
_ndb_struct_na_base_pair.j_label_comp_id 
_ndb_struct_na_base_pair.j_label_seq_id 
_ndb_struct_na_base_pair.j_symmetry 
_ndb_struct_na_base_pair.shear 
_ndb_struct_na_base_pair.stretch 
_ndb_struct_na_base_pair.stagger 
_ndb_struct_na_base_pair.buckle 
_ndb_struct_na_base_pair.propeller 
_ndb_struct_na_base_pair.opening 
_ndb_struct_na_base_pair.pair_number 
_ndb_struct_na_base_pair.pair_name 
_ndb_struct_na_base_pair.i_auth_asym_id 
_ndb_struct_na_base_pair.i_auth_seq_id 
_ndb_struct_na_base_pair.i_PDB_ins_code 
_ndb_struct_na_base_pair.j_auth_asym_id 
_ndb_struct_na_base_pair.j_auth_seq_id 
_ndb_struct_na_base_pair.j_PDB_ins_code 
_ndb_struct_na_base_pair.hbond_type_28 
_ndb_struct_na_base_pair.hbond_type_12 
1 A DA 3  1_555 D DT 15 1_555 1.614  0.105  0.863 10.214 -9.066  -3.495  1  A_DA3:DT16_D A 3  ? D 16 ? 20 1 
1 A DC 4  1_555 D DG 14 1_555 -0.274 -0.230 0.296 6.191  -10.078 -1.032  2  A_DC4:DG15_D A 4  ? D 15 ? 19 1 
1 A DG 5  1_555 D DC 13 1_555 0.583  -0.258 0.294 6.638  -13.073 -8.938  3  A_DG5:DC14_D A 5  ? D 14 ? 19 1 
1 A DA 6  1_555 D DT 12 1_555 -0.341 -0.005 0.345 1.651  -12.473 -0.962  4  A_DA6:DT13_D A 6  ? D 13 ? 20 1 
1 A DC 7  1_555 D DG 11 1_555 0.197  -0.314 0.476 2.221  -10.857 -4.082  5  A_DC7:DG12_D A 7  ? D 12 ? 19 1 
1 A DA 8  1_555 D DT 10 1_555 0.107  0.035  0.566 1.486  -7.353  -12.254 6  A_DA8:DT11_D A 8  ? D 11 ? 20 1 
1 A DC 9  1_555 D DG 9  1_555 -0.109 0.094  0.505 4.361  -13.307 -1.220  7  A_DC9:DG10_D A 9  ? D 10 ? 19 1 
1 A DA 10 1_555 C DT 3  1_555 0.381  -0.130 0.469 1.750  -2.693  7.603   8  A_DA10:DT2_C A 10 ? C 2  ? 20 1 
1 A DG 11 1_555 C DC 2  1_555 0.141  -0.243 0.494 5.662  -6.600  2.831   9  A_DG11:DC1_C A 11 ? C 1  ? 19 1 
1 A DA 12 1_555 C DT 1  1_555 1.256  -0.182 0.271 4.625  -8.247  -1.248  10 A_DA12:DT0_C A 12 ? C 0  ? 20 1 
1 B DC 1  1_555 C DG 6  1_555 -0.332 -0.293 0.151 -1.127 -2.811  -0.374  11 B_DC12:DG5_C B 12 ? C 5  ? 19 1 
1 B DG 2  1_555 C DC 5  1_555 -0.281 -0.429 0.304 3.576  -7.241  -5.266  12 B_DG13:DC4_C B 13 ? C 4  ? 19 1 
1 B DG 3  1_555 C DC 4  1_555 -0.545 -0.305 0.690 -0.787 -6.980  -2.598  13 B_DG14:DC3_C B 14 ? C 3  ? 19 1 
1 B DT 4  1_555 D DA 8  1_555 -1.031 -0.306 0.854 -2.852 -0.227  -8.200  14 B_DT15:DA9_D B 15 ? D 9  ? 20 1 
1 B DG 5  1_555 D DC 7  1_555 0.229  0.018  0.818 6.125  -0.196  -0.398  15 B_DG16:DC8_D B 16 ? D 8  ? 19 1 
1 B DA 6  1_555 D DT 6  1_555 1.123  0.059  0.700 8.592  -4.061  -5.221  16 B_DA17:DT7_D B 17 ? D 7  ? 20 1 
1 B DC 7  1_555 D DG 5  1_555 0.528  -0.325 0.436 9.110  -11.428 -4.051  17 B_DC18:DG6_D B 18 ? D 6  ? 19 1 
1 B DT 8  1_555 D DA 4  1_555 0.039  -0.307 0.321 4.088  -12.131 2.490   18 B_DT19:DA5_D B 19 ? D 5  ? 20 1 
1 B DC 9  1_555 D DG 3  1_555 -0.020 0.001  0.195 1.412  -12.323 1.360   19 B_DC20:DG4_D B 20 ? D 4  ? 19 1 
# 
loop_
_ndb_struct_na_base_pair_step.model_number 
_ndb_struct_na_base_pair_step.i_label_asym_id_1 
_ndb_struct_na_base_pair_step.i_label_comp_id_1 
_ndb_struct_na_base_pair_step.i_label_seq_id_1 
_ndb_struct_na_base_pair_step.i_symmetry_1 
_ndb_struct_na_base_pair_step.j_label_asym_id_1 
_ndb_struct_na_base_pair_step.j_label_comp_id_1 
_ndb_struct_na_base_pair_step.j_label_seq_id_1 
_ndb_struct_na_base_pair_step.j_symmetry_1 
_ndb_struct_na_base_pair_step.i_label_asym_id_2 
_ndb_struct_na_base_pair_step.i_label_comp_id_2 
_ndb_struct_na_base_pair_step.i_label_seq_id_2 
_ndb_struct_na_base_pair_step.i_symmetry_2 
_ndb_struct_na_base_pair_step.j_label_asym_id_2 
_ndb_struct_na_base_pair_step.j_label_comp_id_2 
_ndb_struct_na_base_pair_step.j_label_seq_id_2 
_ndb_struct_na_base_pair_step.j_symmetry_2 
_ndb_struct_na_base_pair_step.shift 
_ndb_struct_na_base_pair_step.slide 
_ndb_struct_na_base_pair_step.rise 
_ndb_struct_na_base_pair_step.tilt 
_ndb_struct_na_base_pair_step.roll 
_ndb_struct_na_base_pair_step.twist 
_ndb_struct_na_base_pair_step.x_displacement 
_ndb_struct_na_base_pair_step.y_displacement 
_ndb_struct_na_base_pair_step.helical_rise 
_ndb_struct_na_base_pair_step.inclination 
_ndb_struct_na_base_pair_step.tip 
_ndb_struct_na_base_pair_step.helical_twist 
_ndb_struct_na_base_pair_step.step_number 
_ndb_struct_na_base_pair_step.step_name 
_ndb_struct_na_base_pair_step.i_auth_asym_id_1 
_ndb_struct_na_base_pair_step.i_auth_seq_id_1 
_ndb_struct_na_base_pair_step.i_PDB_ins_code_1 
_ndb_struct_na_base_pair_step.j_auth_asym_id_1 
_ndb_struct_na_base_pair_step.j_auth_seq_id_1 
_ndb_struct_na_base_pair_step.j_PDB_ins_code_1 
_ndb_struct_na_base_pair_step.i_auth_asym_id_2 
_ndb_struct_na_base_pair_step.i_auth_seq_id_2 
_ndb_struct_na_base_pair_step.i_PDB_ins_code_2 
_ndb_struct_na_base_pair_step.j_auth_asym_id_2 
_ndb_struct_na_base_pair_step.j_auth_seq_id_2 
_ndb_struct_na_base_pair_step.j_PDB_ins_code_2 
1 A DA 3  1_555 D DT 15 1_555 A DC 4  1_555 D DG 14 1_555 0.203  -1.037 3.400 1.635  0.080  24.320 -2.483 0.051  3.403 0.191   
-3.874 24.374 1  AA_DA3DC4:DG15DT16_DD A 3  ? D 16 ? A 4  ? D 15 ? 
1 A DC 4  1_555 D DG 14 1_555 A DG 5  1_555 D DC 13 1_555 -0.224 0.129  3.588 -0.564 1.932  41.324 -0.045 0.250  3.593 2.735   
0.799  41.371 2  AA_DC4DG5:DC14DG15_DD A 4  ? D 15 ? A 5  ? D 14 ? 
1 A DG 5  1_555 D DC 13 1_555 A DA 6  1_555 D DT 12 1_555 -0.354 0.172  3.376 -0.909 0.348  30.244 0.256  0.489  3.387 0.667   
1.742  30.259 3  AA_DG5DA6:DT13DC14_DD A 5  ? D 14 ? A 6  ? D 13 ? 
1 A DA 6  1_555 D DT 12 1_555 A DC 7  1_555 D DG 11 1_555 0.237  -1.025 3.361 -1.578 -0.557 34.957 -1.618 -0.639 3.363 -0.927  
2.625  34.996 4  AA_DA6DC7:DG12DT13_DD A 6  ? D 13 ? A 7  ? D 12 ? 
1 A DC 7  1_555 D DG 11 1_555 A DA 8  1_555 D DT 10 1_555 -0.412 -0.847 3.221 -1.813 -8.543 37.143 -0.197 0.397  3.343 -13.189 
2.799  38.120 5  AA_DC7DA8:DT11DG12_DD A 7  ? D 12 ? A 8  ? D 11 ? 
1 A DA 8  1_555 D DT 10 1_555 A DC 9  1_555 D DG 9  1_555 0.748  -0.934 3.181 -0.670 -0.554 35.452 -1.454 -1.324 3.180 -0.910  
1.100  35.462 6  AA_DA8DC9:DG10DT11_DD A 8  ? D 11 ? A 9  ? D 10 ? 
1 A DC 9  1_555 D DG 9  1_555 A DA 10 1_555 C DT 3  1_555 -1.187 -1.371 3.035 -7.035 6.703  31.554 -3.470 0.985  2.882 11.976  
12.569 32.980 7  AA_DC9DA10:DT2DG10_CD A 9  ? D 10 ? A 10 ? C 2  ? 
1 A DA 10 1_555 C DT 3  1_555 A DG 11 1_555 C DC 2  1_555 -0.557 0.051  3.384 -1.718 3.596  30.085 -0.655 0.705  3.393 6.889   
3.292  30.342 8  AA_DA10DG11:DC1DT2_CC A 10 ? C 2  ? A 11 ? C 1  ? 
1 A DG 11 1_555 C DC 2  1_555 A DA 12 1_555 C DT 1  1_555 -0.610 0.129  3.511 0.666  2.215  42.585 -0.062 0.911  3.503 3.047   
-0.916 42.645 9  AA_DG11DA12:DT0DC1_CC A 11 ? C 1  ? A 12 ? C 0  ? 
1 B DC 1  1_555 C DG 6  1_555 B DG 2  1_555 C DC 5  1_555 0.046  -0.115 3.317 -2.829 1.837  33.817 -0.494 -0.537 3.291 3.147   
4.848  33.980 10 BB_DC12DG13:DC4DG5_CC B 12 ? C 5  ? B 13 ? C 4  ? 
1 B DG 2  1_555 C DC 5  1_555 B DG 3  1_555 C DC 4  1_555 0.393  -1.134 3.170 -5.101 2.683  38.662 -2.002 -1.171 3.014 4.026   
7.652  39.073 11 BB_DG13DG14:DC3DC4_CC B 13 ? C 4  ? B 14 ? C 3  ? 
1 B DG 3  1_555 C DC 4  1_555 B DT 4  1_555 D DA 8  1_555 -1.356 -1.475 3.317 -2.023 -1.732 24.961 -2.860 2.496  3.506 -3.992  
4.664  25.101 12 BB_DG14DT15:DA9DC3_DC B 14 ? C 3  ? B 15 ? D 9  ? 
1 B DT 4  1_555 D DA 8  1_555 B DG 5  1_555 D DC 7  1_555 0.048  0.392  3.277 -2.095 4.214  41.277 0.101  -0.292 3.294 5.954   
2.960  41.533 13 BB_DT15DG16:DC8DA9_DD B 15 ? D 9  ? B 16 ? D 8  ? 
1 B DG 5  1_555 D DC 7  1_555 B DA 6  1_555 D DT 6  1_555 -0.572 -0.479 3.204 -0.161 3.243  38.633 -1.108 0.842  3.157 4.892   
0.243  38.764 14 BB_DG16DA17:DT7DC8_DD B 16 ? D 8  ? B 17 ? D 7  ? 
1 B DA 6  1_555 D DT 6  1_555 B DC 7  1_555 D DG 5  1_555 0.549  -1.166 3.222 0.679  3.818  31.833 -2.774 -0.877 3.076 6.928   
-1.232 32.063 15 BB_DA17DC18:DG6DT7_DD B 17 ? D 7  ? B 18 ? D 6  ? 
1 B DC 7  1_555 D DG 5  1_555 B DT 8  1_555 D DA 4  1_555 0.028  -0.405 3.355 4.692  2.210  32.285 -1.111 0.780  3.292 3.942   
-8.370 32.688 16 BB_DC18DT19:DA5DG6_DD B 18 ? D 6  ? B 19 ? D 5  ? 
1 B DT 8  1_555 D DA 4  1_555 B DC 9  1_555 D DG 3  1_555 -0.300 -0.343 3.502 3.261  1.381  31.166 -0.910 1.207  3.436 2.560   
-6.044 31.362 17 BB_DT19DC20:DG4DA5_DD B 19 ? D 5  ? B 20 ? D 4  ? 
# 
loop_
_pdbx_audit_support.funding_organization 
_pdbx_audit_support.country 
_pdbx_audit_support.grant_number 
_pdbx_audit_support.ordinal 
'National Science Foundation (NSF, United States)'                                         'United States' 1360635     1 
'National Institutes of Health/National Institute of General Medical Sciences (NIH/NIGMS)' 'United States' R01GM104960 2 
'National Science Foundation (NSF, United States)'                                         'United States' NSF2004250  3 
# 
_pdbx_initial_refinement_model.id               1 
_pdbx_initial_refinement_model.entity_id_list   ? 
_pdbx_initial_refinement_model.type             'experimental model' 
_pdbx_initial_refinement_model.source_name      PDB 
_pdbx_initial_refinement_model.accession_code   6XNA 
_pdbx_initial_refinement_model.details          ? 
# 
_pdbx_struct_assembly_auth_evidence.id                     1 
_pdbx_struct_assembly_auth_evidence.assembly_id            1 
_pdbx_struct_assembly_auth_evidence.experimental_support   none 
_pdbx_struct_assembly_auth_evidence.details                ? 
# 
